data_3LGE
#
_entry.id   3LGE
#
_cell.length_a   87.028
_cell.length_b   118.175
_cell.length_c   175.896
_cell.angle_alpha   90.00
_cell.angle_beta   90.00
_cell.angle_gamma   90.00
#
_symmetry.space_group_name_H-M   'P 21 21 21'
#
loop_
_entity.id
_entity.type
_entity.pdbx_description
1 polymer 'Fructose-bisphosphate aldolase A'
2 polymer 'Sorting nexin-9'
3 water water
#
loop_
_entity_poly.entity_id
_entity_poly.type
_entity_poly.pdbx_seq_one_letter_code
_entity_poly.pdbx_strand_id
1 'polypeptide(L)'
;PHSHPALTPEQKKELSDIAHRIVAPGKGILAADESTGSIAKRLQSIGTENTEENRRFYRQLLLTADDRVNPCIGGVILFH
ETLYQKADDGRPFPQVIKSKGGVVGIKVDKGVVPLAGTNGETTTQGLDGLSERCAQYKKDGADFAKWRCVLKIGEHTPSA
LAIMENANVLARYASICQQNGIVPIVEPEILPDGDHDLKRCQYVTEKVLAAVYKALSDHHIYLEGTLLKPNMVTPGHACT
QKYSHEEIAMATVTALRRTVPPAVTGVTFLSGGQSEEEASINLNAINKCPLLKPWALTFSYGRALQASALKAWGGKKENL
KAAQEEYVKRALANSLACQGKYTPSGQAGAAASESLFISNHAY
;
A,B,C,D
2 'polypeptide(L)' QAYQGPATGDDDDWDEDWDGPKSSSYFKDSE E,F,G,H
#
# COMPACT_ATOMS: atom_id res chain seq x y z
N PRO A 1 3.78 10.11 -12.19
CA PRO A 1 3.02 10.28 -13.44
C PRO A 1 3.96 10.52 -14.63
N HIS A 2 5.25 10.13 -14.47
CA HIS A 2 6.31 10.45 -15.43
C HIS A 2 7.08 9.24 -15.93
N SER A 3 7.06 9.06 -17.26
CA SER A 3 7.78 7.97 -17.93
C SER A 3 9.28 8.26 -18.02
N HIS A 4 10.08 7.33 -17.52
CA HIS A 4 11.54 7.32 -17.76
C HIS A 4 11.83 5.95 -18.36
N PRO A 5 11.53 5.73 -19.67
CA PRO A 5 11.36 4.35 -20.17
C PRO A 5 12.49 3.39 -19.79
N ALA A 6 12.12 2.25 -19.18
CA ALA A 6 13.09 1.22 -18.84
C ALA A 6 13.72 0.62 -20.09
N LEU A 7 12.93 0.50 -21.19
CA LEU A 7 13.34 -0.21 -22.41
C LEU A 7 13.13 0.61 -23.67
N THR A 8 14.06 0.46 -24.64
CA THR A 8 13.90 1.01 -25.99
C THR A 8 12.94 0.11 -26.81
N PRO A 9 12.37 0.59 -27.96
CA PRO A 9 11.64 -0.33 -28.86
C PRO A 9 12.43 -1.59 -29.26
N GLU A 10 13.77 -1.45 -29.43
CA GLU A 10 14.68 -2.54 -29.81
C GLU A 10 14.77 -3.60 -28.72
N GLN A 11 14.96 -3.16 -27.46
CA GLN A 11 14.96 -4.06 -26.30
C GLN A 11 13.62 -4.77 -26.12
N LYS A 12 12.51 -4.06 -26.38
CA LYS A 12 11.17 -4.62 -26.27
C LYS A 12 10.97 -5.71 -27.32
N LYS A 13 11.30 -5.41 -28.61
CA LYS A 13 11.25 -6.40 -29.69
C LYS A 13 12.06 -7.68 -29.34
N GLU A 14 13.29 -7.49 -28.85
CA GLU A 14 14.19 -8.60 -28.53
C GLU A 14 13.55 -9.52 -27.45
N LEU A 15 13.02 -8.92 -26.36
CA LEU A 15 12.37 -9.66 -25.27
C LEU A 15 11.08 -10.33 -25.72
N SER A 16 10.22 -9.58 -26.44
CA SER A 16 8.95 -10.10 -26.94
C SER A 16 9.18 -11.30 -27.90
N ASP A 17 10.12 -11.15 -28.85
CA ASP A 17 10.42 -12.24 -29.78
C ASP A 17 10.89 -13.51 -29.08
N ILE A 18 11.74 -13.41 -28.02
CA ILE A 18 12.22 -14.57 -27.25
C ILE A 18 11.03 -15.23 -26.54
N ALA A 19 10.19 -14.41 -25.84
CA ALA A 19 9.04 -14.91 -25.07
C ALA A 19 8.09 -15.70 -26.00
N HIS A 20 7.82 -15.17 -27.21
CA HIS A 20 6.98 -15.83 -28.21
C HIS A 20 7.54 -17.16 -28.73
N ARG A 21 8.87 -17.25 -28.92
CA ARG A 21 9.53 -18.49 -29.38
C ARG A 21 9.35 -19.64 -28.39
N ILE A 22 9.48 -19.35 -27.09
CA ILE A 22 9.41 -20.35 -26.00
C ILE A 22 8.04 -21.01 -25.99
N VAL A 23 6.97 -20.20 -26.19
CA VAL A 23 5.59 -20.64 -26.03
C VAL A 23 4.85 -20.78 -27.36
N ALA A 24 5.59 -20.82 -28.48
CA ALA A 24 5.03 -20.97 -29.83
C ALA A 24 4.05 -22.18 -29.91
N PRO A 25 2.99 -22.17 -30.75
CA PRO A 25 2.02 -23.30 -30.70
C PRO A 25 2.63 -24.71 -30.72
N GLY A 26 2.14 -25.56 -29.81
CA GLY A 26 2.63 -26.93 -29.65
C GLY A 26 3.87 -27.05 -28.79
N LYS A 27 4.42 -25.93 -28.29
CA LYS A 27 5.70 -25.98 -27.55
C LYS A 27 5.53 -25.64 -26.07
N GLY A 28 6.38 -26.25 -25.25
CA GLY A 28 6.51 -25.91 -23.84
C GLY A 28 7.94 -26.04 -23.36
N ILE A 29 8.11 -26.04 -22.03
CA ILE A 29 9.42 -26.00 -21.38
C ILE A 29 9.74 -27.31 -20.66
N LEU A 30 10.94 -27.84 -20.93
CA LEU A 30 11.56 -28.85 -20.07
C LEU A 30 12.29 -28.12 -18.94
N ALA A 31 11.83 -28.33 -17.70
CA ALA A 31 12.49 -27.83 -16.50
C ALA A 31 13.51 -28.90 -16.06
N ALA A 32 14.77 -28.70 -16.46
CA ALA A 32 15.90 -29.60 -16.14
C ALA A 32 16.85 -28.85 -15.20
N ASP A 33 16.28 -28.02 -14.32
CA ASP A 33 17.04 -27.06 -13.52
C ASP A 33 17.14 -27.43 -12.04
N GLU A 34 16.94 -28.70 -11.69
CA GLU A 34 17.12 -29.18 -10.32
C GLU A 34 18.53 -28.83 -9.81
N SER A 35 18.63 -28.32 -8.56
CA SER A 35 19.89 -28.09 -7.84
C SER A 35 20.64 -29.39 -7.66
N THR A 36 21.97 -29.32 -7.42
CA THR A 36 22.81 -30.51 -7.20
C THR A 36 22.26 -31.44 -6.09
N GLY A 37 21.65 -30.86 -5.05
CA GLY A 37 21.00 -31.58 -3.96
C GLY A 37 19.76 -32.34 -4.35
N SER A 38 18.83 -31.68 -5.10
CA SER A 38 17.63 -32.31 -5.66
C SER A 38 18.00 -33.46 -6.60
N ILE A 39 18.89 -33.19 -7.56
CA ILE A 39 19.29 -34.20 -8.54
C ILE A 39 20.03 -35.39 -7.89
N ALA A 40 20.72 -35.16 -6.74
CA ALA A 40 21.33 -36.22 -5.91
C ALA A 40 20.25 -37.19 -5.41
N LYS A 41 19.10 -36.66 -4.93
CA LYS A 41 17.91 -37.44 -4.55
C LYS A 41 17.35 -38.25 -5.74
N ARG A 42 17.29 -37.64 -6.94
CA ARG A 42 16.83 -38.34 -8.15
C ARG A 42 17.69 -39.54 -8.44
N LEU A 43 19.03 -39.35 -8.41
CA LEU A 43 19.99 -40.41 -8.65
C LEU A 43 19.94 -41.49 -7.56
N GLN A 44 19.77 -41.09 -6.27
CA GLN A 44 19.66 -42.06 -5.19
C GLN A 44 18.46 -42.98 -5.38
N SER A 45 17.29 -42.40 -5.77
CA SER A 45 16.03 -43.11 -5.96
C SER A 45 16.12 -44.22 -7.03
N ILE A 46 17.12 -44.13 -7.91
CA ILE A 46 17.39 -45.12 -8.96
C ILE A 46 18.72 -45.88 -8.70
N GLY A 47 19.22 -45.76 -7.47
CA GLY A 47 20.41 -46.48 -7.00
C GLY A 47 21.69 -46.06 -7.69
N THR A 48 21.79 -44.77 -8.06
CA THR A 48 22.91 -44.22 -8.82
C THR A 48 23.68 -43.19 -7.97
N GLU A 49 25.02 -43.31 -8.00
CA GLU A 49 25.97 -42.43 -7.33
C GLU A 49 25.83 -41.00 -7.85
N ASN A 50 25.72 -40.03 -6.91
CA ASN A 50 25.66 -38.60 -7.26
C ASN A 50 27.05 -38.06 -7.63
N THR A 51 27.52 -38.38 -8.84
CA THR A 51 28.76 -37.82 -9.37
C THR A 51 28.37 -36.75 -10.39
N GLU A 52 29.28 -35.78 -10.66
CA GLU A 52 29.07 -34.77 -11.70
C GLU A 52 28.86 -35.45 -13.05
N GLU A 53 29.60 -36.55 -13.29
CA GLU A 53 29.50 -37.37 -14.50
C GLU A 53 28.11 -37.99 -14.71
N ASN A 54 27.50 -38.54 -13.65
CA ASN A 54 26.15 -39.08 -13.72
C ASN A 54 25.09 -38.00 -13.92
N ARG A 55 25.26 -36.82 -13.27
CA ARG A 55 24.41 -35.65 -13.47
C ARG A 55 24.50 -35.18 -14.93
N ARG A 56 25.73 -35.08 -15.46
CA ARG A 56 26.03 -34.66 -16.83
C ARG A 56 25.40 -35.62 -17.83
N PHE A 57 25.63 -36.94 -17.64
CA PHE A 57 25.07 -37.99 -18.49
C PHE A 57 23.56 -38.00 -18.47
N TYR A 58 22.95 -37.82 -17.28
CA TYR A 58 21.50 -37.78 -17.17
C TYR A 58 20.94 -36.58 -17.94
N ARG A 59 21.56 -35.40 -17.81
CA ARG A 59 21.12 -34.22 -18.55
C ARG A 59 21.33 -34.37 -20.06
N GLN A 60 22.47 -34.98 -20.48
CA GLN A 60 22.73 -35.35 -21.88
C GLN A 60 21.62 -36.22 -22.48
N LEU A 61 21.18 -37.23 -21.71
CA LEU A 61 20.10 -38.15 -22.05
C LEU A 61 18.83 -37.38 -22.43
N LEU A 62 18.44 -36.40 -21.61
CA LEU A 62 17.26 -35.56 -21.88
C LEU A 62 17.48 -34.64 -23.06
N LEU A 63 18.65 -33.98 -23.11
CA LEU A 63 18.93 -32.94 -24.10
C LEU A 63 19.16 -33.48 -25.49
N THR A 64 19.68 -34.72 -25.61
CA THR A 64 20.03 -35.32 -26.91
C THR A 64 19.00 -36.36 -27.37
N ALA A 65 17.80 -36.41 -26.74
CA ALA A 65 16.68 -37.22 -27.25
C ALA A 65 16.44 -36.83 -28.72
N ASP A 66 15.92 -37.75 -29.54
CA ASP A 66 15.81 -37.54 -30.99
C ASP A 66 14.92 -36.35 -31.42
N ASP A 67 14.85 -36.10 -32.75
CA ASP A 67 14.22 -34.90 -33.33
C ASP A 67 12.70 -34.82 -33.19
N ARG A 68 12.05 -35.87 -32.65
CA ARG A 68 10.61 -35.85 -32.38
C ARG A 68 10.25 -34.84 -31.29
N VAL A 69 11.20 -34.56 -30.36
CA VAL A 69 11.03 -33.53 -29.31
C VAL A 69 11.08 -32.10 -29.85
N ASN A 70 11.74 -31.87 -31.00
CA ASN A 70 11.96 -30.51 -31.53
C ASN A 70 10.69 -29.66 -31.66
N PRO A 71 9.57 -30.16 -32.26
CA PRO A 71 8.33 -29.34 -32.24
C PRO A 71 7.67 -29.21 -30.86
N CYS A 72 8.10 -30.00 -29.84
CA CYS A 72 7.50 -30.07 -28.48
C CYS A 72 8.15 -29.08 -27.53
N ILE A 73 9.45 -28.84 -27.71
CA ILE A 73 10.25 -28.16 -26.71
C ILE A 73 10.66 -26.78 -27.20
N GLY A 74 10.02 -25.76 -26.65
CA GLY A 74 10.33 -24.36 -26.98
C GLY A 74 11.47 -23.81 -26.15
N GLY A 75 11.61 -24.35 -24.95
CA GLY A 75 12.62 -23.90 -24.00
C GLY A 75 13.08 -25.02 -23.11
N VAL A 76 14.32 -24.92 -22.65
CA VAL A 76 14.89 -25.85 -21.67
C VAL A 76 15.54 -24.97 -20.60
N ILE A 77 15.08 -25.13 -19.35
CA ILE A 77 15.71 -24.42 -18.25
C ILE A 77 16.77 -25.25 -17.51
N LEU A 78 17.94 -24.64 -17.29
CA LEU A 78 19.10 -25.28 -16.68
C LEU A 78 19.45 -24.64 -15.33
N PHE A 79 20.08 -25.44 -14.49
CA PHE A 79 20.77 -25.00 -13.30
C PHE A 79 22.20 -24.58 -13.72
N HIS A 80 22.84 -23.68 -12.95
CA HIS A 80 24.17 -23.11 -13.22
C HIS A 80 25.21 -24.10 -13.77
N GLU A 81 25.42 -25.23 -13.05
CA GLU A 81 26.43 -26.25 -13.41
C GLU A 81 26.21 -26.76 -14.84
N THR A 82 24.95 -27.06 -15.19
CA THR A 82 24.57 -27.65 -16.47
C THR A 82 24.80 -26.72 -17.64
N LEU A 83 24.60 -25.40 -17.44
CA LEU A 83 24.87 -24.39 -18.46
C LEU A 83 26.32 -24.47 -19.01
N TYR A 84 27.25 -24.97 -18.17
CA TYR A 84 28.68 -25.04 -18.49
C TYR A 84 29.17 -26.46 -18.72
N GLN A 85 28.24 -27.43 -18.82
CA GLN A 85 28.61 -28.80 -19.15
C GLN A 85 28.55 -29.06 -20.66
N LYS A 86 29.13 -30.19 -21.08
CA LYS A 86 29.23 -30.56 -22.48
C LYS A 86 28.74 -31.97 -22.70
N ALA A 87 28.10 -32.19 -23.85
CA ALA A 87 27.79 -33.52 -24.36
C ALA A 87 29.09 -34.30 -24.70
N ASP A 88 29.01 -35.66 -24.75
CA ASP A 88 30.09 -36.59 -25.13
C ASP A 88 30.83 -36.17 -26.42
N ASP A 89 30.10 -35.61 -27.38
CA ASP A 89 30.64 -35.11 -28.65
C ASP A 89 31.40 -33.76 -28.50
N GLY A 90 31.42 -33.19 -27.30
CA GLY A 90 32.10 -31.93 -27.02
C GLY A 90 31.26 -30.67 -27.15
N ARG A 91 30.00 -30.78 -27.64
CA ARG A 91 29.13 -29.61 -27.76
C ARG A 91 28.65 -29.13 -26.39
N PRO A 92 28.79 -27.81 -26.08
CA PRO A 92 28.14 -27.26 -24.88
C PRO A 92 26.65 -27.57 -24.90
N PHE A 93 26.09 -27.95 -23.75
CA PHE A 93 24.66 -28.18 -23.58
C PHE A 93 23.77 -27.03 -24.14
N PRO A 94 24.09 -25.70 -23.98
CA PRO A 94 23.29 -24.67 -24.64
C PRO A 94 23.18 -24.84 -26.15
N GLN A 95 24.30 -25.23 -26.79
CA GLN A 95 24.39 -25.52 -28.23
C GLN A 95 23.55 -26.71 -28.65
N VAL A 96 23.56 -27.79 -27.86
CA VAL A 96 22.65 -28.94 -27.99
C VAL A 96 21.18 -28.50 -27.99
N ILE A 97 20.77 -27.67 -26.99
CA ILE A 97 19.41 -27.16 -26.88
C ILE A 97 19.01 -26.31 -28.09
N LYS A 98 19.88 -25.33 -28.46
CA LYS A 98 19.65 -24.39 -29.57
C LYS A 98 19.52 -25.12 -30.93
N SER A 99 20.40 -26.12 -31.19
CA SER A 99 20.37 -26.83 -32.47
C SER A 99 19.09 -27.64 -32.70
N LYS A 100 18.38 -27.99 -31.61
CA LYS A 100 17.08 -28.64 -31.67
C LYS A 100 15.89 -27.63 -31.68
N GLY A 101 16.21 -26.35 -31.84
CA GLY A 101 15.23 -25.26 -31.88
C GLY A 101 14.74 -24.76 -30.53
N GLY A 102 15.42 -25.17 -29.45
CA GLY A 102 15.05 -24.74 -28.10
C GLY A 102 15.71 -23.43 -27.69
N VAL A 103 15.04 -22.62 -26.89
CA VAL A 103 15.63 -21.46 -26.23
C VAL A 103 16.23 -21.94 -24.89
N VAL A 104 17.40 -21.41 -24.51
CA VAL A 104 18.06 -21.78 -23.26
C VAL A 104 17.64 -20.86 -22.13
N GLY A 105 17.23 -21.46 -21.00
CA GLY A 105 16.93 -20.74 -19.77
C GLY A 105 17.86 -21.07 -18.63
N ILE A 106 17.93 -20.13 -17.67
CA ILE A 106 18.77 -20.28 -16.47
C ILE A 106 17.96 -19.97 -15.22
N LYS A 107 18.01 -20.88 -14.23
CA LYS A 107 17.45 -20.60 -12.91
C LYS A 107 18.40 -19.64 -12.16
N VAL A 108 17.89 -18.47 -11.75
CA VAL A 108 18.74 -17.41 -11.19
C VAL A 108 18.54 -17.14 -9.67
N ASP A 109 17.43 -17.64 -9.09
CA ASP A 109 17.17 -17.41 -7.67
C ASP A 109 18.16 -18.19 -6.76
N LYS A 110 18.30 -17.78 -5.50
CA LYS A 110 19.21 -18.45 -4.55
C LYS A 110 18.44 -19.10 -3.39
N GLY A 111 17.23 -19.55 -3.69
CA GLY A 111 16.42 -20.31 -2.76
C GLY A 111 15.55 -19.46 -1.85
N VAL A 112 14.66 -20.13 -1.15
CA VAL A 112 13.74 -19.49 -0.20
C VAL A 112 14.45 -19.24 1.14
N VAL A 113 13.99 -18.21 1.85
CA VAL A 113 14.48 -17.83 3.18
C VAL A 113 13.27 -17.54 4.07
N PRO A 114 13.33 -17.85 5.38
CA PRO A 114 12.13 -17.61 6.24
C PRO A 114 11.77 -16.13 6.42
N LEU A 115 10.47 -15.83 6.41
CA LEU A 115 9.96 -14.49 6.77
C LEU A 115 9.65 -14.49 8.26
N ALA A 116 10.41 -13.72 9.07
CA ALA A 116 10.19 -13.64 10.52
C ALA A 116 8.78 -13.07 10.82
N GLY A 117 8.16 -13.57 11.88
CA GLY A 117 6.82 -13.19 12.31
C GLY A 117 5.69 -13.79 11.50
N THR A 118 5.98 -14.80 10.66
CA THR A 118 4.95 -15.48 9.87
C THR A 118 4.85 -16.94 10.35
N ASN A 119 3.79 -17.61 9.94
CA ASN A 119 3.62 -19.04 10.23
C ASN A 119 4.36 -19.91 9.16
N GLY A 120 5.68 -19.95 9.24
CA GLY A 120 6.50 -20.71 8.30
C GLY A 120 6.50 -20.22 6.86
N GLU A 121 6.20 -18.93 6.62
CA GLU A 121 6.24 -18.41 5.25
C GLU A 121 7.62 -17.98 4.83
N THR A 122 7.85 -17.93 3.52
CA THR A 122 9.15 -17.60 2.98
C THR A 122 9.06 -16.44 2.03
N THR A 123 10.21 -15.78 1.81
CA THR A 123 10.44 -15.09 0.55
C THR A 123 11.61 -15.79 -0.16
N THR A 124 12.09 -15.21 -1.28
CA THR A 124 13.17 -15.73 -2.10
C THR A 124 14.31 -14.71 -2.18
N GLN A 125 15.53 -15.18 -2.05
CA GLN A 125 16.72 -14.36 -2.24
C GLN A 125 17.39 -14.65 -3.60
N GLY A 126 18.35 -13.79 -3.97
CA GLY A 126 19.09 -13.92 -5.23
C GLY A 126 19.25 -12.64 -6.04
N LEU A 127 18.84 -11.48 -5.50
CA LEU A 127 18.98 -10.21 -6.22
C LEU A 127 20.39 -9.67 -6.29
N ASP A 128 21.27 -10.08 -5.35
CA ASP A 128 22.62 -9.49 -5.24
C ASP A 128 23.51 -9.86 -6.38
N GLY A 129 23.98 -8.84 -7.09
CA GLY A 129 24.80 -8.98 -8.30
C GLY A 129 24.05 -9.63 -9.43
N LEU A 130 22.70 -9.67 -9.37
CA LEU A 130 21.89 -10.37 -10.39
C LEU A 130 22.08 -9.77 -11.80
N SER A 131 22.21 -8.44 -11.89
CA SER A 131 22.47 -7.78 -13.17
C SER A 131 23.71 -8.34 -13.87
N GLU A 132 24.83 -8.44 -13.16
CA GLU A 132 26.11 -8.91 -13.69
C GLU A 132 26.01 -10.39 -14.04
N ARG A 133 25.30 -11.16 -13.21
CA ARG A 133 25.03 -12.58 -13.48
C ARG A 133 24.22 -12.76 -14.76
N CYS A 134 23.11 -11.99 -14.92
CA CYS A 134 22.29 -11.98 -16.14
C CYS A 134 23.10 -11.65 -17.41
N ALA A 135 23.93 -10.59 -17.34
CA ALA A 135 24.76 -10.15 -18.46
C ALA A 135 25.71 -11.30 -18.89
N GLN A 136 26.30 -12.01 -17.90
CA GLN A 136 27.19 -13.14 -18.14
C GLN A 136 26.43 -14.35 -18.72
N TYR A 137 25.26 -14.68 -18.15
CA TYR A 137 24.41 -15.77 -18.62
C TYR A 137 23.94 -15.55 -20.05
N LYS A 138 23.51 -14.31 -20.38
CA LYS A 138 23.18 -13.91 -21.74
C LYS A 138 24.34 -14.25 -22.71
N LYS A 139 25.57 -13.78 -22.39
CA LYS A 139 26.76 -14.05 -23.18
C LYS A 139 27.03 -15.53 -23.34
N ASP A 140 26.68 -16.34 -22.31
CA ASP A 140 26.89 -17.78 -22.26
C ASP A 140 25.73 -18.59 -22.83
N GLY A 141 24.76 -17.91 -23.45
CA GLY A 141 23.75 -18.57 -24.25
C GLY A 141 22.33 -18.61 -23.71
N ALA A 142 22.09 -18.13 -22.47
CA ALA A 142 20.73 -18.10 -21.89
C ALA A 142 19.92 -16.89 -22.36
N ASP A 143 18.63 -17.08 -22.75
CA ASP A 143 17.76 -15.98 -23.20
C ASP A 143 16.53 -15.76 -22.30
N PHE A 144 16.33 -16.67 -21.35
CA PHE A 144 15.26 -16.55 -20.37
C PHE A 144 15.73 -17.02 -18.97
N ALA A 145 15.01 -16.61 -17.93
CA ALA A 145 15.36 -16.98 -16.56
C ALA A 145 14.14 -17.44 -15.76
N LYS A 146 14.39 -18.09 -14.63
CA LYS A 146 13.38 -18.51 -13.68
C LYS A 146 13.78 -18.03 -12.30
N TRP A 147 12.77 -17.54 -11.54
CA TRP A 147 12.88 -17.19 -10.15
C TRP A 147 11.62 -17.76 -9.49
N ARG A 148 11.82 -18.64 -8.50
CA ARG A 148 10.70 -19.34 -7.86
C ARG A 148 10.41 -18.74 -6.49
N CYS A 149 9.18 -18.22 -6.34
CA CYS A 149 8.59 -17.85 -5.05
C CYS A 149 7.60 -18.92 -4.61
N VAL A 150 7.55 -19.18 -3.29
CA VAL A 150 6.69 -20.23 -2.75
C VAL A 150 5.71 -19.65 -1.76
N LEU A 151 4.40 -19.93 -1.96
CA LEU A 151 3.34 -19.56 -1.03
C LEU A 151 2.59 -20.79 -0.60
N LYS A 152 2.04 -20.78 0.62
CA LYS A 152 1.27 -21.90 1.12
C LYS A 152 -0.12 -21.51 1.63
N ILE A 153 -1.11 -22.36 1.32
CA ILE A 153 -2.47 -22.22 1.79
C ILE A 153 -2.59 -22.92 3.13
N GLY A 154 -3.02 -22.15 4.11
CA GLY A 154 -3.22 -22.62 5.47
C GLY A 154 -4.19 -21.71 6.18
N GLU A 155 -4.25 -21.83 7.50
CA GLU A 155 -5.20 -21.09 8.33
C GLU A 155 -4.98 -19.57 8.25
N HIS A 156 -3.71 -19.11 8.35
CA HIS A 156 -3.39 -17.68 8.32
C HIS A 156 -2.56 -17.30 7.08
N THR A 157 -2.43 -18.23 6.12
CA THR A 157 -1.51 -18.07 5.01
C THR A 157 -2.20 -18.32 3.66
N PRO A 158 -1.72 -17.67 2.57
CA PRO A 158 -0.63 -16.67 2.53
C PRO A 158 -1.02 -15.36 3.20
N SER A 159 -0.15 -14.84 4.06
CA SER A 159 -0.40 -13.60 4.80
C SER A 159 -0.25 -12.39 3.87
N ALA A 160 -0.78 -11.22 4.27
CA ALA A 160 -0.56 -9.94 3.56
C ALA A 160 0.95 -9.69 3.33
N LEU A 161 1.78 -9.91 4.34
CA LEU A 161 3.23 -9.80 4.18
C LEU A 161 3.81 -10.73 3.09
N ALA A 162 3.49 -12.03 3.15
CA ALA A 162 4.06 -12.99 2.20
C ALA A 162 3.72 -12.68 0.75
N ILE A 163 2.45 -12.30 0.49
CA ILE A 163 1.99 -11.90 -0.82
C ILE A 163 2.74 -10.66 -1.36
N MET A 164 2.74 -9.56 -0.57
CA MET A 164 3.34 -8.27 -0.88
C MET A 164 4.84 -8.50 -1.18
N GLU A 165 5.53 -9.20 -0.26
CA GLU A 165 6.98 -9.37 -0.32
C GLU A 165 7.39 -10.25 -1.51
N ASN A 166 6.68 -11.37 -1.74
CA ASN A 166 6.99 -12.23 -2.88
C ASN A 166 6.69 -11.56 -4.22
N ALA A 167 5.57 -10.80 -4.31
CA ALA A 167 5.25 -10.07 -5.53
C ALA A 167 6.34 -8.99 -5.82
N ASN A 168 6.85 -8.34 -4.77
CA ASN A 168 7.83 -7.28 -4.90
C ASN A 168 9.19 -7.82 -5.40
N VAL A 169 9.61 -8.96 -4.83
CA VAL A 169 10.89 -9.57 -5.18
C VAL A 169 10.85 -10.13 -6.62
N LEU A 170 9.68 -10.69 -7.05
CA LEU A 170 9.45 -11.12 -8.42
C LEU A 170 9.59 -9.93 -9.38
N ALA A 171 9.02 -8.76 -9.01
CA ALA A 171 9.10 -7.56 -9.85
C ALA A 171 10.56 -7.04 -9.96
N ARG A 172 11.32 -7.03 -8.82
CA ARG A 172 12.75 -6.68 -8.80
C ARG A 172 13.56 -7.56 -9.73
N TYR A 173 13.33 -8.89 -9.65
CA TYR A 173 14.04 -9.88 -10.46
C TYR A 173 13.71 -9.68 -11.96
N ALA A 174 12.43 -9.50 -12.27
CA ALA A 174 11.95 -9.29 -13.63
C ALA A 174 12.55 -8.03 -14.25
N SER A 175 12.67 -6.96 -13.45
CA SER A 175 13.24 -5.68 -13.87
C SER A 175 14.70 -5.84 -14.29
N ILE A 176 15.47 -6.62 -13.49
CA ILE A 176 16.90 -6.79 -13.70
C ILE A 176 17.14 -7.62 -14.95
N CYS A 177 16.34 -8.71 -15.12
CA CYS A 177 16.37 -9.57 -16.31
C CYS A 177 16.17 -8.75 -17.55
N GLN A 178 15.10 -7.93 -17.56
CA GLN A 178 14.73 -7.18 -18.76
C GLN A 178 15.77 -6.14 -19.17
N GLN A 179 16.57 -5.63 -18.21
CA GLN A 179 17.70 -4.74 -18.50
C GLN A 179 18.85 -5.48 -19.22
N ASN A 180 18.84 -6.82 -19.19
CA ASN A 180 19.94 -7.62 -19.71
C ASN A 180 19.56 -8.52 -20.89
N GLY A 181 18.42 -8.26 -21.50
CA GLY A 181 17.94 -9.02 -22.64
C GLY A 181 17.49 -10.43 -22.32
N ILE A 182 17.14 -10.69 -21.06
CA ILE A 182 16.71 -12.02 -20.56
C ILE A 182 15.20 -11.96 -20.27
N VAL A 183 14.41 -12.88 -20.85
CA VAL A 183 12.98 -12.97 -20.54
C VAL A 183 12.78 -13.54 -19.13
N PRO A 184 12.21 -12.76 -18.18
CA PRO A 184 11.91 -13.35 -16.85
C PRO A 184 10.65 -14.19 -16.88
N ILE A 185 10.77 -15.44 -16.41
CA ILE A 185 9.59 -16.20 -16.05
C ILE A 185 9.27 -15.86 -14.59
N VAL A 186 8.05 -15.40 -14.37
CA VAL A 186 7.54 -14.99 -13.07
C VAL A 186 6.81 -16.21 -12.49
N GLU A 187 7.37 -16.79 -11.41
CA GLU A 187 6.85 -18.02 -10.81
C GLU A 187 6.37 -17.81 -9.37
N PRO A 188 5.08 -17.46 -9.19
CA PRO A 188 4.51 -17.44 -7.84
C PRO A 188 3.85 -18.81 -7.56
N GLU A 189 4.63 -19.74 -7.01
CA GLU A 189 4.12 -21.10 -6.80
C GLU A 189 3.30 -21.16 -5.53
N ILE A 190 2.02 -21.48 -5.67
CA ILE A 190 1.15 -21.74 -4.54
C ILE A 190 1.11 -23.25 -4.35
N LEU A 191 1.65 -23.72 -3.22
CA LEU A 191 1.76 -25.16 -2.91
C LEU A 191 0.40 -25.85 -2.83
N PRO A 192 0.28 -27.07 -3.38
CA PRO A 192 -0.98 -27.84 -3.23
C PRO A 192 -1.15 -28.51 -1.87
N ASP A 193 -0.20 -28.31 -0.94
CA ASP A 193 -0.21 -28.90 0.41
C ASP A 193 -1.40 -28.43 1.23
N GLY A 194 -2.09 -29.37 1.88
CA GLY A 194 -3.21 -29.10 2.76
C GLY A 194 -4.53 -29.66 2.31
N ASP A 195 -5.59 -29.42 3.09
CA ASP A 195 -6.90 -30.03 2.88
C ASP A 195 -7.92 -29.04 2.31
N HIS A 196 -7.44 -27.89 1.80
CA HIS A 196 -8.30 -26.87 1.19
C HIS A 196 -8.94 -27.40 -0.11
N ASP A 197 -10.11 -26.87 -0.45
CA ASP A 197 -10.82 -27.32 -1.64
C ASP A 197 -10.42 -26.50 -2.89
N LEU A 198 -11.04 -26.80 -4.04
CA LEU A 198 -10.76 -26.11 -5.31
C LEU A 198 -11.06 -24.60 -5.25
N LYS A 199 -12.17 -24.21 -4.60
CA LYS A 199 -12.63 -22.83 -4.50
C LYS A 199 -11.63 -21.97 -3.74
N ARG A 200 -11.06 -22.51 -2.65
CA ARG A 200 -10.05 -21.86 -1.81
C ARG A 200 -8.76 -21.63 -2.62
N CYS A 201 -8.29 -22.65 -3.33
CA CYS A 201 -7.13 -22.49 -4.21
C CYS A 201 -7.41 -21.43 -5.27
N GLN A 202 -8.63 -21.42 -5.85
CA GLN A 202 -8.98 -20.42 -6.85
C GLN A 202 -8.92 -18.98 -6.29
N TYR A 203 -9.49 -18.79 -5.08
CA TYR A 203 -9.50 -17.52 -4.36
C TYR A 203 -8.10 -17.00 -4.11
N VAL A 204 -7.23 -17.86 -3.53
CA VAL A 204 -5.84 -17.53 -3.22
C VAL A 204 -5.08 -17.18 -4.48
N THR A 205 -5.22 -18.00 -5.55
CA THR A 205 -4.59 -17.75 -6.85
C THR A 205 -4.96 -16.36 -7.39
N GLU A 206 -6.25 -16.03 -7.36
CA GLU A 206 -6.74 -14.71 -7.80
C GLU A 206 -6.07 -13.60 -7.02
N LYS A 207 -6.01 -13.71 -5.68
CA LYS A 207 -5.39 -12.67 -4.84
C LYS A 207 -3.90 -12.54 -5.07
N VAL A 208 -3.21 -13.67 -5.21
CA VAL A 208 -1.76 -13.69 -5.43
C VAL A 208 -1.44 -13.09 -6.80
N LEU A 209 -2.17 -13.51 -7.85
CA LEU A 209 -1.89 -12.99 -9.20
C LEU A 209 -2.22 -11.51 -9.36
N ALA A 210 -3.27 -11.02 -8.66
CA ALA A 210 -3.57 -9.55 -8.69
C ALA A 210 -2.40 -8.74 -8.03
N ALA A 211 -1.82 -9.27 -6.94
CA ALA A 211 -0.66 -8.65 -6.28
C ALA A 211 0.59 -8.69 -7.17
N VAL A 212 0.81 -9.82 -7.86
CA VAL A 212 1.92 -10.00 -8.81
C VAL A 212 1.87 -8.96 -9.91
N TYR A 213 0.71 -8.82 -10.58
CA TYR A 213 0.61 -7.87 -11.69
C TYR A 213 0.66 -6.42 -11.28
N LYS A 214 0.09 -6.08 -10.10
CA LYS A 214 0.27 -4.76 -9.51
C LYS A 214 1.74 -4.43 -9.25
N ALA A 215 2.48 -5.38 -8.64
CA ALA A 215 3.92 -5.18 -8.43
C ALA A 215 4.69 -5.02 -9.74
N LEU A 216 4.38 -5.84 -10.77
CA LEU A 216 5.02 -5.72 -12.09
C LEU A 216 4.74 -4.34 -12.71
N SER A 217 3.53 -3.80 -12.53
CA SER A 217 3.21 -2.46 -13.00
C SER A 217 4.03 -1.39 -12.24
N ASP A 218 4.08 -1.50 -10.88
CA ASP A 218 4.81 -0.54 -10.03
C ASP A 218 6.29 -0.44 -10.40
N HIS A 219 6.91 -1.58 -10.76
CA HIS A 219 8.31 -1.70 -11.15
C HIS A 219 8.55 -1.54 -12.66
N HIS A 220 7.51 -1.13 -13.45
CA HIS A 220 7.63 -0.78 -14.88
C HIS A 220 8.01 -1.99 -15.76
N ILE A 221 7.49 -3.17 -15.42
CA ILE A 221 7.77 -4.39 -16.15
C ILE A 221 7.03 -4.43 -17.47
N TYR A 222 7.76 -4.83 -18.53
CA TYR A 222 7.22 -4.98 -19.87
C TYR A 222 6.66 -6.41 -20.00
N LEU A 223 5.32 -6.53 -19.90
CA LEU A 223 4.60 -7.81 -19.78
C LEU A 223 4.75 -8.74 -21.00
N GLU A 224 4.78 -8.15 -22.21
CA GLU A 224 5.02 -8.83 -23.49
C GLU A 224 6.37 -9.59 -23.50
N GLY A 225 7.35 -9.08 -22.75
CA GLY A 225 8.64 -9.74 -22.55
C GLY A 225 8.74 -10.60 -21.30
N THR A 226 7.60 -11.13 -20.82
CA THR A 226 7.53 -12.00 -19.64
C THR A 226 6.69 -13.24 -19.91
N LEU A 227 6.91 -14.26 -19.06
CA LEU A 227 6.03 -15.42 -18.97
C LEU A 227 5.60 -15.59 -17.52
N LEU A 228 4.49 -16.31 -17.31
CA LEU A 228 3.99 -16.62 -15.99
C LEU A 228 4.07 -18.12 -15.76
N LYS A 229 4.55 -18.54 -14.57
CA LYS A 229 4.67 -19.94 -14.19
C LYS A 229 3.87 -20.22 -12.90
N PRO A 230 2.55 -20.45 -12.98
CA PRO A 230 1.78 -20.74 -11.75
C PRO A 230 1.49 -22.24 -11.62
N ASN A 231 1.03 -22.66 -10.45
CA ASN A 231 0.35 -23.95 -10.35
C ASN A 231 -1.03 -23.81 -11.03
N MET A 232 -1.51 -24.92 -11.56
CA MET A 232 -2.93 -25.03 -11.90
C MET A 232 -3.77 -24.82 -10.62
N VAL A 233 -5.02 -24.39 -10.79
CA VAL A 233 -5.92 -24.35 -9.66
C VAL A 233 -6.46 -25.76 -9.40
N THR A 234 -6.09 -26.35 -8.24
CA THR A 234 -6.46 -27.73 -7.86
C THR A 234 -6.92 -27.76 -6.43
N PRO A 235 -7.65 -28.79 -5.96
CA PRO A 235 -7.81 -28.97 -4.50
C PRO A 235 -6.44 -29.22 -3.86
N GLY A 236 -6.35 -29.05 -2.54
CA GLY A 236 -5.18 -29.49 -1.80
C GLY A 236 -5.00 -30.99 -1.85
N HIS A 237 -3.75 -31.47 -1.62
CA HIS A 237 -3.45 -32.91 -1.66
C HIS A 237 -4.26 -33.73 -0.67
N ALA A 238 -4.60 -33.15 0.49
CA ALA A 238 -5.37 -33.83 1.54
C ALA A 238 -6.89 -33.57 1.48
N CYS A 239 -7.38 -32.83 0.46
CA CYS A 239 -8.83 -32.64 0.23
C CYS A 239 -9.47 -33.98 -0.19
N THR A 240 -10.65 -34.28 0.38
CA THR A 240 -11.39 -35.53 0.14
C THR A 240 -12.45 -35.38 -0.96
N GLN A 241 -12.73 -34.15 -1.39
CA GLN A 241 -13.61 -33.90 -2.53
C GLN A 241 -12.89 -34.25 -3.84
N LYS A 242 -13.60 -34.94 -4.72
CA LYS A 242 -13.15 -35.40 -6.03
C LYS A 242 -13.62 -34.35 -7.06
N TYR A 243 -12.76 -34.04 -8.03
CA TYR A 243 -13.03 -33.03 -9.06
C TYR A 243 -12.68 -33.60 -10.41
N SER A 244 -13.49 -33.28 -11.44
CA SER A 244 -13.14 -33.66 -12.81
C SER A 244 -12.03 -32.75 -13.34
N HIS A 245 -11.37 -33.18 -14.41
CA HIS A 245 -10.33 -32.38 -15.07
C HIS A 245 -10.92 -31.09 -15.63
N GLU A 246 -12.18 -31.15 -16.09
CA GLU A 246 -12.92 -29.99 -16.62
C GLU A 246 -13.18 -28.93 -15.56
N GLU A 247 -13.34 -29.36 -14.28
CA GLU A 247 -13.52 -28.44 -13.15
C GLU A 247 -12.22 -27.72 -12.79
N ILE A 248 -11.11 -28.47 -12.78
CA ILE A 248 -9.76 -27.94 -12.61
C ILE A 248 -9.46 -26.93 -13.73
N ALA A 249 -9.76 -27.30 -14.99
CA ALA A 249 -9.59 -26.44 -16.14
C ALA A 249 -10.39 -25.11 -15.98
N MET A 250 -11.68 -25.21 -15.60
CA MET A 250 -12.56 -24.06 -15.43
C MET A 250 -12.09 -23.15 -14.29
N ALA A 251 -11.71 -23.73 -13.13
CA ALA A 251 -11.17 -22.95 -12.03
C ALA A 251 -9.85 -22.25 -12.41
N THR A 252 -8.97 -22.97 -13.15
CA THR A 252 -7.68 -22.43 -13.60
C THR A 252 -7.84 -21.26 -14.57
N VAL A 253 -8.63 -21.48 -15.61
CA VAL A 253 -8.81 -20.51 -16.69
C VAL A 253 -9.54 -19.27 -16.17
N THR A 254 -10.54 -19.48 -15.31
CA THR A 254 -11.29 -18.39 -14.67
C THR A 254 -10.34 -17.53 -13.84
N ALA A 255 -9.50 -18.15 -13.00
CA ALA A 255 -8.57 -17.40 -12.15
C ALA A 255 -7.60 -16.56 -13.02
N LEU A 256 -7.09 -17.13 -14.12
CA LEU A 256 -6.17 -16.41 -15.01
C LEU A 256 -6.88 -15.27 -15.76
N ARG A 257 -8.11 -15.51 -16.23
CA ARG A 257 -8.90 -14.49 -16.94
C ARG A 257 -9.17 -13.25 -16.08
N ARG A 258 -9.25 -13.43 -14.75
CA ARG A 258 -9.59 -12.39 -13.78
C ARG A 258 -8.40 -11.54 -13.33
N THR A 259 -7.17 -11.93 -13.71
CA THR A 259 -5.97 -11.34 -13.12
C THR A 259 -4.82 -11.12 -14.10
N VAL A 260 -4.73 -11.93 -15.17
CA VAL A 260 -3.51 -11.91 -15.99
C VAL A 260 -3.77 -11.03 -17.24
N PRO A 261 -3.12 -9.85 -17.36
CA PRO A 261 -3.37 -9.01 -18.55
C PRO A 261 -3.07 -9.72 -19.88
N PRO A 262 -3.88 -9.51 -20.94
CA PRO A 262 -3.60 -10.16 -22.25
C PRO A 262 -2.22 -9.93 -22.88
N ALA A 263 -1.54 -8.79 -22.55
CA ALA A 263 -0.15 -8.52 -22.93
C ALA A 263 0.83 -9.61 -22.50
N VAL A 264 0.57 -10.34 -21.38
CA VAL A 264 1.44 -11.45 -20.95
C VAL A 264 1.47 -12.49 -22.09
N THR A 265 2.68 -12.78 -22.57
CA THR A 265 2.91 -13.66 -23.73
C THR A 265 2.43 -15.12 -23.55
N GLY A 266 2.60 -15.68 -22.37
CA GLY A 266 2.23 -17.07 -22.14
C GLY A 266 2.31 -17.48 -20.69
N VAL A 267 1.56 -18.54 -20.37
CA VAL A 267 1.47 -19.14 -19.05
C VAL A 267 2.08 -20.53 -19.22
N THR A 268 3.11 -20.85 -18.46
CA THR A 268 3.79 -22.16 -18.52
C THR A 268 3.57 -22.85 -17.17
N PHE A 269 2.62 -23.78 -17.10
CA PHE A 269 2.20 -24.39 -15.84
C PHE A 269 3.23 -25.29 -15.19
N LEU A 270 3.36 -25.17 -13.88
CA LEU A 270 3.91 -26.22 -13.00
C LEU A 270 2.94 -27.40 -12.92
N SER A 271 3.45 -28.58 -12.56
CA SER A 271 2.58 -29.73 -12.41
C SER A 271 2.36 -30.14 -10.95
N GLY A 272 2.85 -29.34 -9.99
CA GLY A 272 2.72 -29.59 -8.57
C GLY A 272 2.99 -31.04 -8.18
N GLY A 273 1.99 -31.69 -7.62
CA GLY A 273 2.11 -33.10 -7.23
C GLY A 273 1.49 -34.07 -8.21
N GLN A 274 1.25 -33.63 -9.46
CA GLN A 274 0.52 -34.47 -10.43
C GLN A 274 1.43 -35.52 -11.04
N SER A 275 0.87 -36.69 -11.39
CA SER A 275 1.59 -37.71 -12.17
C SER A 275 1.83 -37.18 -13.59
N GLU A 276 2.72 -37.82 -14.36
CA GLU A 276 2.99 -37.46 -15.76
C GLU A 276 1.69 -37.33 -16.58
N GLU A 277 0.84 -38.36 -16.50
CA GLU A 277 -0.44 -38.48 -17.20
C GLU A 277 -1.44 -37.40 -16.79
N GLU A 278 -1.64 -37.21 -15.48
CA GLU A 278 -2.55 -36.23 -14.88
C GLU A 278 -2.17 -34.81 -15.30
N ALA A 279 -0.86 -34.49 -15.29
CA ALA A 279 -0.32 -33.22 -15.74
C ALA A 279 -0.71 -32.91 -17.20
N SER A 280 -0.62 -33.94 -18.09
CA SER A 280 -0.97 -33.83 -19.51
C SER A 280 -2.50 -33.71 -19.70
N ILE A 281 -3.27 -34.55 -19.01
CA ILE A 281 -4.73 -34.50 -19.07
C ILE A 281 -5.29 -33.13 -18.60
N ASN A 282 -4.76 -32.62 -17.47
CA ASN A 282 -5.17 -31.32 -16.96
C ASN A 282 -4.79 -30.17 -17.91
N LEU A 283 -3.56 -30.21 -18.47
CA LEU A 283 -3.14 -29.20 -19.45
C LEU A 283 -4.07 -29.21 -20.68
N ASN A 284 -4.42 -30.42 -21.16
CA ASN A 284 -5.34 -30.60 -22.28
C ASN A 284 -6.73 -29.98 -21.98
N ALA A 285 -7.27 -30.25 -20.78
CA ALA A 285 -8.60 -29.74 -20.38
C ALA A 285 -8.58 -28.19 -20.30
N ILE A 286 -7.47 -27.62 -19.82
CA ILE A 286 -7.25 -26.18 -19.77
C ILE A 286 -7.36 -25.58 -21.19
N ASN A 287 -6.69 -26.22 -22.15
CA ASN A 287 -6.70 -25.77 -23.55
C ASN A 287 -8.01 -26.02 -24.26
N LYS A 288 -8.85 -26.92 -23.71
CA LYS A 288 -10.19 -27.17 -24.25
C LYS A 288 -11.28 -26.32 -23.57
N CYS A 289 -10.95 -25.63 -22.45
CA CYS A 289 -11.89 -24.80 -21.73
C CYS A 289 -12.64 -23.83 -22.68
N PRO A 290 -13.99 -23.81 -22.68
CA PRO A 290 -14.74 -22.93 -23.60
C PRO A 290 -14.86 -21.49 -23.08
N LEU A 291 -13.71 -20.86 -22.86
CA LEU A 291 -13.62 -19.46 -22.45
C LEU A 291 -12.46 -18.88 -23.26
N LEU A 292 -12.52 -17.58 -23.55
CA LEU A 292 -11.48 -16.91 -24.30
C LEU A 292 -10.20 -16.89 -23.46
N LYS A 293 -9.11 -17.39 -24.05
CA LYS A 293 -7.80 -17.51 -23.41
C LYS A 293 -6.79 -16.70 -24.25
N PRO A 294 -6.51 -15.41 -23.90
CA PRO A 294 -5.67 -14.58 -24.79
C PRO A 294 -4.15 -14.77 -24.68
N TRP A 295 -3.68 -15.82 -23.99
CA TRP A 295 -2.25 -16.14 -23.86
C TRP A 295 -2.06 -17.65 -24.17
N ALA A 296 -0.84 -18.05 -24.56
CA ALA A 296 -0.46 -19.47 -24.67
C ALA A 296 -0.57 -20.11 -23.30
N LEU A 297 -1.17 -21.30 -23.23
CA LEU A 297 -1.31 -22.08 -22.01
C LEU A 297 -0.56 -23.38 -22.20
N THR A 298 0.64 -23.43 -21.62
CA THR A 298 1.53 -24.56 -21.88
C THR A 298 2.14 -25.11 -20.60
N PHE A 299 3.18 -25.90 -20.72
CA PHE A 299 3.85 -26.58 -19.62
C PHE A 299 5.25 -26.01 -19.39
N SER A 300 5.67 -26.02 -18.12
CA SER A 300 7.07 -26.00 -17.71
C SER A 300 7.20 -27.11 -16.69
N TYR A 301 7.52 -28.30 -17.21
CA TYR A 301 7.47 -29.56 -16.46
C TYR A 301 8.87 -30.13 -16.24
N GLY A 302 9.10 -30.57 -15.00
CA GLY A 302 10.30 -31.26 -14.60
C GLY A 302 10.03 -32.73 -14.49
N ARG A 303 9.61 -33.17 -13.30
CA ARG A 303 9.16 -34.54 -13.00
C ARG A 303 8.12 -35.06 -14.00
N ALA A 304 7.17 -34.20 -14.42
CA ALA A 304 6.11 -34.60 -15.37
C ALA A 304 6.62 -34.92 -16.78
N LEU A 305 7.83 -34.47 -17.12
CA LEU A 305 8.51 -34.87 -18.35
C LEU A 305 9.54 -35.99 -18.14
N GLN A 306 10.03 -36.15 -16.90
CA GLN A 306 11.27 -36.88 -16.59
C GLN A 306 11.11 -38.18 -15.82
N ALA A 307 10.02 -38.37 -15.04
CA ALA A 307 9.89 -39.47 -14.06
C ALA A 307 10.07 -40.89 -14.65
N SER A 308 9.35 -41.22 -15.74
CA SER A 308 9.49 -42.49 -16.44
C SER A 308 10.87 -42.66 -17.09
N ALA A 309 11.44 -41.56 -17.62
CA ALA A 309 12.77 -41.53 -18.25
C ALA A 309 13.88 -41.84 -17.21
N LEU A 310 13.82 -41.18 -16.03
CA LEU A 310 14.74 -41.42 -14.92
C LEU A 310 14.70 -42.91 -14.48
N LYS A 311 13.47 -43.46 -14.29
CA LYS A 311 13.28 -44.85 -13.89
C LYS A 311 13.79 -45.83 -14.93
N ALA A 312 13.48 -45.60 -16.21
CA ALA A 312 13.85 -46.51 -17.30
C ALA A 312 15.36 -46.53 -17.53
N TRP A 313 16.04 -45.38 -17.30
CA TRP A 313 17.50 -45.26 -17.32
C TRP A 313 18.13 -46.15 -16.23
N GLY A 314 17.80 -45.87 -14.98
CA GLY A 314 18.29 -46.59 -13.81
C GLY A 314 19.80 -46.56 -13.62
N GLY A 315 20.45 -45.53 -14.16
CA GLY A 315 21.90 -45.39 -14.13
C GLY A 315 22.65 -46.29 -15.11
N LYS A 316 21.93 -46.97 -16.01
CA LYS A 316 22.52 -47.91 -16.97
C LYS A 316 22.61 -47.32 -18.36
N LYS A 317 23.85 -47.16 -18.88
CA LYS A 317 24.13 -46.65 -20.22
C LYS A 317 23.40 -47.47 -21.29
N GLU A 318 23.26 -48.80 -21.07
CA GLU A 318 22.49 -49.73 -21.90
C GLU A 318 21.02 -49.32 -22.09
N ASN A 319 20.47 -48.55 -21.13
CA ASN A 319 19.05 -48.16 -21.12
C ASN A 319 18.81 -46.77 -21.72
N LEU A 320 19.84 -46.19 -22.36
CA LEU A 320 19.80 -44.83 -22.91
C LEU A 320 18.59 -44.61 -23.81
N LYS A 321 18.43 -45.48 -24.83
CA LYS A 321 17.37 -45.38 -25.81
C LYS A 321 15.98 -45.61 -25.19
N ALA A 322 15.86 -46.62 -24.30
CA ALA A 322 14.60 -46.88 -23.59
C ALA A 322 14.19 -45.68 -22.73
N ALA A 323 15.16 -45.06 -22.04
CA ALA A 323 14.95 -43.88 -21.18
C ALA A 323 14.53 -42.65 -22.00
N GLN A 324 15.19 -42.39 -23.14
CA GLN A 324 14.85 -41.30 -24.03
C GLN A 324 13.43 -41.44 -24.60
N GLU A 325 13.01 -42.70 -24.93
CA GLU A 325 11.67 -43.02 -25.41
C GLU A 325 10.58 -42.54 -24.46
N GLU A 326 10.79 -42.77 -23.14
CA GLU A 326 9.87 -42.35 -22.09
C GLU A 326 9.72 -40.86 -22.05
N TYR A 327 10.86 -40.13 -22.20
CA TYR A 327 10.86 -38.67 -22.24
C TYR A 327 10.16 -38.18 -23.53
N VAL A 328 10.51 -38.77 -24.71
CA VAL A 328 9.87 -38.43 -25.99
C VAL A 328 8.34 -38.57 -25.90
N LYS A 329 7.84 -39.70 -25.33
CA LYS A 329 6.41 -39.94 -25.12
C LYS A 329 5.74 -38.82 -24.33
N ARG A 330 6.37 -38.35 -23.24
CA ARG A 330 5.83 -37.23 -22.46
C ARG A 330 5.90 -35.90 -23.19
N ALA A 331 6.97 -35.68 -23.97
CA ALA A 331 7.12 -34.45 -24.75
C ALA A 331 6.01 -34.40 -25.81
N LEU A 332 5.75 -35.55 -26.53
CA LEU A 332 4.68 -35.65 -27.51
C LEU A 332 3.28 -35.43 -26.92
N ALA A 333 3.01 -36.05 -25.75
CA ALA A 333 1.74 -35.92 -25.02
C ALA A 333 1.45 -34.44 -24.65
N ASN A 334 2.46 -33.78 -24.08
CA ASN A 334 2.36 -32.41 -23.63
C ASN A 334 2.25 -31.40 -24.74
N SER A 335 2.94 -31.66 -25.85
CA SER A 335 2.81 -30.87 -27.07
C SER A 335 1.38 -30.91 -27.63
N LEU A 336 0.72 -32.09 -27.62
CA LEU A 336 -0.68 -32.19 -28.02
C LEU A 336 -1.60 -31.50 -27.00
N ALA A 337 -1.31 -31.68 -25.68
CA ALA A 337 -2.11 -31.13 -24.58
C ALA A 337 -2.12 -29.60 -24.59
N CYS A 338 -0.97 -28.95 -24.93
CA CYS A 338 -0.95 -27.48 -25.02
C CYS A 338 -1.67 -26.91 -26.25
N GLN A 339 -2.20 -27.79 -27.10
CA GLN A 339 -3.06 -27.50 -28.25
C GLN A 339 -4.52 -28.01 -28.07
N GLY A 340 -4.82 -28.60 -26.91
CA GLY A 340 -6.11 -29.21 -26.63
C GLY A 340 -6.41 -30.43 -27.48
N LYS A 341 -5.37 -31.17 -27.90
CA LYS A 341 -5.49 -32.28 -28.86
C LYS A 341 -5.01 -33.61 -28.28
N TYR A 342 -4.86 -33.68 -26.94
CA TYR A 342 -4.34 -34.88 -26.30
C TYR A 342 -5.45 -35.84 -25.84
N THR A 343 -5.35 -37.10 -26.29
CA THR A 343 -6.19 -38.22 -25.86
C THR A 343 -5.23 -39.33 -25.35
N PRO A 344 -5.16 -39.62 -24.03
CA PRO A 344 -4.34 -40.77 -23.59
C PRO A 344 -4.89 -42.12 -24.06
N SER A 359 7.38 30.37 15.24
CA SER A 359 6.18 29.54 15.37
C SER A 359 6.38 28.20 14.69
N ASN A 360 5.82 27.14 15.28
CA ASN A 360 5.94 25.79 14.73
C ASN A 360 4.82 25.47 13.71
N HIS A 361 3.84 26.40 13.58
CA HIS A 361 2.70 26.30 12.65
C HIS A 361 3.10 26.68 11.22
N ALA A 362 4.24 27.37 11.08
CA ALA A 362 4.87 27.66 9.78
C ALA A 362 5.67 26.46 9.24
N TYR A 363 5.66 25.32 9.96
CA TYR A 363 6.34 24.06 9.60
C TYR A 363 5.34 22.93 9.38
N PRO B 1 -4.27 -10.71 10.79
CA PRO B 1 -4.69 -10.40 12.17
C PRO B 1 -4.12 -11.38 13.20
N HIS B 2 -3.09 -12.16 12.80
CA HIS B 2 -2.55 -13.25 13.61
C HIS B 2 -1.05 -13.15 13.92
N SER B 3 -0.73 -13.15 15.22
CA SER B 3 0.62 -13.08 15.74
C SER B 3 1.32 -14.43 15.69
N HIS B 4 2.48 -14.46 15.04
CA HIS B 4 3.41 -15.58 15.08
C HIS B 4 4.70 -14.89 15.48
N PRO B 5 4.94 -14.61 16.79
CA PRO B 5 5.96 -13.61 17.14
C PRO B 5 7.34 -13.86 16.52
N ALA B 6 7.86 -12.81 15.88
CA ALA B 6 9.20 -12.81 15.30
C ALA B 6 10.26 -13.07 16.37
N LEU B 7 10.02 -12.56 17.60
CA LEU B 7 11.02 -12.54 18.67
C LEU B 7 10.45 -12.97 20.01
N THR B 8 11.25 -13.69 20.82
CA THR B 8 10.92 -14.03 22.22
C THR B 8 11.13 -12.80 23.11
N PRO B 9 10.55 -12.78 24.35
CA PRO B 9 10.89 -11.70 25.32
C PRO B 9 12.38 -11.50 25.56
N GLU B 10 13.15 -12.61 25.55
CA GLU B 10 14.60 -12.58 25.76
C GLU B 10 15.34 -11.95 24.57
N GLN B 11 14.92 -12.27 23.34
CA GLN B 11 15.51 -11.66 22.13
C GLN B 11 15.21 -10.15 22.09
N LYS B 12 13.99 -9.74 22.50
CA LYS B 12 13.60 -8.34 22.55
C LYS B 12 14.44 -7.55 23.55
N LYS B 13 14.61 -8.10 24.77
CA LYS B 13 15.42 -7.51 25.84
C LYS B 13 16.83 -7.22 25.37
N GLU B 14 17.46 -8.22 24.72
CA GLU B 14 18.82 -8.11 24.21
C GLU B 14 18.92 -6.96 23.17
N LEU B 15 17.98 -6.92 22.21
CA LEU B 15 17.97 -5.89 21.17
C LEU B 15 17.72 -4.51 21.73
N SER B 16 16.73 -4.39 22.64
CA SER B 16 16.45 -3.12 23.32
C SER B 16 17.65 -2.61 24.16
N ASP B 17 18.27 -3.50 24.94
CA ASP B 17 19.47 -3.18 25.75
C ASP B 17 20.64 -2.65 24.89
N ILE B 18 20.95 -3.35 23.77
CA ILE B 18 21.96 -2.89 22.81
C ILE B 18 21.63 -1.49 22.26
N ALA B 19 20.39 -1.30 21.77
CA ALA B 19 19.98 -0.03 21.15
C ALA B 19 20.12 1.13 22.17
N HIS B 20 19.74 0.89 23.45
CA HIS B 20 19.81 1.86 24.53
C HIS B 20 21.26 2.21 24.96
N ARG B 21 22.19 1.23 24.92
CA ARG B 21 23.60 1.45 25.18
C ARG B 21 24.24 2.38 24.16
N ILE B 22 23.90 2.19 22.87
CA ILE B 22 24.48 2.95 21.76
C ILE B 22 24.19 4.43 21.91
N VAL B 23 22.94 4.78 22.32
CA VAL B 23 22.43 6.15 22.32
C VAL B 23 22.16 6.64 23.73
N ALA B 24 22.79 6.01 24.74
CA ALA B 24 22.69 6.45 26.15
C ALA B 24 22.99 7.98 26.25
N PRO B 25 22.41 8.71 27.24
CA PRO B 25 22.68 10.16 27.32
C PRO B 25 24.15 10.54 27.20
N GLY B 26 24.43 11.48 26.31
CA GLY B 26 25.77 11.97 26.02
C GLY B 26 26.55 11.20 24.98
N LYS B 27 25.96 10.10 24.44
CA LYS B 27 26.67 9.19 23.53
C LYS B 27 26.14 9.25 22.10
N GLY B 28 27.06 9.05 21.15
CA GLY B 28 26.74 8.87 19.74
C GLY B 28 27.65 7.86 19.09
N ILE B 29 27.61 7.82 17.76
CA ILE B 29 28.33 6.83 16.95
C ILE B 29 29.44 7.50 16.15
N LEU B 30 30.65 6.88 16.21
CA LEU B 30 31.73 7.08 15.26
C LEU B 30 31.47 6.17 14.07
N ALA B 31 31.19 6.78 12.90
CA ALA B 31 31.08 6.05 11.65
C ALA B 31 32.51 5.97 11.05
N ALA B 32 33.19 4.83 11.23
CA ALA B 32 34.54 4.62 10.69
C ALA B 32 34.50 3.48 9.68
N ASP B 33 33.40 3.39 8.89
CA ASP B 33 33.08 2.24 8.05
C ASP B 33 33.30 2.48 6.55
N GLU B 34 34.16 3.44 6.19
CA GLU B 34 34.55 3.71 4.80
C GLU B 34 35.20 2.46 4.20
N SER B 35 34.81 2.16 2.96
CA SER B 35 35.42 1.09 2.15
C SER B 35 36.92 1.36 1.92
N THR B 36 37.64 0.33 1.47
CA THR B 36 39.06 0.39 1.11
C THR B 36 39.37 1.54 0.15
N GLY B 37 38.57 1.66 -0.92
CA GLY B 37 38.78 2.69 -1.94
C GLY B 37 38.51 4.09 -1.45
N SER B 38 37.48 4.24 -0.62
CA SER B 38 37.15 5.50 0.05
C SER B 38 38.29 5.93 0.97
N ILE B 39 38.73 5.04 1.87
CA ILE B 39 39.76 5.39 2.81
C ILE B 39 41.10 5.64 2.12
N ALA B 40 41.38 4.96 0.97
CA ALA B 40 42.54 5.23 0.12
C ALA B 40 42.52 6.68 -0.32
N LYS B 41 41.33 7.20 -0.67
CA LYS B 41 41.15 8.58 -1.11
C LYS B 41 41.39 9.60 0.06
N ARG B 42 40.92 9.27 1.29
CA ARG B 42 41.25 10.01 2.52
C ARG B 42 42.75 10.04 2.75
N LEU B 43 43.43 8.89 2.59
CA LEU B 43 44.90 8.81 2.67
C LEU B 43 45.59 9.64 1.58
N GLN B 44 45.08 9.60 0.31
CA GLN B 44 45.60 10.40 -0.80
C GLN B 44 45.60 11.90 -0.43
N SER B 45 44.47 12.39 0.15
CA SER B 45 44.28 13.80 0.48
C SER B 45 45.32 14.34 1.46
N ILE B 46 45.91 13.44 2.28
CA ILE B 46 46.95 13.79 3.27
C ILE B 46 48.31 13.22 2.88
N GLY B 47 48.46 12.94 1.58
CA GLY B 47 49.70 12.44 0.98
C GLY B 47 50.23 11.15 1.55
N THR B 48 49.34 10.24 1.96
CA THR B 48 49.68 8.96 2.57
C THR B 48 49.34 7.81 1.60
N GLU B 49 50.24 6.82 1.53
CA GLU B 49 50.10 5.62 0.70
C GLU B 49 48.94 4.79 1.16
N ASN B 50 48.19 4.25 0.19
CA ASN B 50 47.13 3.29 0.48
C ASN B 50 47.76 1.90 0.71
N THR B 51 48.16 1.64 1.96
CA THR B 51 48.58 0.31 2.38
C THR B 51 47.62 -0.18 3.43
N GLU B 52 47.50 -1.51 3.59
CA GLU B 52 46.72 -2.14 4.64
C GLU B 52 47.15 -1.63 6.02
N GLU B 53 48.47 -1.46 6.22
CA GLU B 53 49.08 -0.95 7.44
C GLU B 53 48.66 0.48 7.76
N ASN B 54 48.68 1.38 6.76
CA ASN B 54 48.21 2.76 6.94
C ASN B 54 46.75 2.83 7.29
N ARG B 55 45.91 1.96 6.66
CA ARG B 55 44.48 1.85 6.96
C ARG B 55 44.25 1.37 8.39
N ARG B 56 44.99 0.31 8.79
CA ARG B 56 44.95 -0.26 10.15
C ARG B 56 45.38 0.78 11.20
N PHE B 57 46.51 1.47 10.95
CA PHE B 57 47.03 2.49 11.86
C PHE B 57 46.05 3.64 12.05
N TYR B 58 45.45 4.13 10.94
CA TYR B 58 44.47 5.21 10.99
C TYR B 58 43.25 4.81 11.85
N ARG B 59 42.75 3.58 11.66
CA ARG B 59 41.62 3.10 12.44
C ARG B 59 41.98 2.91 13.91
N GLN B 60 43.19 2.38 14.18
CA GLN B 60 43.77 2.28 15.55
C GLN B 60 43.81 3.63 16.25
N LEU B 61 44.30 4.66 15.54
CA LEU B 61 44.43 6.04 16.03
C LEU B 61 43.08 6.52 16.59
N LEU B 62 41.99 6.32 15.82
CA LEU B 62 40.64 6.69 16.23
C LEU B 62 40.15 5.83 17.39
N LEU B 63 40.40 4.50 17.34
CA LEU B 63 39.81 3.57 18.30
C LEU B 63 40.49 3.59 19.66
N THR B 64 41.74 4.04 19.71
CA THR B 64 42.56 4.02 20.92
C THR B 64 42.86 5.44 21.43
N ALA B 65 42.05 6.45 21.02
CA ALA B 65 42.16 7.78 21.60
C ALA B 65 41.89 7.70 23.13
N ASP B 66 42.36 8.70 23.92
CA ASP B 66 42.34 8.61 25.39
C ASP B 66 40.92 8.50 25.98
N ASP B 67 40.83 8.15 27.28
CA ASP B 67 39.56 7.86 27.97
C ASP B 67 38.52 8.98 28.03
N ARG B 68 38.88 10.21 27.61
CA ARG B 68 37.89 11.29 27.49
C ARG B 68 36.82 10.97 26.46
N VAL B 69 37.17 10.21 25.39
CA VAL B 69 36.17 9.73 24.42
C VAL B 69 35.13 8.78 24.99
N ASN B 70 35.46 7.96 26.03
CA ASN B 70 34.57 6.89 26.52
C ASN B 70 33.12 7.33 26.78
N PRO B 71 32.86 8.41 27.57
CA PRO B 71 31.46 8.85 27.71
C PRO B 71 30.80 9.44 26.46
N CYS B 72 31.57 9.69 25.38
CA CYS B 72 31.08 10.35 24.14
C CYS B 72 30.60 9.32 23.11
N ILE B 73 31.19 8.13 23.13
CA ILE B 73 31.03 7.14 22.06
C ILE B 73 30.30 5.91 22.56
N GLY B 74 29.06 5.74 22.11
CA GLY B 74 28.24 4.58 22.42
C GLY B 74 28.41 3.45 21.42
N GLY B 75 28.77 3.81 20.19
CA GLY B 75 28.93 2.84 19.12
C GLY B 75 30.01 3.24 18.13
N VAL B 76 30.70 2.25 17.57
CA VAL B 76 31.65 2.46 16.46
C VAL B 76 31.27 1.49 15.33
N ILE B 77 30.98 2.04 14.14
CA ILE B 77 30.69 1.21 12.97
C ILE B 77 31.93 1.03 12.13
N LEU B 78 32.18 -0.22 11.79
CA LEU B 78 33.34 -0.65 11.04
C LEU B 78 32.92 -1.21 9.71
N PHE B 79 33.84 -1.09 8.75
CA PHE B 79 33.82 -1.82 7.49
C PHE B 79 34.39 -3.23 7.76
N HIS B 80 34.00 -4.22 6.93
CA HIS B 80 34.35 -5.65 7.07
C HIS B 80 35.83 -5.90 7.46
N GLU B 81 36.78 -5.32 6.68
CA GLU B 81 38.23 -5.50 6.88
C GLU B 81 38.66 -5.16 8.31
N THR B 82 38.19 -3.99 8.81
CA THR B 82 38.57 -3.43 10.12
C THR B 82 38.11 -4.30 11.29
N LEU B 83 36.93 -4.96 11.13
CA LEU B 83 36.38 -5.86 12.14
C LEU B 83 37.37 -6.97 12.48
N TYR B 84 38.21 -7.37 11.51
CA TYR B 84 39.18 -8.43 11.65
C TYR B 84 40.61 -7.95 11.86
N GLN B 85 40.80 -6.62 11.98
CA GLN B 85 42.14 -6.09 12.25
C GLN B 85 42.43 -6.01 13.75
N LYS B 86 43.71 -5.88 14.11
CA LYS B 86 44.18 -5.80 15.49
C LYS B 86 44.95 -4.51 15.78
N ALA B 87 44.86 -4.04 17.04
CA ALA B 87 45.71 -2.97 17.56
C ALA B 87 47.15 -3.50 17.76
N ASP B 88 48.10 -2.59 17.98
CA ASP B 88 49.51 -2.93 18.17
C ASP B 88 49.79 -3.92 19.30
N ASP B 89 48.97 -3.88 20.38
CA ASP B 89 49.07 -4.83 21.50
C ASP B 89 48.49 -6.23 21.19
N GLY B 90 48.01 -6.42 19.96
CA GLY B 90 47.39 -7.68 19.52
C GLY B 90 45.89 -7.79 19.75
N ARG B 91 45.28 -6.81 20.45
CA ARG B 91 43.84 -6.87 20.71
C ARG B 91 43.04 -6.67 19.45
N PRO B 92 42.09 -7.60 19.14
CA PRO B 92 41.13 -7.33 18.07
C PRO B 92 40.45 -5.98 18.26
N PHE B 93 40.27 -5.22 17.17
CA PHE B 93 39.55 -3.95 17.21
C PHE B 93 38.19 -4.01 17.90
N PRO B 94 37.32 -5.05 17.69
CA PRO B 94 36.06 -5.10 18.48
C PRO B 94 36.29 -5.07 20.00
N GLN B 95 37.37 -5.74 20.46
CA GLN B 95 37.73 -5.78 21.89
C GLN B 95 38.21 -4.42 22.39
N VAL B 96 39.00 -3.70 21.58
CA VAL B 96 39.43 -2.33 21.86
C VAL B 96 38.20 -1.42 22.07
N ILE B 97 37.24 -1.48 21.14
CA ILE B 97 36.00 -0.69 21.21
C ILE B 97 35.21 -1.01 22.49
N LYS B 98 35.01 -2.31 22.77
CA LYS B 98 34.26 -2.78 23.93
C LYS B 98 34.89 -2.35 25.26
N SER B 99 36.21 -2.46 25.38
CA SER B 99 36.95 -2.09 26.60
C SER B 99 36.78 -0.60 26.98
N LYS B 100 36.51 0.27 25.98
CA LYS B 100 36.22 1.69 26.16
C LYS B 100 34.69 1.98 26.33
N GLY B 101 33.89 0.92 26.44
CA GLY B 101 32.43 1.02 26.65
C GLY B 101 31.62 1.28 25.40
N GLY B 102 32.18 1.00 24.23
CA GLY B 102 31.46 1.12 22.97
C GLY B 102 30.86 -0.18 22.48
N VAL B 103 29.74 -0.09 21.78
CA VAL B 103 29.13 -1.22 21.06
C VAL B 103 29.76 -1.25 19.66
N VAL B 104 30.08 -2.45 19.15
CA VAL B 104 30.66 -2.59 17.81
C VAL B 104 29.55 -2.74 16.72
N GLY B 105 29.65 -1.95 15.66
CA GLY B 105 28.76 -2.06 14.51
C GLY B 105 29.44 -2.50 13.22
N ILE B 106 28.65 -3.02 12.29
CA ILE B 106 29.15 -3.50 10.99
C ILE B 106 28.27 -3.02 9.85
N LYS B 107 28.86 -2.41 8.82
CA LYS B 107 28.15 -2.10 7.58
C LYS B 107 27.92 -3.38 6.79
N VAL B 108 26.63 -3.72 6.54
CA VAL B 108 26.25 -5.01 5.93
C VAL B 108 25.66 -4.91 4.49
N ASP B 109 25.26 -3.72 4.05
CA ASP B 109 24.71 -3.60 2.69
C ASP B 109 25.83 -3.80 1.65
N LYS B 110 25.45 -4.08 0.39
CA LYS B 110 26.37 -4.29 -0.72
C LYS B 110 26.18 -3.24 -1.81
N GLY B 111 25.77 -2.05 -1.40
CA GLY B 111 25.73 -0.88 -2.28
C GLY B 111 24.42 -0.66 -2.99
N VAL B 112 24.31 0.52 -3.63
CA VAL B 112 23.12 0.92 -4.36
C VAL B 112 23.11 0.29 -5.77
N VAL B 113 21.92 0.03 -6.29
CA VAL B 113 21.74 -0.48 -7.65
C VAL B 113 20.66 0.36 -8.35
N PRO B 114 20.76 0.57 -9.68
CA PRO B 114 19.74 1.40 -10.35
C PRO B 114 18.36 0.74 -10.41
N LEU B 115 17.31 1.55 -10.17
CA LEU B 115 15.93 1.14 -10.44
C LEU B 115 15.57 1.48 -11.89
N ALA B 116 15.33 0.46 -12.73
CA ALA B 116 14.96 0.70 -14.13
C ALA B 116 13.60 1.42 -14.22
N GLY B 117 13.49 2.32 -15.19
CA GLY B 117 12.28 3.11 -15.39
C GLY B 117 12.15 4.32 -14.50
N THR B 118 13.20 4.63 -13.74
CA THR B 118 13.22 5.81 -12.87
C THR B 118 14.23 6.82 -13.40
N ASN B 119 14.13 8.05 -12.92
CA ASN B 119 15.09 9.10 -13.26
C ASN B 119 16.35 9.01 -12.39
N GLY B 120 17.21 8.03 -12.65
CA GLY B 120 18.46 7.83 -11.93
C GLY B 120 18.32 7.44 -10.46
N GLU B 121 17.17 6.88 -10.06
CA GLU B 121 16.97 6.43 -8.68
C GLU B 121 17.52 5.04 -8.39
N THR B 122 17.78 4.76 -7.12
CA THR B 122 18.38 3.48 -6.71
C THR B 122 17.58 2.76 -5.65
N THR B 123 17.83 1.44 -5.54
CA THR B 123 17.59 0.67 -4.33
C THR B 123 18.93 0.16 -3.82
N THR B 124 18.92 -0.62 -2.74
CA THR B 124 20.15 -1.17 -2.15
C THR B 124 20.04 -2.69 -2.17
N GLN B 125 21.15 -3.35 -2.47
CA GLN B 125 21.30 -4.80 -2.41
C GLN B 125 22.16 -5.20 -1.20
N GLY B 126 22.19 -6.50 -0.91
CA GLY B 126 22.90 -7.05 0.26
C GLY B 126 22.11 -8.04 1.09
N LEU B 127 20.87 -8.42 0.68
CA LEU B 127 20.07 -9.40 1.45
C LEU B 127 20.54 -10.84 1.33
N ASP B 128 21.28 -11.20 0.27
CA ASP B 128 21.57 -12.62 0.01
C ASP B 128 22.60 -13.15 0.99
N GLY B 129 22.22 -14.22 1.68
CA GLY B 129 23.00 -14.81 2.78
C GLY B 129 23.24 -13.88 3.96
N LEU B 130 22.42 -12.80 4.10
CA LEU B 130 22.55 -11.80 5.17
C LEU B 130 22.40 -12.42 6.57
N SER B 131 21.52 -13.41 6.70
CA SER B 131 21.32 -14.12 7.97
C SER B 131 22.59 -14.77 8.47
N GLU B 132 23.29 -15.53 7.61
CA GLU B 132 24.54 -16.23 7.98
C GLU B 132 25.65 -15.21 8.23
N ARG B 133 25.68 -14.10 7.45
CA ARG B 133 26.64 -13.01 7.67
C ARG B 133 26.49 -12.36 9.06
N CYS B 134 25.23 -12.03 9.44
CA CYS B 134 24.86 -11.51 10.76
C CYS B 134 25.24 -12.43 11.91
N ALA B 135 24.91 -13.72 11.81
CA ALA B 135 25.26 -14.71 12.83
C ALA B 135 26.79 -14.77 13.04
N GLN B 136 27.59 -14.68 11.94
CA GLN B 136 29.04 -14.67 12.00
C GLN B 136 29.58 -13.36 12.62
N TYR B 137 29.07 -12.21 12.16
CA TYR B 137 29.42 -10.90 12.72
C TYR B 137 29.14 -10.80 14.23
N LYS B 138 27.99 -11.37 14.65
CA LYS B 138 27.60 -11.44 16.06
C LYS B 138 28.66 -12.20 16.89
N LYS B 139 29.11 -13.38 16.39
CA LYS B 139 30.15 -14.20 17.03
C LYS B 139 31.47 -13.43 17.10
N ASP B 140 31.76 -12.64 16.05
CA ASP B 140 32.96 -11.83 15.90
C ASP B 140 32.92 -10.48 16.64
N GLY B 141 31.85 -10.24 17.40
CA GLY B 141 31.78 -9.12 18.34
C GLY B 141 30.94 -7.92 17.95
N ALA B 142 30.25 -7.96 16.79
CA ALA B 142 29.34 -6.86 16.38
C ALA B 142 27.96 -7.05 17.01
N ASP B 143 27.31 -5.95 17.44
CA ASP B 143 25.93 -6.04 18.01
C ASP B 143 24.92 -5.15 17.28
N PHE B 144 25.41 -4.32 16.32
CA PHE B 144 24.54 -3.51 15.47
C PHE B 144 25.03 -3.45 14.02
N ALA B 145 24.12 -3.11 13.10
CA ALA B 145 24.46 -3.06 11.68
C ALA B 145 24.02 -1.76 11.06
N LYS B 146 24.56 -1.50 9.86
CA LYS B 146 24.20 -0.36 9.03
C LYS B 146 23.84 -0.85 7.64
N TRP B 147 22.76 -0.28 7.09
CA TRP B 147 22.33 -0.49 5.72
C TRP B 147 21.89 0.85 5.18
N ARG B 148 22.54 1.30 4.11
CA ARG B 148 22.27 2.64 3.57
C ARG B 148 21.40 2.58 2.31
N CYS B 149 20.22 3.22 2.37
CA CYS B 149 19.36 3.51 1.23
C CYS B 149 19.47 4.97 0.87
N VAL B 150 19.38 5.28 -0.42
CA VAL B 150 19.60 6.64 -0.90
C VAL B 150 18.40 7.12 -1.67
N LEU B 151 17.86 8.30 -1.28
CA LEU B 151 16.81 8.97 -2.05
C LEU B 151 17.23 10.37 -2.41
N LYS B 152 16.83 10.84 -3.60
CA LYS B 152 17.19 12.16 -4.09
C LYS B 152 15.99 13.04 -4.36
N ILE B 153 16.10 14.30 -3.97
CA ILE B 153 15.03 15.28 -4.24
C ILE B 153 15.34 15.89 -5.60
N GLY B 154 14.40 15.77 -6.51
CA GLY B 154 14.47 16.34 -7.84
C GLY B 154 13.07 16.58 -8.38
N GLU B 155 12.96 16.76 -9.70
CA GLU B 155 11.69 17.16 -10.31
C GLU B 155 10.61 16.10 -10.17
N HIS B 156 10.97 14.82 -10.44
CA HIS B 156 10.04 13.68 -10.33
C HIS B 156 10.49 12.69 -9.26
N THR B 157 11.43 13.09 -8.39
CA THR B 157 12.05 12.22 -7.39
C THR B 157 11.94 12.80 -5.95
N PRO B 158 11.86 11.94 -4.91
CA PRO B 158 11.74 10.46 -4.98
C PRO B 158 10.38 9.99 -5.53
N SER B 159 10.41 9.03 -6.44
CA SER B 159 9.18 8.48 -7.02
C SER B 159 8.49 7.53 -6.03
N ALA B 160 7.20 7.23 -6.28
CA ALA B 160 6.44 6.24 -5.50
C ALA B 160 7.20 4.89 -5.46
N LEU B 161 7.75 4.43 -6.59
CA LEU B 161 8.51 3.19 -6.64
C LEU B 161 9.73 3.24 -5.71
N ALA B 162 10.56 4.29 -5.81
CA ALA B 162 11.78 4.41 -5.04
C ALA B 162 11.52 4.43 -3.53
N ILE B 163 10.49 5.17 -3.09
CA ILE B 163 10.08 5.23 -1.68
C ILE B 163 9.65 3.83 -1.18
N MET B 164 8.69 3.18 -1.88
CA MET B 164 8.11 1.88 -1.55
C MET B 164 9.23 0.83 -1.49
N GLU B 165 10.07 0.79 -2.55
CA GLU B 165 11.11 -0.22 -2.69
C GLU B 165 12.22 -0.06 -1.63
N ASN B 166 12.68 1.18 -1.36
CA ASN B 166 13.72 1.37 -0.35
C ASN B 166 13.21 1.09 1.06
N ALA B 167 11.95 1.49 1.36
CA ALA B 167 11.28 1.17 2.63
C ALA B 167 11.18 -0.36 2.82
N ASN B 168 10.78 -1.08 1.75
CA ASN B 168 10.66 -2.54 1.80
C ASN B 168 12.00 -3.26 2.07
N VAL B 169 13.07 -2.82 1.39
CA VAL B 169 14.40 -3.43 1.55
C VAL B 169 15.01 -3.14 2.93
N LEU B 170 14.78 -1.92 3.47
CA LEU B 170 15.12 -1.59 4.85
C LEU B 170 14.42 -2.51 5.86
N ALA B 171 13.13 -2.81 5.61
CA ALA B 171 12.40 -3.68 6.50
C ALA B 171 12.87 -5.16 6.43
N ARG B 172 13.19 -5.66 5.24
CA ARG B 172 13.77 -7.00 5.04
C ARG B 172 15.12 -7.14 5.79
N TYR B 173 16.00 -6.15 5.62
CA TYR B 173 17.30 -6.10 6.27
C TYR B 173 17.15 -6.06 7.81
N ALA B 174 16.23 -5.22 8.32
CA ALA B 174 15.98 -5.07 9.75
C ALA B 174 15.49 -6.39 10.39
N SER B 175 14.64 -7.10 9.65
CA SER B 175 14.02 -8.36 10.07
C SER B 175 15.12 -9.42 10.24
N ILE B 176 16.00 -9.55 9.24
CA ILE B 176 17.13 -10.48 9.25
C ILE B 176 18.10 -10.16 10.40
N CYS B 177 18.45 -8.88 10.61
CA CYS B 177 19.30 -8.44 11.74
C CYS B 177 18.73 -8.91 13.07
N GLN B 178 17.42 -8.62 13.30
CA GLN B 178 16.80 -8.91 14.58
C GLN B 178 16.72 -10.39 14.89
N GLN B 179 16.60 -11.27 13.88
CA GLN B 179 16.64 -12.73 14.08
C GLN B 179 17.99 -13.23 14.56
N ASN B 180 19.04 -12.42 14.36
CA ASN B 180 20.41 -12.80 14.69
C ASN B 180 21.00 -11.98 15.86
N GLY B 181 20.15 -11.27 16.62
CA GLY B 181 20.56 -10.48 17.77
C GLY B 181 21.37 -9.24 17.43
N ILE B 182 21.19 -8.74 16.20
CA ILE B 182 21.86 -7.53 15.71
C ILE B 182 20.82 -6.39 15.66
N VAL B 183 21.11 -5.26 16.36
CA VAL B 183 20.33 -4.03 16.19
C VAL B 183 20.50 -3.42 14.78
N PRO B 184 19.42 -3.34 13.98
CA PRO B 184 19.55 -2.66 12.67
C PRO B 184 19.40 -1.14 12.83
N ILE B 185 20.39 -0.40 12.35
CA ILE B 185 20.20 1.04 12.10
C ILE B 185 19.53 1.16 10.73
N VAL B 186 18.35 1.76 10.73
CA VAL B 186 17.57 1.97 9.52
C VAL B 186 18.00 3.32 8.97
N GLU B 187 18.64 3.33 7.79
CA GLU B 187 19.20 4.54 7.17
C GLU B 187 18.52 4.92 5.83
N PRO B 188 17.43 5.75 5.88
CA PRO B 188 16.86 6.27 4.63
C PRO B 188 17.44 7.67 4.37
N GLU B 189 18.57 7.71 3.67
CA GLU B 189 19.32 8.94 3.45
C GLU B 189 18.71 9.72 2.31
N ILE B 190 18.09 10.86 2.63
CA ILE B 190 17.60 11.83 1.65
C ILE B 190 18.73 12.82 1.41
N LEU B 191 19.28 12.83 0.19
CA LEU B 191 20.44 13.66 -0.16
C LEU B 191 20.13 15.14 -0.09
N PRO B 192 21.06 15.93 0.50
CA PRO B 192 20.94 17.40 0.42
C PRO B 192 21.31 17.99 -0.95
N ASP B 193 21.47 17.16 -1.98
CA ASP B 193 21.84 17.63 -3.32
C ASP B 193 20.69 18.35 -4.01
N GLY B 194 20.97 19.53 -4.55
CA GLY B 194 20.00 20.30 -5.33
C GLY B 194 19.63 21.65 -4.77
N ASP B 195 18.70 22.33 -5.43
CA ASP B 195 18.32 23.69 -5.07
C ASP B 195 16.94 23.79 -4.39
N HIS B 196 16.45 22.66 -3.82
CA HIS B 196 15.17 22.67 -3.09
C HIS B 196 15.34 23.45 -1.78
N ASP B 197 14.25 24.05 -1.30
CA ASP B 197 14.25 24.80 -0.04
C ASP B 197 13.98 23.87 1.18
N LEU B 198 13.97 24.46 2.40
CA LEU B 198 13.75 23.75 3.66
C LEU B 198 12.38 23.04 3.70
N LYS B 199 11.31 23.71 3.24
CA LYS B 199 9.93 23.19 3.18
C LYS B 199 9.84 21.91 2.39
N ARG B 200 10.48 21.88 1.19
CA ARG B 200 10.47 20.72 0.29
C ARG B 200 11.18 19.52 0.95
N CYS B 201 12.34 19.75 1.58
CA CYS B 201 13.03 18.69 2.32
C CYS B 201 12.16 18.15 3.46
N GLN B 202 11.52 19.05 4.23
CA GLN B 202 10.65 18.62 5.32
C GLN B 202 9.50 17.74 4.83
N TYR B 203 8.88 18.14 3.72
CA TYR B 203 7.78 17.41 3.10
C TYR B 203 8.24 16.02 2.64
N VAL B 204 9.35 15.95 1.93
CA VAL B 204 9.93 14.69 1.47
C VAL B 204 10.35 13.78 2.66
N THR B 205 11.02 14.34 3.69
CA THR B 205 11.39 13.58 4.90
C THR B 205 10.15 12.93 5.54
N GLU B 206 9.07 13.72 5.71
CA GLU B 206 7.81 13.26 6.29
C GLU B 206 7.21 12.14 5.47
N LYS B 207 7.24 12.24 4.13
CA LYS B 207 6.68 11.18 3.29
C LYS B 207 7.52 9.89 3.33
N VAL B 208 8.84 10.06 3.29
CA VAL B 208 9.77 8.92 3.30
C VAL B 208 9.66 8.17 4.64
N LEU B 209 9.72 8.90 5.76
CA LEU B 209 9.66 8.30 7.09
C LEU B 209 8.33 7.64 7.37
N ALA B 210 7.22 8.22 6.90
CA ALA B 210 5.93 7.52 7.02
C ALA B 210 5.96 6.15 6.30
N ALA B 211 6.50 6.11 5.08
CA ALA B 211 6.60 4.86 4.32
C ALA B 211 7.56 3.84 4.96
N VAL B 212 8.69 4.34 5.51
CA VAL B 212 9.64 3.53 6.29
C VAL B 212 8.95 2.84 7.49
N TYR B 213 8.21 3.60 8.31
CA TYR B 213 7.57 3.02 9.48
C TYR B 213 6.41 2.10 9.19
N LYS B 214 5.68 2.35 8.09
CA LYS B 214 4.66 1.41 7.62
C LYS B 214 5.28 0.07 7.21
N ALA B 215 6.40 0.13 6.44
CA ALA B 215 7.11 -1.08 6.00
C ALA B 215 7.63 -1.88 7.19
N LEU B 216 8.22 -1.22 8.20
CA LEU B 216 8.74 -1.89 9.39
C LEU B 216 7.59 -2.56 10.17
N SER B 217 6.39 -1.93 10.18
CA SER B 217 5.22 -2.53 10.83
C SER B 217 4.77 -3.78 10.07
N ASP B 218 4.65 -3.67 8.71
CA ASP B 218 4.27 -4.77 7.84
C ASP B 218 5.19 -6.02 7.99
N HIS B 219 6.49 -5.79 8.18
CA HIS B 219 7.52 -6.82 8.34
C HIS B 219 7.79 -7.22 9.80
N HIS B 220 6.93 -6.74 10.77
CA HIS B 220 6.94 -7.14 12.19
C HIS B 220 8.24 -6.74 12.91
N ILE B 221 8.82 -5.58 12.54
CA ILE B 221 10.04 -5.08 13.16
C ILE B 221 9.76 -4.59 14.57
N TYR B 222 10.62 -4.99 15.52
CA TYR B 222 10.59 -4.55 16.91
C TYR B 222 11.35 -3.20 17.01
N LEU B 223 10.58 -2.10 17.11
CA LEU B 223 11.08 -0.72 17.03
C LEU B 223 12.08 -0.33 18.12
N GLU B 224 11.83 -0.85 19.34
CA GLU B 224 12.69 -0.64 20.51
C GLU B 224 14.13 -1.18 20.30
N GLY B 225 14.27 -2.20 19.44
CA GLY B 225 15.56 -2.78 19.06
C GLY B 225 16.06 -2.26 17.72
N THR B 226 15.70 -1.00 17.36
CA THR B 226 16.15 -0.33 16.13
C THR B 226 16.61 1.07 16.44
N LEU B 227 17.38 1.65 15.51
CA LEU B 227 17.71 3.07 15.51
C LEU B 227 17.41 3.62 14.10
N LEU B 228 17.22 4.93 14.01
CA LEU B 228 16.99 5.63 12.75
C LEU B 228 18.18 6.53 12.45
N LYS B 229 18.69 6.49 11.21
CA LYS B 229 19.83 7.30 10.76
C LYS B 229 19.43 8.15 9.53
N PRO B 230 18.81 9.33 9.76
CA PRO B 230 18.47 10.20 8.63
C PRO B 230 19.42 11.39 8.54
N ASN B 231 19.34 12.10 7.41
CA ASN B 231 19.83 13.47 7.36
C ASN B 231 18.94 14.37 8.19
N MET B 232 19.53 15.46 8.68
CA MET B 232 18.78 16.58 9.21
C MET B 232 17.92 17.19 8.08
N VAL B 233 16.82 17.82 8.44
CA VAL B 233 16.03 18.54 7.45
C VAL B 233 16.70 19.90 7.21
N THR B 234 17.23 20.10 5.99
CA THR B 234 17.96 21.32 5.60
C THR B 234 17.50 21.71 4.20
N PRO B 235 17.72 22.98 3.71
CA PRO B 235 17.59 23.24 2.26
C PRO B 235 18.61 22.40 1.50
N GLY B 236 18.44 22.27 0.18
CA GLY B 236 19.48 21.68 -0.66
C GLY B 236 20.72 22.55 -0.67
N HIS B 237 21.91 21.95 -0.88
CA HIS B 237 23.17 22.68 -0.85
C HIS B 237 23.35 23.73 -1.95
N ALA B 238 22.53 23.68 -3.00
CA ALA B 238 22.53 24.69 -4.07
C ALA B 238 21.40 25.73 -3.85
N CYS B 239 20.54 25.55 -2.81
CA CYS B 239 19.56 26.56 -2.42
C CYS B 239 20.28 27.82 -1.87
N THR B 240 19.84 28.99 -2.29
CA THR B 240 20.44 30.25 -1.84
C THR B 240 19.73 30.90 -0.63
N GLN B 241 18.55 30.36 -0.26
CA GLN B 241 17.85 30.81 0.93
C GLN B 241 18.64 30.37 2.16
N LYS B 242 18.91 31.32 3.05
CA LYS B 242 19.64 31.13 4.31
C LYS B 242 18.65 30.86 5.46
N TYR B 243 19.00 29.95 6.37
CA TYR B 243 18.17 29.56 7.50
C TYR B 243 19.00 29.58 8.76
N SER B 244 18.37 29.88 9.90
CA SER B 244 19.07 29.79 11.18
C SER B 244 19.19 28.32 11.62
N HIS B 245 20.04 28.06 12.62
CA HIS B 245 20.17 26.74 13.20
C HIS B 245 18.85 26.30 13.85
N GLU B 246 18.13 27.26 14.46
CA GLU B 246 16.85 27.04 15.13
C GLU B 246 15.77 26.65 14.13
N GLU B 247 15.82 27.18 12.89
CA GLU B 247 14.90 26.80 11.80
C GLU B 247 15.15 25.39 11.32
N ILE B 248 16.43 25.01 11.14
CA ILE B 248 16.82 23.64 10.81
C ILE B 248 16.36 22.67 11.88
N ALA B 249 16.58 23.04 13.16
CA ALA B 249 16.14 22.26 14.33
C ALA B 249 14.64 22.08 14.34
N MET B 250 13.88 23.15 14.12
CA MET B 250 12.42 23.09 14.14
C MET B 250 11.87 22.18 13.02
N ALA B 251 12.39 22.33 11.79
CA ALA B 251 11.98 21.53 10.65
C ALA B 251 12.35 20.06 10.86
N THR B 252 13.51 19.79 11.46
CA THR B 252 13.97 18.40 11.72
C THR B 252 13.10 17.74 12.76
N VAL B 253 12.93 18.40 13.91
CA VAL B 253 12.17 17.86 15.04
C VAL B 253 10.69 17.68 14.66
N THR B 254 10.11 18.66 13.95
CA THR B 254 8.74 18.57 13.44
C THR B 254 8.54 17.33 12.50
N ALA B 255 9.44 17.14 11.52
CA ALA B 255 9.38 16.00 10.62
C ALA B 255 9.42 14.67 11.39
N LEU B 256 10.32 14.55 12.39
CA LEU B 256 10.46 13.31 13.17
C LEU B 256 9.26 13.11 14.08
N ARG B 257 8.75 14.19 14.71
CA ARG B 257 7.56 14.10 15.56
C ARG B 257 6.32 13.63 14.79
N ARG B 258 6.25 13.91 13.49
CA ARG B 258 5.07 13.60 12.68
C ARG B 258 5.11 12.18 12.12
N THR B 259 6.23 11.47 12.29
CA THR B 259 6.43 10.20 11.59
C THR B 259 7.08 9.10 12.42
N VAL B 260 7.89 9.45 13.42
CA VAL B 260 8.73 8.44 14.08
C VAL B 260 8.05 7.98 15.38
N PRO B 261 7.56 6.72 15.49
CA PRO B 261 6.88 6.30 16.73
C PRO B 261 7.78 6.44 17.97
N PRO B 262 7.25 6.86 19.13
CA PRO B 262 8.11 6.98 20.33
C PRO B 262 8.90 5.72 20.73
N ALA B 263 8.44 4.52 20.37
CA ALA B 263 9.13 3.25 20.64
C ALA B 263 10.55 3.16 20.04
N VAL B 264 10.81 3.90 18.94
CA VAL B 264 12.15 3.94 18.31
C VAL B 264 13.13 4.47 19.35
N THR B 265 14.21 3.70 19.61
CA THR B 265 15.13 4.00 20.71
C THR B 265 15.90 5.30 20.49
N GLY B 266 16.26 5.57 19.25
CA GLY B 266 17.06 6.75 18.98
C GLY B 266 17.25 7.08 17.52
N VAL B 267 17.58 8.36 17.28
CA VAL B 267 17.84 8.93 15.98
C VAL B 267 19.32 9.36 15.99
N THR B 268 20.11 8.82 15.07
CA THR B 268 21.56 9.08 14.97
C THR B 268 21.77 9.79 13.64
N PHE B 269 21.85 11.11 13.68
CA PHE B 269 21.91 11.93 12.47
C PHE B 269 23.17 11.78 11.67
N LEU B 270 23.00 11.77 10.34
CA LEU B 270 24.11 11.99 9.42
C LEU B 270 24.48 13.48 9.44
N SER B 271 25.72 13.80 9.02
CA SER B 271 26.15 15.21 8.94
C SER B 271 25.71 15.93 7.65
N GLY B 272 25.32 15.20 6.62
CA GLY B 272 24.80 15.75 5.36
C GLY B 272 25.59 16.88 4.71
N GLY B 273 26.90 16.72 4.61
CA GLY B 273 27.78 17.69 3.97
C GLY B 273 28.05 18.95 4.77
N GLN B 274 27.73 18.92 6.08
CA GLN B 274 27.93 20.06 6.97
C GLN B 274 29.37 20.07 7.41
N SER B 275 29.88 21.25 7.86
CA SER B 275 31.22 21.31 8.46
C SER B 275 31.21 20.60 9.83
N GLU B 276 32.40 20.23 10.33
CA GLU B 276 32.56 19.61 11.65
C GLU B 276 31.80 20.38 12.72
N GLU B 277 32.03 21.69 12.78
CA GLU B 277 31.45 22.55 13.79
C GLU B 277 29.95 22.78 13.60
N GLU B 278 29.52 23.00 12.33
CA GLU B 278 28.10 23.19 11.96
C GLU B 278 27.26 21.97 12.37
N ALA B 279 27.77 20.75 12.17
CA ALA B 279 27.04 19.54 12.51
C ALA B 279 26.83 19.43 14.03
N SER B 280 27.79 19.94 14.82
CA SER B 280 27.65 20.02 16.29
C SER B 280 26.59 21.05 16.70
N ILE B 281 26.63 22.24 16.11
CA ILE B 281 25.71 23.35 16.39
C ILE B 281 24.27 22.96 16.04
N ASN B 282 24.08 22.33 14.88
CA ASN B 282 22.77 21.85 14.42
C ASN B 282 22.23 20.74 15.30
N LEU B 283 23.08 19.79 15.70
CA LEU B 283 22.65 18.72 16.61
C LEU B 283 22.22 19.29 17.98
N ASN B 284 22.98 20.32 18.46
CA ASN B 284 22.67 21.04 19.69
C ASN B 284 21.33 21.76 19.62
N ALA B 285 21.09 22.55 18.55
CA ALA B 285 19.83 23.28 18.32
C ALA B 285 18.64 22.29 18.30
N ILE B 286 18.82 21.09 17.68
CA ILE B 286 17.83 20.01 17.66
C ILE B 286 17.44 19.59 19.09
N ASN B 287 18.45 19.39 19.96
CA ASN B 287 18.26 18.98 21.35
C ASN B 287 17.70 20.09 22.23
N LYS B 288 17.83 21.36 21.79
CA LYS B 288 17.27 22.49 22.54
C LYS B 288 15.89 22.88 22.03
N CYS B 289 15.45 22.27 20.89
CA CYS B 289 14.16 22.60 20.28
C CYS B 289 13.03 22.46 21.31
N PRO B 290 12.21 23.52 21.53
CA PRO B 290 11.17 23.47 22.58
C PRO B 290 9.93 22.65 22.19
N LEU B 291 10.14 21.46 21.65
CA LEU B 291 9.07 20.51 21.36
C LEU B 291 9.45 19.22 22.05
N LEU B 292 8.47 18.40 22.40
CA LEU B 292 8.73 17.11 23.04
C LEU B 292 9.40 16.15 22.05
N LYS B 293 10.54 15.57 22.47
CA LYS B 293 11.38 14.68 21.66
C LYS B 293 11.50 13.32 22.40
N PRO B 294 10.63 12.33 22.08
CA PRO B 294 10.58 11.11 22.89
C PRO B 294 11.67 10.07 22.62
N TRP B 295 12.65 10.41 21.80
CA TRP B 295 13.76 9.51 21.44
C TRP B 295 15.06 10.26 21.65
N ALA B 296 16.18 9.53 21.90
CA ALA B 296 17.52 10.11 21.85
C ALA B 296 17.78 10.73 20.46
N LEU B 297 18.33 11.95 20.46
CA LEU B 297 18.71 12.70 19.25
C LEU B 297 20.21 12.92 19.27
N THR B 298 20.91 12.08 18.51
CA THR B 298 22.37 12.05 18.60
C THR B 298 23.04 12.00 17.22
N PHE B 299 24.33 11.66 17.18
CA PHE B 299 25.15 11.71 15.97
C PHE B 299 25.57 10.30 15.56
N SER B 300 25.63 10.08 14.23
CA SER B 300 26.42 9.00 13.63
C SER B 300 27.27 9.69 12.56
N TYR B 301 28.45 10.19 12.97
CA TYR B 301 29.28 11.07 12.13
C TYR B 301 30.56 10.35 11.70
N GLY B 302 30.91 10.52 10.43
CA GLY B 302 32.16 10.00 9.86
C GLY B 302 33.17 11.11 9.71
N ARG B 303 33.15 11.78 8.54
CA ARG B 303 33.92 12.98 8.22
C ARG B 303 33.79 14.06 9.31
N ALA B 304 32.55 14.28 9.83
CA ALA B 304 32.29 15.29 10.84
C ALA B 304 32.99 15.01 12.21
N LEU B 305 33.45 13.77 12.45
CA LEU B 305 34.28 13.41 13.60
C LEU B 305 35.78 13.30 13.27
N GLN B 306 36.11 13.10 11.99
CA GLN B 306 37.43 12.63 11.54
C GLN B 306 38.26 13.65 10.77
N ALA B 307 37.60 14.62 10.09
CA ALA B 307 38.27 15.49 9.09
C ALA B 307 39.57 16.16 9.61
N SER B 308 39.50 16.78 10.80
CA SER B 308 40.64 17.45 11.42
C SER B 308 41.67 16.43 11.94
N ALA B 309 41.20 15.27 12.47
CA ALA B 309 42.09 14.20 12.95
C ALA B 309 42.95 13.65 11.82
N LEU B 310 42.33 13.39 10.65
CA LEU B 310 43.01 12.89 9.45
C LEU B 310 44.13 13.86 9.01
N LYS B 311 43.81 15.18 8.94
CA LYS B 311 44.78 16.20 8.52
C LYS B 311 45.90 16.36 9.54
N ALA B 312 45.56 16.37 10.84
CA ALA B 312 46.54 16.52 11.92
C ALA B 312 47.50 15.32 11.97
N TRP B 313 47.06 14.12 11.56
CA TRP B 313 47.92 12.95 11.44
C TRP B 313 48.88 13.08 10.26
N GLY B 314 48.33 13.28 9.07
CA GLY B 314 49.13 13.45 7.85
C GLY B 314 50.05 12.28 7.51
N GLY B 315 49.69 11.07 8.00
CA GLY B 315 50.46 9.84 7.80
C GLY B 315 51.70 9.70 8.66
N LYS B 316 51.94 10.66 9.57
CA LYS B 316 53.15 10.68 10.41
C LYS B 316 52.88 10.11 11.79
N LYS B 317 53.63 9.04 12.16
CA LYS B 317 53.53 8.35 13.45
C LYS B 317 53.69 9.30 14.63
N GLU B 318 54.60 10.30 14.50
CA GLU B 318 54.91 11.35 15.49
C GLU B 318 53.68 12.19 15.81
N ASN B 319 52.72 12.26 14.89
CA ASN B 319 51.51 13.09 15.00
C ASN B 319 50.33 12.37 15.63
N LEU B 320 50.54 11.14 16.14
CA LEU B 320 49.47 10.31 16.71
C LEU B 320 48.63 11.08 17.74
N LYS B 321 49.29 11.67 18.75
CA LYS B 321 48.59 12.37 19.83
C LYS B 321 47.84 13.60 19.36
N ALA B 322 48.45 14.43 18.48
CA ALA B 322 47.78 15.64 17.95
C ALA B 322 46.54 15.29 17.14
N ALA B 323 46.62 14.22 16.32
CA ALA B 323 45.49 13.66 15.55
C ALA B 323 44.39 13.14 16.49
N GLN B 324 44.76 12.38 17.53
CA GLN B 324 43.75 11.84 18.46
C GLN B 324 43.00 12.97 19.21
N GLU B 325 43.73 14.02 19.56
CA GLU B 325 43.27 15.23 20.19
C GLU B 325 42.19 15.94 19.35
N GLU B 326 42.37 15.98 18.01
CA GLU B 326 41.37 16.57 17.11
C GLU B 326 40.07 15.79 17.11
N TYR B 327 40.17 14.45 17.08
CA TYR B 327 39.01 13.56 17.17
C TYR B 327 38.30 13.69 18.54
N VAL B 328 39.08 13.73 19.64
CA VAL B 328 38.53 13.88 20.99
C VAL B 328 37.73 15.18 21.14
N LYS B 329 38.29 16.29 20.62
CA LYS B 329 37.61 17.59 20.61
C LYS B 329 36.21 17.51 19.97
N ARG B 330 36.10 16.84 18.80
CA ARG B 330 34.81 16.70 18.10
C ARG B 330 33.87 15.76 18.85
N ALA B 331 34.42 14.66 19.42
CA ALA B 331 33.64 13.71 20.22
C ALA B 331 33.01 14.45 21.41
N LEU B 332 33.82 15.28 22.11
CA LEU B 332 33.39 16.04 23.27
C LEU B 332 32.30 17.07 22.90
N ALA B 333 32.47 17.80 21.77
CA ALA B 333 31.52 18.80 21.27
C ALA B 333 30.17 18.13 20.95
N ASN B 334 30.22 16.97 20.27
CA ASN B 334 29.04 16.21 19.87
C ASN B 334 28.33 15.52 21.03
N SER B 335 29.11 15.06 22.03
CA SER B 335 28.56 14.58 23.31
C SER B 335 27.74 15.67 24.05
N LEU B 336 28.28 16.90 24.13
CA LEU B 336 27.50 18.01 24.69
C LEU B 336 26.29 18.35 23.82
N ALA B 337 26.47 18.33 22.49
CA ALA B 337 25.41 18.67 21.51
C ALA B 337 24.20 17.72 21.57
N CYS B 338 24.44 16.43 21.78
CA CYS B 338 23.33 15.48 21.88
C CYS B 338 22.57 15.54 23.23
N GLN B 339 22.96 16.50 24.09
CA GLN B 339 22.30 16.79 25.37
C GLN B 339 21.78 18.24 25.40
N GLY B 340 21.95 18.98 24.30
CA GLY B 340 21.59 20.39 24.22
C GLY B 340 22.46 21.27 25.10
N LYS B 341 23.73 20.88 25.32
CA LYS B 341 24.63 21.56 26.26
C LYS B 341 25.89 22.10 25.59
N TYR B 342 25.90 22.15 24.26
CA TYR B 342 27.06 22.63 23.52
C TYR B 342 26.99 24.11 23.23
N THR B 343 27.97 24.86 23.74
CA THR B 343 28.18 26.28 23.40
C THR B 343 29.59 26.43 22.85
N PRO B 344 29.78 26.72 21.55
CA PRO B 344 31.12 27.16 21.10
C PRO B 344 31.54 28.53 21.67
N LEU B 356 25.26 35.57 5.73
CA LEU B 356 26.23 36.52 5.17
C LEU B 356 27.27 35.89 4.24
N PHE B 357 27.70 34.62 4.51
CA PHE B 357 28.78 33.96 3.75
C PHE B 357 28.38 33.43 2.39
N ILE B 358 29.13 33.88 1.39
CA ILE B 358 28.98 33.47 0.01
C ILE B 358 30.34 32.89 -0.49
N SER B 359 30.35 31.59 -0.89
CA SER B 359 31.56 30.92 -1.38
C SER B 359 31.76 31.21 -2.85
N ASN B 360 32.97 31.61 -3.22
CA ASN B 360 33.28 31.89 -4.61
C ASN B 360 33.27 30.61 -5.48
N HIS B 361 33.52 29.43 -4.87
CA HIS B 361 33.45 28.12 -5.54
C HIS B 361 32.05 27.74 -6.05
N ALA B 362 30.99 28.39 -5.52
CA ALA B 362 29.62 28.21 -6.01
C ALA B 362 29.35 29.02 -7.30
N TYR B 363 30.35 29.76 -7.81
CA TYR B 363 30.20 30.55 -9.05
C TYR B 363 31.14 30.06 -10.14
N PRO C 1 6.24 13.74 -4.56
CA PRO C 1 7.31 14.42 -3.82
C PRO C 1 7.10 15.93 -3.72
N HIS C 2 5.86 16.40 -4.02
CA HIS C 2 5.55 17.82 -4.16
C HIS C 2 4.43 18.34 -3.25
N SER C 3 4.78 19.35 -2.45
CA SER C 3 3.87 20.01 -1.50
C SER C 3 2.96 21.01 -2.20
N HIS C 4 1.66 20.84 -2.00
CA HIS C 4 0.63 21.82 -2.36
C HIS C 4 -0.12 21.95 -1.05
N PRO C 5 0.35 22.78 -0.10
CA PRO C 5 -0.10 22.63 1.29
C PRO C 5 -1.62 22.67 1.46
N ALA C 6 -2.13 21.65 2.16
CA ALA C 6 -3.53 21.53 2.51
C ALA C 6 -3.98 22.73 3.36
N LEU C 7 -3.06 23.24 4.21
CA LEU C 7 -3.39 24.24 5.25
C LEU C 7 -2.38 25.35 5.32
N THR C 8 -2.85 26.59 5.57
CA THR C 8 -1.99 27.75 5.86
C THR C 8 -1.45 27.67 7.30
N PRO C 9 -0.37 28.41 7.65
CA PRO C 9 0.04 28.51 9.08
C PRO C 9 -1.07 28.91 10.04
N GLU C 10 -1.98 29.78 9.60
CA GLU C 10 -3.09 30.27 10.41
C GLU C 10 -4.14 29.16 10.63
N GLN C 11 -4.44 28.35 9.59
CA GLN C 11 -5.38 27.22 9.73
C GLN C 11 -4.79 26.16 10.66
N LYS C 12 -3.47 25.91 10.58
CA LYS C 12 -2.77 24.95 11.45
C LYS C 12 -2.84 25.37 12.91
N LYS C 13 -2.54 26.66 13.19
CA LYS C 13 -2.57 27.24 14.54
C LYS C 13 -3.93 27.05 15.18
N GLU C 14 -5.00 27.35 14.43
CA GLU C 14 -6.37 27.24 14.90
C GLU C 14 -6.70 25.77 15.27
N LEU C 15 -6.33 24.81 14.39
CA LEU C 15 -6.58 23.38 14.62
C LEU C 15 -5.77 22.86 15.79
N SER C 16 -4.47 23.21 15.85
CA SER C 16 -3.62 22.82 16.98
C SER C 16 -4.11 23.41 18.33
N ASP C 17 -4.48 24.69 18.35
CA ASP C 17 -5.05 25.35 19.55
C ASP C 17 -6.32 24.66 20.07
N ILE C 18 -7.27 24.36 19.18
CA ILE C 18 -8.49 23.60 19.49
C ILE C 18 -8.14 22.23 20.09
N ALA C 19 -7.25 21.45 19.41
CA ALA C 19 -6.90 20.09 19.85
C ALA C 19 -6.28 20.12 21.25
N HIS C 20 -5.40 21.13 21.51
CA HIS C 20 -4.72 21.32 22.80
C HIS C 20 -5.66 21.74 23.95
N ARG C 21 -6.71 22.56 23.64
CA ARG C 21 -7.73 22.93 24.61
C ARG C 21 -8.52 21.73 25.08
N ILE C 22 -8.89 20.82 24.16
CA ILE C 22 -9.74 19.66 24.44
C ILE C 22 -9.06 18.74 25.45
N VAL C 23 -7.73 18.54 25.30
CA VAL C 23 -6.97 17.55 26.07
C VAL C 23 -5.95 18.20 26.98
N ALA C 24 -6.16 19.49 27.32
CA ALA C 24 -5.31 20.21 28.28
C ALA C 24 -5.15 19.35 29.60
N PRO C 25 -4.00 19.44 30.34
CA PRO C 25 -3.86 18.63 31.56
C PRO C 25 -5.08 18.66 32.49
N GLY C 26 -5.51 17.46 32.88
CA GLY C 26 -6.67 17.29 33.74
C GLY C 26 -8.01 17.20 33.02
N LYS C 27 -8.02 17.36 31.68
CA LYS C 27 -9.26 17.45 30.89
C LYS C 27 -9.50 16.25 29.98
N GLY C 28 -10.76 15.91 29.81
CA GLY C 28 -11.21 14.92 28.84
C GLY C 28 -12.52 15.32 28.22
N ILE C 29 -13.13 14.36 27.51
CA ILE C 29 -14.36 14.56 26.75
C ILE C 29 -15.54 13.82 27.38
N LEU C 30 -16.67 14.54 27.56
CA LEU C 30 -18.00 13.97 27.74
C LEU C 30 -18.56 13.62 26.36
N ALA C 31 -18.74 12.30 26.09
CA ALA C 31 -19.42 11.84 24.90
C ALA C 31 -20.92 11.78 25.22
N ALA C 32 -21.67 12.79 24.80
CA ALA C 32 -23.12 12.85 25.03
C ALA C 32 -23.84 12.83 23.68
N ASP C 33 -23.32 12.05 22.72
CA ASP C 33 -23.72 12.09 21.31
C ASP C 33 -24.55 10.89 20.85
N GLU C 34 -25.24 10.20 21.80
CA GLU C 34 -26.16 9.10 21.52
C GLU C 34 -27.28 9.60 20.61
N SER C 35 -27.63 8.80 19.62
CA SER C 35 -28.77 9.04 18.74
C SER C 35 -30.08 9.06 19.55
N THR C 36 -31.15 9.55 18.91
CA THR C 36 -32.50 9.60 19.47
C THR C 36 -32.97 8.21 19.98
N GLY C 37 -32.79 7.18 19.18
CA GLY C 37 -33.21 5.84 19.54
C GLY C 37 -32.42 5.25 20.68
N SER C 38 -31.11 5.51 20.69
CA SER C 38 -30.22 5.12 21.80
C SER C 38 -30.65 5.77 23.11
N ILE C 39 -30.78 7.10 23.10
CA ILE C 39 -31.16 7.82 24.29
C ILE C 39 -32.56 7.46 24.79
N ALA C 40 -33.49 7.13 23.86
CA ALA C 40 -34.83 6.60 24.19
C ALA C 40 -34.68 5.33 25.05
N LYS C 41 -33.71 4.47 24.70
CA LYS C 41 -33.45 3.23 25.46
C LYS C 41 -32.89 3.51 26.86
N ARG C 42 -31.98 4.49 26.98
CA ARG C 42 -31.49 5.01 28.27
C ARG C 42 -32.65 5.48 29.13
N LEU C 43 -33.58 6.27 28.52
CA LEU C 43 -34.79 6.72 29.21
C LEU C 43 -35.71 5.57 29.62
N GLN C 44 -35.92 4.58 28.72
CA GLN C 44 -36.70 3.36 29.01
C GLN C 44 -36.16 2.66 30.28
N SER C 45 -34.84 2.50 30.38
CA SER C 45 -34.17 1.78 31.48
C SER C 45 -34.45 2.40 32.86
N ILE C 46 -34.77 3.72 32.90
CA ILE C 46 -35.07 4.46 34.14
C ILE C 46 -36.56 4.86 34.19
N GLY C 47 -37.38 4.13 33.43
CA GLY C 47 -38.82 4.30 33.36
C GLY C 47 -39.30 5.68 32.95
N THR C 48 -38.56 6.33 32.03
CA THR C 48 -38.85 7.68 31.55
C THR C 48 -39.31 7.62 30.09
N GLU C 49 -40.35 8.40 29.76
CA GLU C 49 -40.88 8.54 28.40
C GLU C 49 -39.86 9.11 27.46
N ASN C 50 -39.82 8.56 26.23
CA ASN C 50 -39.01 9.13 25.16
C ASN C 50 -39.74 10.34 24.55
N THR C 51 -39.52 11.51 25.14
CA THR C 51 -40.00 12.76 24.58
C THR C 51 -38.78 13.60 24.26
N GLU C 52 -38.92 14.53 23.29
CA GLU C 52 -37.90 15.53 22.96
C GLU C 52 -37.50 16.34 24.20
N GLU C 53 -38.48 16.68 25.07
CA GLU C 53 -38.29 17.39 26.32
C GLU C 53 -37.45 16.62 27.31
N ASN C 54 -37.75 15.31 27.51
CA ASN C 54 -36.93 14.47 28.39
C ASN C 54 -35.50 14.33 27.90
N ARG C 55 -35.30 14.22 26.57
CA ARG C 55 -33.97 14.15 25.95
C ARG C 55 -33.21 15.46 26.18
N ARG C 56 -33.88 16.61 25.94
CA ARG C 56 -33.33 17.96 26.16
C ARG C 56 -32.97 18.16 27.64
N PHE C 57 -33.88 17.80 28.57
CA PHE C 57 -33.66 17.95 30.01
C PHE C 57 -32.46 17.11 30.48
N TYR C 58 -32.37 15.85 30.03
CA TYR C 58 -31.25 14.98 30.37
C TYR C 58 -29.92 15.57 29.90
N ARG C 59 -29.87 16.09 28.67
CA ARG C 59 -28.66 16.72 28.14
C ARG C 59 -28.31 18.00 28.88
N GLN C 60 -29.33 18.84 29.20
CA GLN C 60 -29.19 20.02 30.05
C GLN C 60 -28.56 19.69 31.41
N LEU C 61 -29.08 18.62 32.05
CA LEU C 61 -28.62 18.14 33.36
C LEU C 61 -27.09 17.92 33.34
N LEU C 62 -26.59 17.24 32.31
CA LEU C 62 -25.16 17.00 32.11
C LEU C 62 -24.41 18.28 31.80
N LEU C 63 -24.95 19.13 30.93
CA LEU C 63 -24.20 20.31 30.43
C LEU C 63 -24.13 21.44 31.41
N THR C 64 -25.08 21.49 32.36
CA THR C 64 -25.20 22.60 33.33
C THR C 64 -24.87 22.12 34.75
N ALA C 65 -24.16 20.98 34.88
CA ALA C 65 -23.59 20.56 36.19
C ALA C 65 -22.68 21.68 36.71
N ASP C 66 -22.47 21.76 38.04
CA ASP C 66 -21.81 22.92 38.67
C ASP C 66 -20.34 23.11 38.20
N ASP C 67 -19.74 24.25 38.53
CA ASP C 67 -18.40 24.65 38.06
C ASP C 67 -17.24 23.72 38.41
N ARG C 68 -17.46 22.73 39.29
CA ARG C 68 -16.44 21.71 39.58
C ARG C 68 -16.07 20.90 38.34
N VAL C 69 -16.98 20.73 37.37
CA VAL C 69 -16.67 20.04 36.11
C VAL C 69 -15.78 20.82 35.18
N ASN C 70 -15.78 22.18 35.28
CA ASN C 70 -15.03 23.02 34.33
C ASN C 70 -13.59 22.59 34.12
N PRO C 71 -12.75 22.40 35.18
CA PRO C 71 -11.39 21.90 34.93
C PRO C 71 -11.29 20.44 34.46
N CYS C 72 -12.39 19.66 34.48
CA CYS C 72 -12.41 18.23 34.14
C CYS C 72 -12.76 18.00 32.65
N ILE C 73 -13.53 18.93 32.07
CA ILE C 73 -14.14 18.74 30.76
C ILE C 73 -13.58 19.72 29.75
N GLY C 74 -12.79 19.19 28.81
CA GLY C 74 -12.23 19.99 27.73
C GLY C 74 -13.11 20.02 26.50
N GLY C 75 -13.92 18.98 26.34
CA GLY C 75 -14.80 18.83 25.19
C GLY C 75 -16.07 18.11 25.51
N VAL C 76 -17.16 18.48 24.83
CA VAL C 76 -18.44 17.76 24.91
C VAL C 76 -18.89 17.48 23.48
N ILE C 77 -19.08 16.18 23.13
CA ILE C 77 -19.58 15.81 21.80
C ILE C 77 -21.08 15.60 21.87
N LEU C 78 -21.76 16.21 20.91
CA LEU C 78 -23.20 16.19 20.78
C LEU C 78 -23.61 15.47 19.51
N PHE C 79 -24.81 14.91 19.57
CA PHE C 79 -25.55 14.44 18.40
C PHE C 79 -26.23 15.67 17.76
N HIS C 80 -26.52 15.60 16.46
CA HIS C 80 -27.08 16.70 15.65
C HIS C 80 -28.22 17.48 16.36
N GLU C 81 -29.26 16.76 16.85
CA GLU C 81 -30.44 17.35 17.51
C GLU C 81 -30.05 18.27 18.66
N THR C 82 -29.14 17.79 19.54
CA THR C 82 -28.72 18.48 20.76
C THR C 82 -27.98 19.78 20.47
N LEU C 83 -27.20 19.83 19.38
CA LEU C 83 -26.47 21.01 18.95
C LEU C 83 -27.42 22.20 18.76
N TYR C 84 -28.68 21.92 18.39
CA TYR C 84 -29.71 22.94 18.14
C TYR C 84 -30.71 23.09 19.27
N GLN C 85 -30.51 22.38 20.38
CA GLN C 85 -31.37 22.55 21.55
C GLN C 85 -30.88 23.66 22.48
N LYS C 86 -31.77 24.14 23.34
CA LYS C 86 -31.49 25.21 24.29
C LYS C 86 -31.69 24.79 25.75
N ALA C 87 -30.93 25.39 26.65
CA ALA C 87 -31.15 25.28 28.09
C ALA C 87 -32.41 26.08 28.48
N ASP C 88 -32.90 25.90 29.73
CA ASP C 88 -34.10 26.57 30.21
C ASP C 88 -34.06 28.09 30.12
N ASP C 89 -32.87 28.70 30.31
CA ASP C 89 -32.65 30.16 30.20
C ASP C 89 -32.63 30.66 28.76
N GLY C 90 -32.82 29.77 27.78
CA GLY C 90 -32.79 30.10 26.37
C GLY C 90 -31.44 30.01 25.70
N ARG C 91 -30.36 29.75 26.48
CA ARG C 91 -29.02 29.66 25.89
C ARG C 91 -28.86 28.42 25.03
N PRO C 92 -28.43 28.57 23.76
CA PRO C 92 -28.06 27.39 22.98
C PRO C 92 -27.06 26.52 23.75
N PHE C 93 -27.24 25.19 23.67
CA PHE C 93 -26.31 24.24 24.30
C PHE C 93 -24.84 24.47 23.94
N PRO C 94 -24.44 24.77 22.66
CA PRO C 94 -23.02 25.12 22.41
C PRO C 94 -22.50 26.26 23.27
N GLN C 95 -23.35 27.28 23.53
CA GLN C 95 -22.99 28.43 24.35
C GLN C 95 -22.84 28.03 25.83
N VAL C 96 -23.72 27.17 26.33
CA VAL C 96 -23.62 26.59 27.68
C VAL C 96 -22.25 25.90 27.86
N ILE C 97 -21.89 25.03 26.90
CA ILE C 97 -20.62 24.29 26.92
C ILE C 97 -19.41 25.25 26.93
N LYS C 98 -19.44 26.25 26.03
CA LYS C 98 -18.36 27.23 25.90
C LYS C 98 -18.15 28.07 27.15
N SER C 99 -19.26 28.54 27.76
CA SER C 99 -19.22 29.37 28.98
C SER C 99 -18.52 28.66 30.15
N LYS C 100 -18.53 27.32 30.16
CA LYS C 100 -17.87 26.47 31.16
C LYS C 100 -16.44 26.06 30.73
N GLY C 101 -15.96 26.63 29.63
CA GLY C 101 -14.62 26.38 29.10
C GLY C 101 -14.45 25.08 28.32
N GLY C 102 -15.55 24.56 27.81
CA GLY C 102 -15.52 23.36 26.98
C GLY C 102 -15.55 23.69 25.49
N VAL C 103 -14.89 22.84 24.70
CA VAL C 103 -14.99 22.91 23.24
C VAL C 103 -16.21 22.05 22.83
N VAL C 104 -16.98 22.53 21.85
CA VAL C 104 -18.15 21.76 21.37
C VAL C 104 -17.77 20.81 20.22
N GLY C 105 -18.16 19.54 20.36
CA GLY C 105 -17.99 18.54 19.29
C GLY C 105 -19.29 18.06 18.66
N ILE C 106 -19.18 17.52 17.44
CA ILE C 106 -20.34 17.02 16.70
C ILE C 106 -20.02 15.66 16.05
N LYS C 107 -20.88 14.67 16.26
CA LYS C 107 -20.79 13.40 15.56
C LYS C 107 -21.26 13.59 14.12
N VAL C 108 -20.36 13.35 13.13
CA VAL C 108 -20.61 13.63 11.71
C VAL C 108 -20.77 12.41 10.80
N ASP C 109 -20.36 11.23 11.25
CA ASP C 109 -20.53 10.02 10.42
C ASP C 109 -22.03 9.66 10.29
N LYS C 110 -22.38 8.84 9.29
CA LYS C 110 -23.74 8.39 9.03
C LYS C 110 -23.85 6.86 9.17
N GLY C 111 -23.03 6.29 10.05
CA GLY C 111 -23.15 4.90 10.44
C GLY C 111 -22.31 3.93 9.64
N VAL C 112 -22.25 2.68 10.13
CA VAL C 112 -21.51 1.61 9.50
C VAL C 112 -22.32 1.00 8.33
N VAL C 113 -21.63 0.51 7.32
CA VAL C 113 -22.24 -0.21 6.19
C VAL C 113 -21.47 -1.50 5.96
N PRO C 114 -22.12 -2.59 5.51
CA PRO C 114 -21.38 -3.84 5.28
C PRO C 114 -20.39 -3.78 4.12
N LEU C 115 -19.21 -4.37 4.31
CA LEU C 115 -18.26 -4.63 3.24
C LEU C 115 -18.56 -5.99 2.63
N ALA C 116 -19.00 -6.00 1.35
CA ALA C 116 -19.31 -7.27 0.67
C ALA C 116 -18.03 -8.11 0.53
N GLY C 117 -18.18 -9.43 0.68
CA GLY C 117 -17.08 -10.37 0.54
C GLY C 117 -16.24 -10.51 1.80
N THR C 118 -16.68 -9.90 2.90
CA THR C 118 -16.01 -10.03 4.20
C THR C 118 -16.88 -10.85 5.14
N ASN C 119 -16.29 -11.32 6.24
CA ASN C 119 -17.02 -12.01 7.28
C ASN C 119 -17.70 -11.02 8.24
N GLY C 120 -18.78 -10.39 7.80
CA GLY C 120 -19.54 -9.43 8.62
C GLY C 120 -18.81 -8.15 8.99
N GLU C 121 -17.80 -7.76 8.21
CA GLU C 121 -17.06 -6.51 8.48
C GLU C 121 -17.72 -5.29 7.86
N THR C 122 -17.39 -4.10 8.39
CA THR C 122 -18.01 -2.86 7.94
C THR C 122 -17.00 -1.80 7.57
N THR C 123 -17.47 -0.83 6.78
CA THR C 123 -16.86 0.50 6.71
C THR C 123 -17.87 1.52 7.23
N THR C 124 -17.53 2.81 7.17
CA THR C 124 -18.41 3.88 7.65
C THR C 124 -18.68 4.82 6.48
N GLN C 125 -19.93 5.29 6.38
CA GLN C 125 -20.36 6.29 5.41
C GLN C 125 -20.60 7.64 6.13
N GLY C 126 -20.78 8.69 5.35
CA GLY C 126 -20.95 10.06 5.84
C GLY C 126 -20.12 11.12 5.16
N LEU C 127 -19.36 10.76 4.07
CA LEU C 127 -18.51 11.76 3.37
C LEU C 127 -19.31 12.73 2.48
N ASP C 128 -20.51 12.35 2.05
CA ASP C 128 -21.24 13.16 1.05
C ASP C 128 -21.76 14.44 1.63
N GLY C 129 -21.35 15.56 1.02
CA GLY C 129 -21.62 16.91 1.49
C GLY C 129 -21.05 17.22 2.86
N LEU C 130 -20.03 16.44 3.31
CA LEU C 130 -19.42 16.60 4.64
C LEU C 130 -18.77 17.99 4.80
N SER C 131 -18.19 18.53 3.72
CA SER C 131 -17.58 19.85 3.74
C SER C 131 -18.60 20.94 4.11
N GLU C 132 -19.77 20.95 3.46
CA GLU C 132 -20.81 21.97 3.74
C GLU C 132 -21.40 21.75 5.14
N ARG C 133 -21.52 20.49 5.57
CA ARG C 133 -21.99 20.16 6.92
C ARG C 133 -21.05 20.73 8.00
N CYS C 134 -19.73 20.49 7.83
CA CYS C 134 -18.66 21.03 8.68
C CYS C 134 -18.66 22.55 8.76
N ALA C 135 -18.73 23.24 7.61
CA ALA C 135 -18.78 24.70 7.57
C ALA C 135 -19.99 25.24 8.36
N GLN C 136 -21.16 24.58 8.25
CA GLN C 136 -22.38 24.94 8.98
C GLN C 136 -22.23 24.66 10.49
N TYR C 137 -21.75 23.47 10.86
CA TYR C 137 -21.48 23.11 12.25
C TYR C 137 -20.50 24.09 12.93
N LYS C 138 -19.47 24.51 12.19
CA LYS C 138 -18.49 25.49 12.65
C LYS C 138 -19.16 26.82 12.99
N LYS C 139 -20.06 27.33 12.12
CA LYS C 139 -20.83 28.55 12.33
C LYS C 139 -21.75 28.40 13.55
N ASP C 140 -22.29 27.20 13.75
CA ASP C 140 -23.20 26.83 14.84
C ASP C 140 -22.50 26.51 16.15
N GLY C 141 -21.18 26.69 16.20
CA GLY C 141 -20.42 26.61 17.43
C GLY C 141 -19.59 25.36 17.71
N ALA C 142 -19.57 24.37 16.77
CA ALA C 142 -18.74 23.17 16.95
C ALA C 142 -17.31 23.43 16.47
N ASP C 143 -16.28 22.89 17.17
CA ASP C 143 -14.89 23.04 16.72
C ASP C 143 -14.17 21.70 16.54
N PHE C 144 -14.82 20.59 16.91
CA PHE C 144 -14.30 19.25 16.68
C PHE C 144 -15.39 18.26 16.24
N ALA C 145 -14.98 17.17 15.58
CA ALA C 145 -15.93 16.17 15.10
C ALA C 145 -15.55 14.79 15.53
N LYS C 146 -16.50 13.86 15.40
CA LYS C 146 -16.33 12.43 15.67
C LYS C 146 -16.80 11.66 14.45
N TRP C 147 -16.02 10.64 14.08
CA TRP C 147 -16.35 9.66 13.05
C TRP C 147 -15.93 8.31 13.56
N ARG C 148 -16.89 7.39 13.67
CA ARG C 148 -16.63 6.08 14.26
C ARG C 148 -16.50 4.99 13.17
N CYS C 149 -15.32 4.35 13.12
CA CYS C 149 -15.07 3.13 12.36
C CYS C 149 -15.00 1.97 13.31
N VAL C 150 -15.49 0.81 12.86
CA VAL C 150 -15.58 -0.36 13.74
C VAL C 150 -14.81 -1.51 13.13
N LEU C 151 -13.90 -2.12 13.91
CA LEU C 151 -13.22 -3.34 13.53
C LEU C 151 -13.42 -4.41 14.58
N LYS C 152 -13.52 -5.68 14.13
CA LYS C 152 -13.77 -6.80 15.03
C LYS C 152 -12.68 -7.84 14.98
N ILE C 153 -12.30 -8.35 16.14
CA ILE C 153 -11.30 -9.41 16.22
C ILE C 153 -12.07 -10.73 16.15
N GLY C 154 -11.70 -11.55 15.17
CA GLY C 154 -12.29 -12.86 14.95
C GLY C 154 -11.32 -13.74 14.20
N GLU C 155 -11.81 -14.84 13.63
CA GLU C 155 -10.95 -15.85 13.03
C GLU C 155 -10.20 -15.33 11.81
N HIS C 156 -10.89 -14.60 10.91
CA HIS C 156 -10.31 -14.02 9.69
C HIS C 156 -10.41 -12.48 9.72
N THR C 157 -10.71 -11.88 10.88
CA THR C 157 -10.94 -10.44 11.02
C THR C 157 -10.04 -9.80 12.10
N PRO C 158 -9.67 -8.51 11.95
CA PRO C 158 -9.95 -7.63 10.78
C PRO C 158 -9.17 -8.03 9.53
N SER C 159 -9.85 -8.09 8.39
CA SER C 159 -9.20 -8.45 7.11
C SER C 159 -8.36 -7.28 6.57
N ALA C 160 -7.46 -7.58 5.62
CA ALA C 160 -6.66 -6.56 4.92
C ALA C 160 -7.60 -5.47 4.33
N LEU C 161 -8.72 -5.88 3.70
CA LEU C 161 -9.68 -4.93 3.12
C LEU C 161 -10.25 -4.00 4.18
N ALA C 162 -10.77 -4.56 5.29
CA ALA C 162 -11.40 -3.77 6.34
C ALA C 162 -10.45 -2.74 6.97
N ILE C 163 -9.19 -3.15 7.25
CA ILE C 163 -8.16 -2.25 7.78
C ILE C 163 -7.87 -1.08 6.81
N MET C 164 -7.57 -1.39 5.52
CA MET C 164 -7.22 -0.46 4.48
C MET C 164 -8.38 0.53 4.28
N GLU C 165 -9.60 -0.01 4.13
CA GLU C 165 -10.79 0.76 3.82
C GLU C 165 -11.19 1.69 4.97
N ASN C 166 -11.17 1.21 6.22
CA ASN C 166 -11.54 2.07 7.35
C ASN C 166 -10.48 3.15 7.60
N ALA C 167 -9.18 2.81 7.46
CA ALA C 167 -8.07 3.80 7.51
C ALA C 167 -8.26 4.88 6.44
N ASN C 168 -8.59 4.48 5.21
CA ASN C 168 -8.79 5.42 4.10
C ASN C 168 -9.97 6.39 4.35
N VAL C 169 -11.10 5.87 4.85
CA VAL C 169 -12.29 6.69 5.10
C VAL C 169 -12.08 7.65 6.28
N LEU C 170 -11.37 7.21 7.32
CA LEU C 170 -10.92 8.09 8.41
C LEU C 170 -10.05 9.24 7.90
N ALA C 171 -9.15 8.95 6.96
CA ALA C 171 -8.29 9.99 6.39
C ALA C 171 -9.06 10.99 5.50
N ARG C 172 -10.04 10.51 4.70
CA ARG C 172 -10.93 11.37 3.91
C ARG C 172 -11.75 12.31 4.80
N TYR C 173 -12.34 11.77 5.87
CA TYR C 173 -13.12 12.53 6.84
C TYR C 173 -12.26 13.58 7.55
N ALA C 174 -11.04 13.19 7.98
CA ALA C 174 -10.10 14.08 8.67
C ALA C 174 -9.69 15.26 7.80
N SER C 175 -9.46 14.99 6.50
CA SER C 175 -9.06 15.97 5.49
C SER C 175 -10.16 17.03 5.32
N ILE C 176 -11.40 16.59 5.14
CA ILE C 176 -12.58 17.46 5.01
C ILE C 176 -12.79 18.33 6.27
N CYS C 177 -12.69 17.73 7.48
CA CYS C 177 -12.76 18.47 8.74
C CYS C 177 -11.76 19.60 8.79
N GLN C 178 -10.49 19.27 8.52
CA GLN C 178 -9.41 20.25 8.63
C GLN C 178 -9.52 21.42 7.66
N GLN C 179 -10.11 21.21 6.47
CA GLN C 179 -10.40 22.30 5.51
C GLN C 179 -11.43 23.30 6.03
N ASN C 180 -12.23 22.87 7.01
CA ASN C 180 -13.32 23.68 7.56
C ASN C 180 -13.08 24.15 9.00
N GLY C 181 -11.82 24.05 9.48
CA GLY C 181 -11.45 24.47 10.83
C GLY C 181 -12.03 23.61 11.94
N ILE C 182 -12.35 22.35 11.62
CA ILE C 182 -12.86 21.37 12.58
C ILE C 182 -11.75 20.36 12.89
N VAL C 183 -11.41 20.20 14.18
CA VAL C 183 -10.52 19.12 14.63
C VAL C 183 -11.18 17.74 14.47
N PRO C 184 -10.63 16.85 13.63
CA PRO C 184 -11.19 15.49 13.56
C PRO C 184 -10.64 14.60 14.67
N ILE C 185 -11.54 13.99 15.46
CA ILE C 185 -11.16 12.86 16.29
C ILE C 185 -11.21 11.63 15.38
N VAL C 186 -10.07 10.95 15.26
CA VAL C 186 -9.94 9.76 14.45
C VAL C 186 -10.25 8.57 15.38
N GLU C 187 -11.35 7.86 15.10
CA GLU C 187 -11.84 6.77 15.95
C GLU C 187 -11.82 5.38 15.25
N PRO C 188 -10.69 4.63 15.37
CA PRO C 188 -10.68 3.25 14.87
C PRO C 188 -10.98 2.30 16.04
N GLU C 189 -12.26 2.03 16.24
CA GLU C 189 -12.71 1.26 17.40
C GLU C 189 -12.57 -0.23 17.13
N ILE C 190 -11.64 -0.86 17.83
CA ILE C 190 -11.47 -2.31 17.82
C ILE C 190 -12.31 -2.87 18.96
N LEU C 191 -13.37 -3.62 18.62
CA LEU C 191 -14.33 -4.13 19.61
C LEU C 191 -13.70 -5.12 20.58
N PRO C 192 -14.03 -4.98 21.89
CA PRO C 192 -13.63 -6.00 22.86
C PRO C 192 -14.46 -7.29 22.80
N ASP C 193 -15.26 -7.47 21.75
CA ASP C 193 -16.12 -8.66 21.62
C ASP C 193 -15.31 -9.90 21.26
N GLY C 194 -15.55 -10.99 21.98
CA GLY C 194 -14.91 -12.27 21.70
C GLY C 194 -14.01 -12.82 22.80
N ASP C 195 -13.36 -13.94 22.52
CA ASP C 195 -12.58 -14.65 23.52
C ASP C 195 -11.06 -14.53 23.28
N HIS C 196 -10.63 -13.51 22.49
CA HIS C 196 -9.20 -13.28 22.25
C HIS C 196 -8.53 -12.79 23.54
N ASP C 197 -7.24 -13.09 23.69
CA ASP C 197 -6.47 -12.65 24.86
C ASP C 197 -5.87 -11.23 24.66
N LEU C 198 -5.14 -10.74 25.68
CA LEU C 198 -4.52 -9.41 25.67
C LEU C 198 -3.49 -9.25 24.52
N LYS C 199 -2.64 -10.26 24.30
CA LYS C 199 -1.61 -10.32 23.23
C LYS C 199 -2.22 -10.08 21.86
N ARG C 200 -3.33 -10.79 21.55
CA ARG C 200 -4.04 -10.69 20.27
C ARG C 200 -4.59 -9.27 20.04
N CYS C 201 -5.20 -8.67 21.06
CA CYS C 201 -5.68 -7.30 20.98
C CYS C 201 -4.53 -6.32 20.74
N GLN C 202 -3.41 -6.49 21.47
CA GLN C 202 -2.23 -5.64 21.28
C GLN C 202 -1.69 -5.69 19.85
N TYR C 203 -1.58 -6.92 19.31
CA TYR C 203 -1.13 -7.16 17.95
C TYR C 203 -2.04 -6.47 16.93
N VAL C 204 -3.36 -6.69 17.06
CA VAL C 204 -4.36 -6.08 16.19
C VAL C 204 -4.34 -4.55 16.30
N THR C 205 -4.29 -3.99 17.53
CA THR C 205 -4.23 -2.52 17.74
C THR C 205 -3.02 -1.93 17.00
N GLU C 206 -1.83 -2.55 17.15
CA GLU C 206 -0.60 -2.13 16.51
C GLU C 206 -0.74 -2.16 14.98
N LYS C 207 -1.40 -3.20 14.42
CA LYS C 207 -1.55 -3.26 12.96
C LYS C 207 -2.54 -2.22 12.44
N VAL C 208 -3.66 -2.04 13.15
CA VAL C 208 -4.68 -1.07 12.76
C VAL C 208 -4.12 0.36 12.84
N LEU C 209 -3.48 0.71 13.95
CA LEU C 209 -2.94 2.05 14.15
C LEU C 209 -1.83 2.37 13.15
N ALA C 210 -0.95 1.38 12.82
CA ALA C 210 0.03 1.61 11.76
C ALA C 210 -0.65 1.98 10.43
N ALA C 211 -1.70 1.25 10.05
CA ALA C 211 -2.43 1.52 8.80
C ALA C 211 -3.18 2.87 8.84
N VAL C 212 -3.76 3.21 10.00
CA VAL C 212 -4.39 4.52 10.24
C VAL C 212 -3.40 5.68 10.01
N TYR C 213 -2.18 5.61 10.62
CA TYR C 213 -1.21 6.69 10.47
C TYR C 213 -0.60 6.81 9.10
N LYS C 214 -0.45 5.67 8.40
CA LYS C 214 -0.01 5.69 7.00
C LYS C 214 -1.06 6.41 6.12
N ALA C 215 -2.35 6.07 6.31
CA ALA C 215 -3.45 6.68 5.55
C ALA C 215 -3.51 8.19 5.80
N LEU C 216 -3.37 8.62 7.06
CA LEU C 216 -3.42 10.06 7.39
C LEU C 216 -2.23 10.80 6.74
N SER C 217 -1.04 10.13 6.62
CA SER C 217 0.11 10.72 5.97
C SER C 217 -0.17 10.85 4.45
N ASP C 218 -0.67 9.76 3.82
CA ASP C 218 -1.02 9.73 2.39
C ASP C 218 -1.99 10.87 2.01
N HIS C 219 -2.97 11.16 2.89
CA HIS C 219 -4.01 12.17 2.69
C HIS C 219 -3.65 13.57 3.23
N HIS C 220 -2.37 13.77 3.66
CA HIS C 220 -1.80 15.07 4.07
C HIS C 220 -2.47 15.64 5.33
N ILE C 221 -2.81 14.77 6.27
CA ILE C 221 -3.46 15.17 7.52
C ILE C 221 -2.43 15.81 8.45
N TYR C 222 -2.80 16.98 9.02
CA TYR C 222 -2.03 17.70 10.03
C TYR C 222 -2.30 17.08 11.42
N LEU C 223 -1.34 16.26 11.90
CA LEU C 223 -1.51 15.42 13.10
C LEU C 223 -1.73 16.20 14.40
N GLU C 224 -1.08 17.36 14.52
CA GLU C 224 -1.18 18.29 15.64
C GLU C 224 -2.63 18.82 15.82
N GLY C 225 -3.39 18.88 14.72
CA GLY C 225 -4.80 19.28 14.72
C GLY C 225 -5.74 18.09 14.68
N THR C 226 -5.31 16.94 15.25
CA THR C 226 -6.14 15.72 15.36
C THR C 226 -6.05 15.16 16.77
N LEU C 227 -6.99 14.29 17.10
CA LEU C 227 -6.97 13.43 18.28
C LEU C 227 -7.24 11.99 17.84
N LEU C 228 -6.81 11.04 18.65
CA LEU C 228 -7.08 9.63 18.42
C LEU C 228 -8.01 9.11 19.52
N LYS C 229 -9.05 8.33 19.10
CA LYS C 229 -10.03 7.77 20.02
C LYS C 229 -10.08 6.23 19.85
N PRO C 230 -9.18 5.48 20.53
CA PRO C 230 -9.24 4.01 20.46
C PRO C 230 -9.82 3.41 21.74
N ASN C 231 -10.13 2.12 21.68
CA ASN C 231 -10.25 1.32 22.88
C ASN C 231 -8.89 1.12 23.52
N MET C 232 -8.93 0.91 24.85
CA MET C 232 -7.78 0.39 25.57
C MET C 232 -7.44 -1.02 25.06
N VAL C 233 -6.18 -1.41 25.16
CA VAL C 233 -5.82 -2.77 24.82
C VAL C 233 -6.19 -3.67 26.01
N THR C 234 -7.20 -4.55 25.81
CA THR C 234 -7.71 -5.45 26.86
C THR C 234 -7.91 -6.83 26.23
N PRO C 235 -8.05 -7.94 27.02
CA PRO C 235 -8.57 -9.18 26.44
C PRO C 235 -9.99 -8.96 25.94
N GLY C 236 -10.50 -9.88 25.11
CA GLY C 236 -11.92 -9.87 24.77
C GLY C 236 -12.79 -10.15 25.99
N HIS C 237 -14.04 -9.64 26.00
CA HIS C 237 -14.92 -9.80 27.15
C HIS C 237 -15.35 -11.23 27.47
N ALA C 238 -15.17 -12.15 26.53
CA ALA C 238 -15.45 -13.58 26.72
C ALA C 238 -14.17 -14.35 27.06
N CYS C 239 -12.98 -13.69 27.04
CA CYS C 239 -11.72 -14.29 27.50
C CYS C 239 -11.78 -14.52 29.02
N THR C 240 -11.34 -15.68 29.46
CA THR C 240 -11.34 -16.04 30.90
C THR C 240 -10.01 -15.75 31.61
N GLN C 241 -8.95 -15.43 30.84
CA GLN C 241 -7.69 -15.00 31.42
C GLN C 241 -7.86 -13.63 32.06
N LYS C 242 -7.42 -13.51 33.30
CA LYS C 242 -7.52 -12.26 34.05
C LYS C 242 -6.19 -11.51 34.07
N TYR C 243 -6.28 -10.19 34.01
CA TYR C 243 -5.11 -9.31 33.89
C TYR C 243 -5.21 -8.21 34.91
N SER C 244 -4.05 -7.74 35.39
CA SER C 244 -4.05 -6.59 36.30
C SER C 244 -4.26 -5.30 35.51
N HIS C 245 -4.58 -4.20 36.22
CA HIS C 245 -4.71 -2.88 35.60
C HIS C 245 -3.38 -2.45 34.99
N GLU C 246 -2.26 -2.79 35.64
CA GLU C 246 -0.90 -2.48 35.19
C GLU C 246 -0.55 -3.21 33.90
N GLU C 247 -1.09 -4.44 33.69
CA GLU C 247 -0.90 -5.21 32.46
C GLU C 247 -1.67 -4.58 31.30
N ILE C 248 -2.92 -4.16 31.54
CA ILE C 248 -3.73 -3.43 30.56
C ILE C 248 -3.04 -2.12 30.17
N ALA C 249 -2.53 -1.37 31.17
CA ALA C 249 -1.79 -0.13 30.98
C ALA C 249 -0.54 -0.36 30.13
N MET C 250 0.25 -1.39 30.45
CA MET C 250 1.48 -1.68 29.72
C MET C 250 1.21 -2.04 28.25
N ALA C 251 0.22 -2.91 28.00
CA ALA C 251 -0.16 -3.33 26.65
C ALA C 251 -0.70 -2.13 25.86
N THR C 252 -1.49 -1.25 26.50
CA THR C 252 -2.07 -0.07 25.84
C THR C 252 -0.97 0.93 25.46
N VAL C 253 -0.12 1.28 26.43
CA VAL C 253 0.93 2.28 26.24
C VAL C 253 1.96 1.78 25.22
N THR C 254 2.35 0.49 25.31
CA THR C 254 3.25 -0.15 24.33
C THR C 254 2.69 -0.07 22.88
N ALA C 255 1.40 -0.45 22.69
CA ALA C 255 0.77 -0.38 21.37
C ALA C 255 0.80 1.04 20.80
N LEU C 256 0.49 2.05 21.63
CA LEU C 256 0.45 3.46 21.18
C LEU C 256 1.85 3.97 20.90
N ARG C 257 2.84 3.61 21.76
CA ARG C 257 4.23 4.02 21.55
C ARG C 257 4.81 3.47 20.24
N ARG C 258 4.33 2.31 19.78
CA ARG C 258 4.86 1.65 18.60
C ARG C 258 4.24 2.16 17.31
N THR C 259 3.19 3.01 17.41
CA THR C 259 2.41 3.36 16.21
C THR C 259 2.00 4.82 16.13
N VAL C 260 1.89 5.51 17.26
CA VAL C 260 1.24 6.83 17.23
C VAL C 260 2.33 7.94 17.21
N PRO C 261 2.51 8.69 16.11
CA PRO C 261 3.56 9.72 16.09
C PRO C 261 3.42 10.74 17.23
N PRO C 262 4.53 11.20 17.85
CA PRO C 262 4.40 12.20 18.93
C PRO C 262 3.63 13.47 18.60
N ALA C 263 3.56 13.86 17.32
CA ALA C 263 2.80 15.05 16.87
C ALA C 263 1.30 14.99 17.17
N VAL C 264 0.73 13.78 17.29
CA VAL C 264 -0.70 13.60 17.66
C VAL C 264 -0.92 14.24 19.01
N THR C 265 -1.88 15.19 19.09
CA THR C 265 -2.07 16.02 20.28
C THR C 265 -2.52 15.21 21.48
N GLY C 266 -3.37 14.23 21.26
CA GLY C 266 -3.90 13.44 22.36
C GLY C 266 -4.68 12.21 21.97
N VAL C 267 -4.78 11.29 22.93
CA VAL C 267 -5.48 10.02 22.84
C VAL C 267 -6.63 10.10 23.87
N THR C 268 -7.88 9.98 23.39
CA THR C 268 -9.08 10.08 24.23
C THR C 268 -9.73 8.71 24.19
N PHE C 269 -9.48 7.90 25.21
CA PHE C 269 -9.91 6.51 25.24
C PHE C 269 -11.39 6.32 25.34
N LEU C 270 -11.89 5.31 24.62
CA LEU C 270 -13.22 4.76 24.85
C LEU C 270 -13.19 3.91 26.11
N SER C 271 -14.35 3.67 26.73
CA SER C 271 -14.45 2.84 27.92
C SER C 271 -14.53 1.34 27.63
N GLY C 272 -14.88 0.96 26.39
CA GLY C 272 -14.93 -0.43 25.92
C GLY C 272 -15.62 -1.44 26.82
N GLY C 273 -16.83 -1.10 27.29
CA GLY C 273 -17.67 -1.97 28.10
C GLY C 273 -17.22 -2.13 29.54
N GLN C 274 -16.34 -1.22 30.00
CA GLN C 274 -15.80 -1.26 31.37
C GLN C 274 -16.82 -0.61 32.30
N SER C 275 -16.77 -0.94 33.61
CA SER C 275 -17.58 -0.22 34.60
C SER C 275 -17.07 1.23 34.76
N GLU C 276 -17.91 2.12 35.32
CA GLU C 276 -17.56 3.52 35.55
C GLU C 276 -16.21 3.63 36.27
N GLU C 277 -16.07 2.89 37.36
CA GLU C 277 -14.90 2.93 38.22
C GLU C 277 -13.70 2.28 37.57
N GLU C 278 -13.88 1.10 36.91
CA GLU C 278 -12.84 0.38 36.19
C GLU C 278 -12.21 1.25 35.09
N ALA C 279 -13.04 1.96 34.30
CA ALA C 279 -12.58 2.89 33.27
C ALA C 279 -11.64 3.96 33.85
N SER C 280 -11.93 4.45 35.08
CA SER C 280 -11.09 5.44 35.75
C SER C 280 -9.77 4.82 36.21
N ILE C 281 -9.83 3.63 36.84
CA ILE C 281 -8.66 2.92 37.34
C ILE C 281 -7.68 2.57 36.20
N ASN C 282 -8.23 2.07 35.06
CA ASN C 282 -7.45 1.75 33.87
C ASN C 282 -6.83 2.98 33.24
N LEU C 283 -7.57 4.10 33.15
CA LEU C 283 -7.03 5.36 32.65
C LEU C 283 -5.88 5.86 33.54
N ASN C 284 -6.06 5.73 34.87
CA ASN C 284 -5.04 6.09 35.85
C ASN C 284 -3.76 5.25 35.71
N ALA C 285 -3.90 3.90 35.62
CA ALA C 285 -2.77 2.97 35.45
C ALA C 285 -1.99 3.32 34.16
N ILE C 286 -2.72 3.67 33.06
CA ILE C 286 -2.15 4.14 31.79
C ILE C 286 -1.24 5.34 32.00
N ASN C 287 -1.70 6.35 32.76
CA ASN C 287 -0.97 7.57 33.04
C ASN C 287 0.18 7.36 34.02
N LYS C 288 0.15 6.27 34.79
CA LYS C 288 1.24 5.94 35.73
C LYS C 288 2.26 5.00 35.09
N CYS C 289 1.94 4.45 33.89
CA CYS C 289 2.81 3.50 33.20
C CYS C 289 4.24 4.08 33.07
N PRO C 290 5.28 3.35 33.55
CA PRO C 290 6.65 3.91 33.55
C PRO C 290 7.33 3.85 32.17
N LEU C 291 6.64 4.29 31.14
CA LEU C 291 7.18 4.44 29.80
C LEU C 291 6.90 5.86 29.38
N LEU C 292 7.71 6.41 28.48
CA LEU C 292 7.51 7.78 28.00
C LEU C 292 6.25 7.84 27.12
N LYS C 293 5.35 8.78 27.44
CA LYS C 293 4.04 8.95 26.78
C LYS C 293 3.98 10.39 26.20
N PRO C 294 4.33 10.59 24.91
CA PRO C 294 4.47 11.97 24.40
C PRO C 294 3.17 12.69 24.03
N TRP C 295 2.03 12.09 24.31
CA TRP C 295 0.72 12.68 24.02
C TRP C 295 -0.12 12.65 25.29
N ALA C 296 -1.12 13.58 25.39
CA ALA C 296 -2.15 13.48 26.42
C ALA C 296 -2.88 12.11 26.33
N LEU C 297 -3.05 11.44 27.49
CA LEU C 297 -3.78 10.19 27.61
C LEU C 297 -4.98 10.42 28.50
N THR C 298 -6.14 10.57 27.85
CA THR C 298 -7.35 11.00 28.55
C THR C 298 -8.58 10.17 28.17
N PHE C 299 -9.76 10.67 28.51
CA PHE C 299 -11.03 9.97 28.35
C PHE C 299 -11.92 10.67 27.31
N SER C 300 -12.65 9.86 26.53
CA SER C 300 -13.86 10.29 25.83
C SER C 300 -14.92 9.27 26.21
N TYR C 301 -15.62 9.52 27.34
CA TYR C 301 -16.52 8.56 27.97
C TYR C 301 -17.97 9.00 27.84
N GLY C 302 -18.84 8.05 27.51
CA GLY C 302 -20.28 8.27 27.45
C GLY C 302 -20.94 7.68 28.68
N ARG C 303 -21.34 6.40 28.59
CA ARG C 303 -21.89 5.58 29.68
C ARG C 303 -21.00 5.64 30.95
N ALA C 304 -19.65 5.58 30.76
CA ALA C 304 -18.70 5.64 31.87
C ALA C 304 -18.70 6.97 32.66
N LEU C 305 -19.27 8.05 32.08
CA LEU C 305 -19.50 9.32 32.80
C LEU C 305 -20.94 9.51 33.27
N GLN C 306 -21.89 8.78 32.65
CA GLN C 306 -23.33 9.07 32.72
C GLN C 306 -24.16 8.05 33.49
N ALA C 307 -23.70 6.76 33.57
CA ALA C 307 -24.55 5.64 34.05
C ALA C 307 -25.22 5.89 35.40
N SER C 308 -24.45 6.36 36.39
CA SER C 308 -24.94 6.66 37.74
C SER C 308 -25.80 7.92 37.75
N ALA C 309 -25.43 8.94 36.92
CA ALA C 309 -26.22 10.18 36.79
C ALA C 309 -27.63 9.89 36.27
N LEU C 310 -27.72 9.06 35.21
CA LEU C 310 -29.00 8.65 34.60
C LEU C 310 -29.91 7.97 35.64
N LYS C 311 -29.37 7.02 36.42
CA LYS C 311 -30.13 6.27 37.43
C LYS C 311 -30.57 7.18 38.59
N ALA C 312 -29.64 8.03 39.08
CA ALA C 312 -29.92 8.98 40.15
C ALA C 312 -31.01 10.02 39.76
N TRP C 313 -31.11 10.37 38.47
CA TRP C 313 -32.19 11.22 37.95
C TRP C 313 -33.53 10.50 37.95
N GLY C 314 -33.60 9.34 37.27
CA GLY C 314 -34.81 8.53 37.20
C GLY C 314 -36.01 9.26 36.59
N GLY C 315 -35.76 10.29 35.78
CA GLY C 315 -36.80 11.09 35.13
C GLY C 315 -37.47 12.12 36.03
N LYS C 316 -37.00 12.26 37.29
CA LYS C 316 -37.62 13.16 38.27
C LYS C 316 -36.87 14.48 38.39
N LYS C 317 -37.58 15.60 38.11
CA LYS C 317 -37.03 16.96 38.18
C LYS C 317 -36.36 17.26 39.53
N GLU C 318 -36.97 16.78 40.64
CA GLU C 318 -36.50 16.90 42.03
C GLU C 318 -35.11 16.32 42.22
N ASN C 319 -34.72 15.37 41.35
CA ASN C 319 -33.46 14.62 41.46
C ASN C 319 -32.33 15.23 40.68
N LEU C 320 -32.54 16.45 40.13
CA LEU C 320 -31.56 17.13 39.28
C LEU C 320 -30.18 17.20 39.95
N LYS C 321 -30.11 17.73 41.18
CA LYS C 321 -28.83 17.91 41.87
C LYS C 321 -28.12 16.60 42.18
N ALA C 322 -28.86 15.56 42.68
CA ALA C 322 -28.26 14.24 42.96
C ALA C 322 -27.68 13.61 41.70
N ALA C 323 -28.42 13.70 40.58
CA ALA C 323 -27.98 13.22 39.27
C ALA C 323 -26.72 13.98 38.79
N GLN C 324 -26.71 15.31 38.90
CA GLN C 324 -25.54 16.09 38.46
C GLN C 324 -24.29 15.76 39.29
N GLU C 325 -24.49 15.54 40.58
CA GLU C 325 -23.49 15.14 41.56
C GLU C 325 -22.81 13.81 41.16
N GLU C 326 -23.60 12.85 40.63
CA GLU C 326 -23.03 11.57 40.15
C GLU C 326 -22.13 11.76 38.96
N TYR C 327 -22.55 12.60 37.99
CA TYR C 327 -21.73 12.98 36.85
C TYR C 327 -20.44 13.74 37.29
N VAL C 328 -20.57 14.70 38.20
CA VAL C 328 -19.44 15.49 38.72
C VAL C 328 -18.37 14.58 39.35
N LYS C 329 -18.81 13.63 40.19
CA LYS C 329 -17.97 12.63 40.82
C LYS C 329 -17.10 11.86 39.78
N ARG C 330 -17.73 11.39 38.67
CA ARG C 330 -17.01 10.66 37.63
C ARG C 330 -16.08 11.58 36.84
N ALA C 331 -16.52 12.83 36.57
CA ALA C 331 -15.68 13.84 35.90
C ALA C 331 -14.42 14.09 36.71
N LEU C 332 -14.59 14.28 38.05
CA LEU C 332 -13.49 14.52 38.98
C LEU C 332 -12.52 13.33 39.05
N ALA C 333 -13.05 12.09 39.12
CA ALA C 333 -12.26 10.85 39.16
C ALA C 333 -11.41 10.71 37.87
N ASN C 334 -12.05 10.96 36.71
CA ASN C 334 -11.42 10.86 35.41
C ASN C 334 -10.41 11.98 35.13
N SER C 335 -10.68 13.19 35.66
CA SER C 335 -9.72 14.30 35.65
C SER C 335 -8.43 13.94 36.44
N LEU C 336 -8.56 13.33 37.62
CA LEU C 336 -7.39 12.85 38.36
C LEU C 336 -6.72 11.70 37.60
N ALA C 337 -7.52 10.77 37.01
CA ALA C 337 -7.01 9.60 36.29
C ALA C 337 -6.17 9.96 35.06
N CYS C 338 -6.57 11.00 34.33
CA CYS C 338 -5.80 11.41 33.15
C CYS C 338 -4.50 12.17 33.49
N GLN C 339 -4.19 12.28 34.80
CA GLN C 339 -2.96 12.86 35.34
C GLN C 339 -2.19 11.82 36.18
N GLY C 340 -2.69 10.58 36.26
CA GLY C 340 -2.10 9.54 37.09
C GLY C 340 -2.21 9.80 38.57
N LYS C 341 -3.27 10.52 39.00
CA LYS C 341 -3.42 11.00 40.38
C LYS C 341 -4.68 10.46 41.04
N TYR C 342 -5.33 9.45 40.44
CA TYR C 342 -6.57 8.91 40.96
C TYR C 342 -6.35 7.73 41.88
N THR C 343 -6.78 7.84 43.14
CA THR C 343 -6.79 6.73 44.10
C THR C 343 -8.24 6.58 44.59
N PRO C 344 -8.99 5.51 44.21
CA PRO C 344 -10.35 5.35 44.76
C PRO C 344 -10.38 5.05 46.26
N LEU C 356 -11.61 -14.20 43.14
CA LEU C 356 -11.92 -13.35 41.99
C LEU C 356 -13.42 -13.32 41.64
N PHE C 357 -13.84 -12.35 40.79
CA PHE C 357 -15.25 -12.22 40.42
C PHE C 357 -15.67 -12.96 39.17
N ILE C 358 -16.69 -13.84 39.34
CA ILE C 358 -17.36 -14.63 38.31
C ILE C 358 -18.82 -14.17 38.25
N SER C 359 -19.26 -13.66 37.07
CA SER C 359 -20.67 -13.31 36.88
C SER C 359 -21.45 -14.54 36.46
N ASN C 360 -22.56 -14.79 37.14
CA ASN C 360 -23.42 -15.92 36.78
C ASN C 360 -24.10 -15.72 35.41
N HIS C 361 -24.29 -14.45 34.97
CA HIS C 361 -24.83 -14.10 33.65
C HIS C 361 -23.95 -14.57 32.47
N ALA C 362 -22.66 -14.85 32.72
CA ALA C 362 -21.76 -15.40 31.72
C ALA C 362 -21.96 -16.91 31.51
N TYR C 363 -22.89 -17.53 32.24
CA TYR C 363 -23.17 -18.96 32.12
C TYR C 363 -24.60 -19.22 31.67
N PRO D 1 -6.65 -14.57 3.21
CA PRO D 1 -6.60 -15.74 2.32
C PRO D 1 -7.93 -16.52 2.36
N HIS D 2 -9.02 -15.83 2.79
CA HIS D 2 -10.31 -16.47 3.05
C HIS D 2 -11.47 -15.87 2.28
N SER D 3 -12.15 -16.72 1.48
CA SER D 3 -13.31 -16.34 0.70
C SER D 3 -14.54 -16.24 1.59
N HIS D 4 -15.22 -15.09 1.54
CA HIS D 4 -16.57 -14.94 2.11
C HIS D 4 -17.42 -14.44 0.96
N PRO D 5 -17.86 -15.33 0.03
CA PRO D 5 -18.33 -14.85 -1.30
C PRO D 5 -19.33 -13.70 -1.26
N ALA D 6 -19.00 -12.60 -1.97
CA ALA D 6 -19.87 -11.44 -2.11
C ALA D 6 -21.15 -11.82 -2.87
N LEU D 7 -21.02 -12.73 -3.87
CA LEU D 7 -22.12 -13.06 -4.80
C LEU D 7 -22.36 -14.55 -4.93
N THR D 8 -23.64 -14.94 -5.07
CA THR D 8 -24.03 -16.32 -5.40
C THR D 8 -23.83 -16.55 -6.92
N PRO D 9 -23.79 -17.84 -7.39
CA PRO D 9 -23.81 -18.08 -8.85
C PRO D 9 -24.96 -17.36 -9.59
N GLU D 10 -26.16 -17.24 -8.94
CA GLU D 10 -27.36 -16.59 -9.51
C GLU D 10 -27.14 -15.10 -9.69
N GLN D 11 -26.59 -14.42 -8.67
CA GLN D 11 -26.24 -13.00 -8.75
C GLN D 11 -25.17 -12.75 -9.82
N LYS D 12 -24.19 -13.67 -9.94
CA LYS D 12 -23.13 -13.55 -10.95
C LYS D 12 -23.70 -13.66 -12.35
N LYS D 13 -24.53 -14.72 -12.60
CA LYS D 13 -25.24 -14.88 -13.88
C LYS D 13 -26.03 -13.61 -14.26
N GLU D 14 -26.81 -13.07 -13.31
CA GLU D 14 -27.67 -11.91 -13.54
C GLU D 14 -26.83 -10.69 -13.98
N LEU D 15 -25.74 -10.39 -13.26
CA LEU D 15 -24.83 -9.29 -13.57
C LEU D 15 -24.09 -9.49 -14.89
N SER D 16 -23.54 -10.70 -15.11
CA SER D 16 -22.80 -11.03 -16.33
C SER D 16 -23.74 -10.93 -17.56
N ASP D 17 -24.95 -11.48 -17.47
CA ASP D 17 -25.90 -11.40 -18.58
C ASP D 17 -26.26 -9.96 -18.95
N ILE D 18 -26.45 -9.06 -17.96
CA ILE D 18 -26.76 -7.64 -18.20
C ILE D 18 -25.57 -6.98 -18.91
N ALA D 19 -24.33 -7.18 -18.36
CA ALA D 19 -23.10 -6.59 -18.90
C ALA D 19 -22.91 -6.99 -20.38
N HIS D 20 -23.13 -8.28 -20.70
CA HIS D 20 -23.06 -8.79 -22.06
C HIS D 20 -24.09 -8.22 -23.03
N ARG D 21 -25.34 -7.97 -22.57
CA ARG D 21 -26.39 -7.35 -23.39
C ARG D 21 -26.01 -5.93 -23.85
N ILE D 22 -25.43 -5.13 -22.93
CA ILE D 22 -25.08 -3.73 -23.15
C ILE D 22 -24.04 -3.62 -24.29
N VAL D 23 -23.06 -4.55 -24.28
CA VAL D 23 -21.91 -4.48 -25.19
C VAL D 23 -21.94 -5.55 -26.28
N ALA D 24 -23.13 -6.16 -26.49
CA ALA D 24 -23.32 -7.21 -27.53
C ALA D 24 -22.79 -6.72 -28.90
N PRO D 25 -22.28 -7.60 -29.81
CA PRO D 25 -21.70 -7.10 -31.07
C PRO D 25 -22.55 -6.07 -31.82
N GLY D 26 -21.91 -4.98 -32.24
CA GLY D 26 -22.54 -3.87 -32.94
C GLY D 26 -23.21 -2.87 -32.02
N LYS D 27 -23.18 -3.07 -30.71
CA LYS D 27 -23.93 -2.18 -29.79
C LYS D 27 -23.01 -1.36 -28.91
N GLY D 28 -23.47 -0.16 -28.58
CA GLY D 28 -22.85 0.70 -27.58
C GLY D 28 -23.87 1.48 -26.78
N ILE D 29 -23.39 2.50 -26.04
CA ILE D 29 -24.19 3.26 -25.09
C ILE D 29 -24.40 4.68 -25.53
N LEU D 30 -25.68 5.13 -25.48
CA LEU D 30 -26.02 6.54 -25.52
C LEU D 30 -25.93 7.07 -24.11
N ALA D 31 -24.99 8.00 -23.86
CA ALA D 31 -24.87 8.72 -22.60
C ALA D 31 -25.77 9.98 -22.69
N ALA D 32 -26.99 9.88 -22.15
CA ALA D 32 -27.98 10.94 -22.14
C ALA D 32 -28.18 11.39 -20.67
N ASP D 33 -27.08 11.37 -19.91
CA ASP D 33 -27.13 11.52 -18.46
C ASP D 33 -26.58 12.87 -17.96
N GLU D 34 -26.56 13.89 -18.83
CA GLU D 34 -26.17 15.26 -18.44
C GLU D 34 -27.05 15.73 -17.27
N SER D 35 -26.42 16.36 -16.26
CA SER D 35 -27.10 17.06 -15.14
C SER D 35 -27.98 18.18 -15.68
N THR D 36 -28.97 18.62 -14.90
CA THR D 36 -29.84 19.75 -15.26
C THR D 36 -29.07 21.04 -15.69
N GLY D 37 -27.93 21.28 -15.04
CA GLY D 37 -27.04 22.39 -15.35
C GLY D 37 -26.34 22.29 -16.69
N SER D 38 -25.75 21.09 -16.98
CA SER D 38 -25.14 20.79 -18.28
C SER D 38 -26.16 20.90 -19.42
N ILE D 39 -27.31 20.24 -19.27
CA ILE D 39 -28.34 20.26 -20.30
C ILE D 39 -28.93 21.67 -20.52
N ALA D 40 -28.93 22.55 -19.47
CA ALA D 40 -29.27 23.97 -19.58
C ALA D 40 -28.35 24.68 -20.56
N LYS D 41 -27.05 24.38 -20.47
CA LYS D 41 -26.03 24.88 -21.39
C LYS D 41 -26.24 24.41 -22.82
N ARG D 42 -26.65 23.13 -23.02
CA ARG D 42 -27.00 22.57 -24.34
C ARG D 42 -28.13 23.34 -24.95
N LEU D 43 -29.21 23.56 -24.17
CA LEU D 43 -30.38 24.28 -24.64
C LEU D 43 -30.06 25.76 -24.92
N GLN D 44 -29.21 26.37 -24.08
CA GLN D 44 -28.78 27.77 -24.25
C GLN D 44 -28.06 27.96 -25.60
N SER D 45 -27.17 27.00 -25.97
CA SER D 45 -26.35 27.02 -27.19
C SER D 45 -27.18 26.95 -28.47
N ILE D 46 -28.43 26.48 -28.37
CA ILE D 46 -29.37 26.40 -29.49
C ILE D 46 -30.56 27.38 -29.32
N GLY D 47 -30.38 28.34 -28.41
CA GLY D 47 -31.33 29.42 -28.17
C GLY D 47 -32.66 28.95 -27.59
N THR D 48 -32.62 27.91 -26.76
CA THR D 48 -33.80 27.26 -26.19
C THR D 48 -33.82 27.44 -24.66
N GLU D 49 -34.99 27.85 -24.11
CA GLU D 49 -35.22 28.00 -22.68
C GLU D 49 -35.03 26.69 -21.94
N ASN D 50 -34.32 26.74 -20.80
CA ASN D 50 -34.13 25.56 -19.96
C ASN D 50 -35.36 25.30 -19.08
N THR D 51 -36.40 24.71 -19.68
CA THR D 51 -37.58 24.27 -18.92
C THR D 51 -37.49 22.75 -18.79
N GLU D 52 -38.16 22.17 -17.77
CA GLU D 52 -38.25 20.70 -17.63
C GLU D 52 -38.88 20.09 -18.87
N GLU D 53 -39.87 20.78 -19.45
CA GLU D 53 -40.55 20.39 -20.68
C GLU D 53 -39.62 20.29 -21.90
N ASN D 54 -38.74 21.28 -22.10
CA ASN D 54 -37.75 21.24 -23.18
C ASN D 54 -36.69 20.15 -22.97
N ARG D 55 -36.26 19.93 -21.71
CA ARG D 55 -35.35 18.81 -21.34
C ARG D 55 -36.02 17.47 -21.66
N ARG D 56 -37.30 17.33 -21.24
CA ARG D 56 -38.10 16.13 -21.45
C ARG D 56 -38.26 15.84 -22.95
N PHE D 57 -38.67 16.87 -23.71
CA PHE D 57 -38.84 16.76 -25.16
C PHE D 57 -37.54 16.41 -25.86
N TYR D 58 -36.43 17.04 -25.46
CA TYR D 58 -35.12 16.72 -26.05
C TYR D 58 -34.74 15.27 -25.80
N ARG D 59 -34.96 14.77 -24.59
CA ARG D 59 -34.65 13.37 -24.28
C ARG D 59 -35.58 12.41 -25.02
N GLN D 60 -36.88 12.77 -25.14
CA GLN D 60 -37.86 12.02 -25.95
C GLN D 60 -37.40 11.87 -27.40
N LEU D 61 -36.89 12.96 -27.99
CA LEU D 61 -36.36 13.03 -29.35
C LEU D 61 -35.29 11.96 -29.55
N LEU D 62 -34.32 11.86 -28.62
CA LEU D 62 -33.26 10.84 -28.70
C LEU D 62 -33.80 9.44 -28.47
N LEU D 63 -34.67 9.27 -27.45
CA LEU D 63 -35.15 7.96 -27.03
C LEU D 63 -36.14 7.33 -28.00
N THR D 64 -36.90 8.15 -28.73
CA THR D 64 -37.95 7.66 -29.64
C THR D 64 -37.53 7.73 -31.11
N ALA D 65 -36.24 7.92 -31.40
CA ALA D 65 -35.71 7.79 -32.76
C ALA D 65 -36.11 6.41 -33.32
N ASP D 66 -36.27 6.26 -34.64
CA ASP D 66 -36.83 5.04 -35.25
C ASP D 66 -36.00 3.76 -34.99
N ASP D 67 -36.51 2.60 -35.47
CA ASP D 67 -35.98 1.28 -35.17
C ASP D 67 -34.60 0.95 -35.75
N ARG D 68 -34.04 1.85 -36.57
CA ARG D 68 -32.67 1.68 -37.11
C ARG D 68 -31.63 1.76 -35.99
N VAL D 69 -31.93 2.51 -34.89
CA VAL D 69 -31.05 2.58 -33.70
C VAL D 69 -31.03 1.29 -32.89
N ASN D 70 -32.09 0.46 -32.96
CA ASN D 70 -32.21 -0.73 -32.10
C ASN D 70 -31.00 -1.67 -32.14
N PRO D 71 -30.45 -2.06 -33.32
CA PRO D 71 -29.20 -2.86 -33.29
C PRO D 71 -27.94 -2.11 -32.83
N CYS D 72 -28.01 -0.75 -32.72
CA CYS D 72 -26.87 0.14 -32.39
C CYS D 72 -26.73 0.37 -30.92
N ILE D 73 -27.88 0.40 -30.20
CA ILE D 73 -27.92 0.90 -28.84
C ILE D 73 -28.18 -0.22 -27.87
N GLY D 74 -27.13 -0.63 -27.15
CA GLY D 74 -27.25 -1.69 -26.14
C GLY D 74 -27.70 -1.13 -24.80
N GLY D 75 -27.35 0.12 -24.54
CA GLY D 75 -27.67 0.78 -23.29
C GLY D 75 -27.90 2.26 -23.46
N VAL D 76 -28.71 2.84 -22.57
CA VAL D 76 -28.93 4.27 -22.53
C VAL D 76 -28.77 4.65 -21.06
N ILE D 77 -27.82 5.53 -20.78
CA ILE D 77 -27.67 6.06 -19.43
C ILE D 77 -28.39 7.39 -19.18
N LEU D 78 -29.13 7.45 -18.07
CA LEU D 78 -29.97 8.59 -17.70
C LEU D 78 -29.48 9.24 -16.41
N PHE D 79 -29.80 10.54 -16.31
CA PHE D 79 -29.72 11.28 -15.07
C PHE D 79 -31.04 11.05 -14.29
N HIS D 80 -31.02 11.21 -12.95
CA HIS D 80 -32.13 10.95 -12.04
C HIS D 80 -33.50 11.45 -12.55
N GLU D 81 -33.61 12.75 -12.94
CA GLU D 81 -34.86 13.38 -13.39
C GLU D 81 -35.47 12.61 -14.56
N THR D 82 -34.63 12.23 -15.55
CA THR D 82 -35.06 11.59 -16.79
C THR D 82 -35.61 10.19 -16.56
N LEU D 83 -35.02 9.44 -15.58
CA LEU D 83 -35.51 8.11 -15.20
C LEU D 83 -37.01 8.13 -14.85
N TYR D 84 -37.52 9.26 -14.37
CA TYR D 84 -38.90 9.42 -13.92
C TYR D 84 -39.76 10.28 -14.84
N GLN D 85 -39.24 10.60 -16.04
CA GLN D 85 -40.04 11.32 -17.04
C GLN D 85 -40.77 10.37 -17.97
N LYS D 86 -41.72 10.92 -18.73
CA LYS D 86 -42.56 10.15 -19.64
C LYS D 86 -42.57 10.77 -21.03
N ALA D 87 -42.64 9.90 -22.04
CA ALA D 87 -42.92 10.30 -23.40
C ALA D 87 -44.37 10.86 -23.54
N ASP D 88 -44.63 11.66 -24.60
CA ASP D 88 -45.93 12.24 -24.96
C ASP D 88 -47.08 11.21 -24.91
N ASP D 89 -46.81 9.96 -25.31
CA ASP D 89 -47.76 8.85 -25.29
C ASP D 89 -48.02 8.28 -23.88
N GLY D 90 -47.34 8.81 -22.86
CA GLY D 90 -47.49 8.38 -21.48
C GLY D 90 -46.55 7.29 -21.01
N ARG D 91 -45.74 6.70 -21.91
CA ARG D 91 -44.78 5.66 -21.52
C ARG D 91 -43.62 6.23 -20.73
N PRO D 92 -43.30 5.66 -19.54
CA PRO D 92 -42.03 6.04 -18.88
C PRO D 92 -40.85 5.86 -19.82
N PHE D 93 -39.91 6.82 -19.81
CA PHE D 93 -38.66 6.73 -20.58
C PHE D 93 -37.93 5.37 -20.41
N PRO D 94 -37.81 4.73 -19.21
CA PRO D 94 -37.21 3.39 -19.15
C PRO D 94 -37.88 2.37 -20.06
N GLN D 95 -39.22 2.43 -20.12
CA GLN D 95 -40.06 1.57 -20.98
C GLN D 95 -39.81 1.82 -22.46
N VAL D 96 -39.68 3.08 -22.85
CA VAL D 96 -39.25 3.49 -24.20
C VAL D 96 -37.89 2.86 -24.58
N ILE D 97 -36.90 2.95 -23.68
CA ILE D 97 -35.56 2.38 -23.89
C ILE D 97 -35.62 0.86 -24.03
N LYS D 98 -36.30 0.19 -23.08
CA LYS D 98 -36.43 -1.29 -23.03
C LYS D 98 -37.13 -1.86 -24.26
N SER D 99 -38.22 -1.20 -24.72
CA SER D 99 -38.99 -1.69 -25.88
C SER D 99 -38.20 -1.67 -27.19
N LYS D 100 -37.15 -0.83 -27.26
CA LYS D 100 -36.23 -0.77 -28.40
C LYS D 100 -35.00 -1.71 -28.21
N GLY D 101 -35.04 -2.57 -27.18
CA GLY D 101 -33.98 -3.52 -26.85
C GLY D 101 -32.80 -2.96 -26.07
N GLY D 102 -32.95 -1.76 -25.53
CA GLY D 102 -31.90 -1.11 -24.74
C GLY D 102 -31.97 -1.47 -23.28
N VAL D 103 -30.81 -1.55 -22.62
CA VAL D 103 -30.74 -1.67 -21.14
C VAL D 103 -30.71 -0.24 -20.58
N VAL D 104 -31.40 -0.02 -19.46
CA VAL D 104 -31.45 1.29 -18.80
C VAL D 104 -30.34 1.43 -17.78
N GLY D 105 -29.59 2.53 -17.86
CA GLY D 105 -28.58 2.91 -16.88
C GLY D 105 -28.89 4.17 -16.13
N ILE D 106 -28.29 4.30 -14.95
CA ILE D 106 -28.47 5.46 -14.07
C ILE D 106 -27.12 5.98 -13.62
N LYS D 107 -26.89 7.29 -13.78
CA LYS D 107 -25.73 7.94 -13.18
C LYS D 107 -25.95 8.09 -11.66
N VAL D 108 -25.07 7.52 -10.84
CA VAL D 108 -25.28 7.45 -9.38
C VAL D 108 -24.32 8.32 -8.52
N ASP D 109 -23.22 8.79 -9.11
CA ASP D 109 -22.27 9.62 -8.36
C ASP D 109 -22.85 11.01 -8.02
N LYS D 110 -22.29 11.70 -7.01
CA LYS D 110 -22.74 13.03 -6.61
C LYS D 110 -21.69 14.12 -6.88
N GLY D 111 -20.91 13.89 -7.92
CA GLY D 111 -19.97 14.87 -8.43
C GLY D 111 -18.60 14.79 -7.76
N VAL D 112 -17.66 15.53 -8.33
CA VAL D 112 -16.29 15.60 -7.85
C VAL D 112 -16.19 16.58 -6.67
N VAL D 113 -15.23 16.32 -5.78
CA VAL D 113 -14.93 17.14 -4.62
C VAL D 113 -13.41 17.34 -4.55
N PRO D 114 -12.91 18.50 -4.09
CA PRO D 114 -11.44 18.70 -4.05
C PRO D 114 -10.70 17.76 -3.05
N LEU D 115 -9.51 17.28 -3.46
CA LEU D 115 -8.62 16.55 -2.54
C LEU D 115 -7.64 17.55 -1.95
N ALA D 116 -7.72 17.79 -0.63
CA ALA D 116 -6.85 18.78 0.04
C ALA D 116 -5.38 18.36 -0.09
N GLY D 117 -4.47 19.35 -0.22
CA GLY D 117 -3.04 19.11 -0.34
C GLY D 117 -2.59 18.60 -1.72
N THR D 118 -3.47 18.69 -2.74
CA THR D 118 -3.12 18.32 -4.11
C THR D 118 -3.14 19.56 -4.99
N ASN D 119 -2.60 19.46 -6.19
CA ASN D 119 -2.64 20.55 -7.15
C ASN D 119 -3.98 20.50 -7.97
N GLY D 120 -5.08 20.90 -7.34
CA GLY D 120 -6.40 20.89 -7.95
C GLY D 120 -6.95 19.53 -8.33
N GLU D 121 -6.52 18.45 -7.65
CA GLU D 121 -7.08 17.12 -7.91
C GLU D 121 -8.36 16.87 -7.16
N THR D 122 -9.16 15.94 -7.67
CA THR D 122 -10.45 15.63 -7.07
C THR D 122 -10.55 14.16 -6.72
N THR D 123 -11.48 13.85 -5.81
CA THR D 123 -12.12 12.53 -5.81
C THR D 123 -13.60 12.75 -6.12
N THR D 124 -14.41 11.67 -6.01
CA THR D 124 -15.83 11.65 -6.29
C THR D 124 -16.60 11.20 -5.05
N GLN D 125 -17.68 11.90 -4.75
CA GLN D 125 -18.58 11.52 -3.66
C GLN D 125 -19.87 10.86 -4.23
N GLY D 126 -20.65 10.25 -3.34
CA GLY D 126 -21.93 9.61 -3.70
C GLY D 126 -22.17 8.24 -3.09
N LEU D 127 -21.29 7.80 -2.16
CA LEU D 127 -21.46 6.48 -1.53
C LEU D 127 -22.58 6.41 -0.51
N ASP D 128 -22.97 7.54 0.09
CA ASP D 128 -23.91 7.55 1.21
C ASP D 128 -25.30 7.18 0.79
N GLY D 129 -25.81 6.13 1.42
CA GLY D 129 -27.11 5.54 1.11
C GLY D 129 -27.16 4.97 -0.29
N LEU D 130 -25.98 4.72 -0.93
CA LEU D 130 -25.95 4.24 -2.33
C LEU D 130 -26.65 2.88 -2.49
N SER D 131 -26.52 1.99 -1.51
CA SER D 131 -27.20 0.70 -1.52
C SER D 131 -28.71 0.85 -1.69
N GLU D 132 -29.34 1.70 -0.89
CA GLU D 132 -30.79 1.93 -0.92
C GLU D 132 -31.19 2.61 -2.21
N ARG D 133 -30.35 3.54 -2.71
CA ARG D 133 -30.60 4.20 -3.99
C ARG D 133 -30.55 3.20 -5.14
N CYS D 134 -29.52 2.31 -5.18
CA CYS D 134 -29.40 1.22 -6.15
C CYS D 134 -30.62 0.28 -6.15
N ALA D 135 -31.05 -0.16 -4.96
CA ALA D 135 -32.22 -1.04 -4.79
C ALA D 135 -33.48 -0.39 -5.39
N GLN D 136 -33.66 0.94 -5.16
CA GLN D 136 -34.80 1.71 -5.67
C GLN D 136 -34.70 1.87 -7.18
N TYR D 137 -33.50 2.22 -7.69
CA TYR D 137 -33.26 2.38 -9.13
C TYR D 137 -33.50 1.07 -9.89
N LYS D 138 -33.02 -0.05 -9.34
CA LYS D 138 -33.30 -1.40 -9.88
C LYS D 138 -34.82 -1.59 -10.05
N LYS D 139 -35.61 -1.34 -8.97
CA LYS D 139 -37.08 -1.45 -8.99
C LYS D 139 -37.70 -0.54 -10.04
N ASP D 140 -37.09 0.62 -10.29
CA ASP D 140 -37.57 1.63 -11.22
C ASP D 140 -37.02 1.46 -12.65
N GLY D 141 -36.33 0.34 -12.88
CA GLY D 141 -36.00 -0.07 -14.24
C GLY D 141 -34.55 0.01 -14.69
N ALA D 142 -33.66 0.53 -13.84
CA ALA D 142 -32.22 0.60 -14.18
C ALA D 142 -31.49 -0.72 -13.90
N ASP D 143 -30.62 -1.19 -14.83
CA ASP D 143 -29.85 -2.44 -14.65
C ASP D 143 -28.34 -2.23 -14.63
N PHE D 144 -27.91 -1.00 -14.96
CA PHE D 144 -26.50 -0.62 -14.88
C PHE D 144 -26.34 0.81 -14.33
N ALA D 145 -25.13 1.14 -13.84
CA ALA D 145 -24.87 2.46 -13.29
C ALA D 145 -23.56 3.02 -13.81
N LYS D 146 -23.38 4.32 -13.61
CA LYS D 146 -22.15 5.04 -13.94
C LYS D 146 -21.73 5.84 -12.71
N TRP D 147 -20.43 5.85 -12.46
CA TRP D 147 -19.77 6.67 -11.46
C TRP D 147 -18.52 7.21 -12.14
N ARG D 148 -18.40 8.53 -12.21
CA ARG D 148 -17.31 9.18 -12.94
C ARG D 148 -16.27 9.71 -11.96
N CYS D 149 -15.03 9.21 -12.09
CA CYS D 149 -13.83 9.76 -11.48
C CYS D 149 -13.02 10.55 -12.50
N VAL D 150 -12.41 11.66 -12.08
CA VAL D 150 -11.67 12.54 -12.99
C VAL D 150 -10.23 12.65 -12.54
N LEU D 151 -9.30 12.36 -13.45
CA LEU D 151 -7.87 12.57 -13.24
C LEU D 151 -7.32 13.51 -14.30
N LYS D 152 -6.28 14.26 -13.94
CA LYS D 152 -5.65 15.19 -14.87
C LYS D 152 -4.14 14.99 -14.99
N ILE D 153 -3.65 15.08 -16.22
CA ILE D 153 -2.24 15.01 -16.54
C ILE D 153 -1.66 16.40 -16.46
N GLY D 154 -0.66 16.54 -15.62
CA GLY D 154 0.03 17.79 -15.38
C GLY D 154 1.40 17.49 -14.84
N GLU D 155 2.07 18.53 -14.31
CA GLU D 155 3.44 18.43 -13.82
C GLU D 155 3.57 17.46 -12.63
N HIS D 156 2.66 17.55 -11.65
CA HIS D 156 2.71 16.67 -10.47
C HIS D 156 1.51 15.70 -10.39
N THR D 157 0.73 15.63 -11.47
CA THR D 157 -0.56 14.94 -11.47
C THR D 157 -0.68 13.95 -12.64
N PRO D 158 -1.45 12.85 -12.48
CA PRO D 158 -2.16 12.43 -11.25
C PRO D 158 -1.20 12.00 -10.15
N SER D 159 -1.42 12.50 -8.93
CA SER D 159 -0.55 12.17 -7.77
C SER D 159 -0.86 10.75 -7.27
N ALA D 160 0.07 10.15 -6.49
CA ALA D 160 -0.15 8.87 -5.80
C ALA D 160 -1.49 8.90 -5.00
N LEU D 161 -1.76 9.98 -4.28
CA LEU D 161 -3.04 10.12 -3.58
C LEU D 161 -4.27 10.05 -4.51
N ALA D 162 -4.28 10.84 -5.59
CA ALA D 162 -5.44 10.91 -6.49
C ALA D 162 -5.75 9.56 -7.14
N ILE D 163 -4.71 8.84 -7.57
CA ILE D 163 -4.84 7.50 -8.14
C ILE D 163 -5.43 6.48 -7.15
N MET D 164 -4.81 6.35 -5.96
CA MET D 164 -5.18 5.45 -4.89
C MET D 164 -6.64 5.74 -4.49
N GLU D 165 -6.96 7.01 -4.22
CA GLU D 165 -8.26 7.41 -3.70
C GLU D 165 -9.37 7.21 -4.72
N ASN D 166 -9.13 7.58 -6.00
CA ASN D 166 -10.14 7.38 -7.04
C ASN D 166 -10.37 5.90 -7.36
N ALA D 167 -9.28 5.10 -7.36
CA ALA D 167 -9.42 3.64 -7.57
C ALA D 167 -10.23 3.00 -6.42
N ASN D 168 -10.01 3.45 -5.18
CA ASN D 168 -10.69 2.92 -4.01
C ASN D 168 -12.19 3.21 -4.03
N VAL D 169 -12.55 4.47 -4.37
CA VAL D 169 -13.93 4.91 -4.38
C VAL D 169 -14.72 4.22 -5.51
N LEU D 170 -14.06 3.98 -6.68
CA LEU D 170 -14.62 3.20 -7.78
C LEU D 170 -14.93 1.79 -7.32
N ALA D 171 -14.01 1.16 -6.57
CA ALA D 171 -14.21 -0.20 -6.03
C ALA D 171 -15.37 -0.26 -5.02
N ARG D 172 -15.47 0.74 -4.11
CA ARG D 172 -16.59 0.87 -3.15
C ARG D 172 -17.93 0.96 -3.88
N TYR D 173 -18.00 1.81 -4.91
CA TYR D 173 -19.22 2.02 -5.71
C TYR D 173 -19.62 0.73 -6.45
N ALA D 174 -18.63 0.07 -7.07
CA ALA D 174 -18.82 -1.17 -7.81
C ALA D 174 -19.34 -2.28 -6.90
N SER D 175 -18.82 -2.34 -5.66
CA SER D 175 -19.20 -3.35 -4.67
C SER D 175 -20.69 -3.19 -4.30
N ILE D 176 -21.11 -1.95 -4.10
CA ILE D 176 -22.48 -1.66 -3.68
C ILE D 176 -23.46 -1.95 -4.80
N CYS D 177 -23.12 -1.59 -6.05
CA CYS D 177 -23.91 -1.88 -7.25
C CYS D 177 -24.15 -3.37 -7.35
N GLN D 178 -23.06 -4.16 -7.26
CA GLN D 178 -23.14 -5.59 -7.46
C GLN D 178 -23.98 -6.31 -6.40
N GLN D 179 -24.08 -5.75 -5.20
CA GLN D 179 -24.99 -6.25 -4.15
C GLN D 179 -26.47 -6.02 -4.49
N ASN D 180 -26.76 -5.14 -5.48
CA ASN D 180 -28.13 -4.75 -5.80
C ASN D 180 -28.58 -5.11 -7.21
N GLY D 181 -27.84 -6.01 -7.87
CA GLY D 181 -28.16 -6.47 -9.20
C GLY D 181 -27.96 -5.45 -10.29
N ILE D 182 -27.10 -4.43 -10.03
CA ILE D 182 -26.80 -3.32 -10.97
C ILE D 182 -25.36 -3.53 -11.48
N VAL D 183 -25.18 -3.55 -12.81
CA VAL D 183 -23.83 -3.60 -13.42
C VAL D 183 -23.13 -2.25 -13.23
N PRO D 184 -22.00 -2.20 -12.48
CA PRO D 184 -21.25 -0.93 -12.39
C PRO D 184 -20.38 -0.71 -13.60
N ILE D 185 -20.54 0.45 -14.23
CA ILE D 185 -19.55 0.92 -15.17
C ILE D 185 -18.50 1.70 -14.36
N VAL D 186 -17.26 1.26 -14.49
CA VAL D 186 -16.12 1.84 -13.80
C VAL D 186 -15.52 2.87 -14.76
N GLU D 187 -15.60 4.16 -14.40
CA GLU D 187 -15.15 5.27 -15.24
C GLU D 187 -14.00 6.06 -14.61
N PRO D 188 -12.76 5.66 -14.88
CA PRO D 188 -11.61 6.50 -14.47
C PRO D 188 -11.24 7.44 -15.64
N GLU D 189 -11.84 8.61 -15.69
CA GLU D 189 -11.63 9.51 -16.82
C GLU D 189 -10.34 10.29 -16.64
N ILE D 190 -9.40 10.10 -17.55
CA ILE D 190 -8.18 10.87 -17.60
C ILE D 190 -8.41 11.97 -18.62
N LEU D 191 -8.44 13.23 -18.16
CA LEU D 191 -8.73 14.38 -19.01
C LEU D 191 -7.70 14.56 -20.13
N PRO D 192 -8.14 14.93 -21.35
CA PRO D 192 -7.17 15.22 -22.42
C PRO D 192 -6.55 16.62 -22.34
N ASP D 193 -6.88 17.38 -21.28
CA ASP D 193 -6.38 18.76 -21.07
C ASP D 193 -4.87 18.79 -20.88
N GLY D 194 -4.21 19.72 -21.58
CA GLY D 194 -2.77 19.94 -21.47
C GLY D 194 -1.99 19.65 -22.73
N ASP D 195 -0.67 19.86 -22.66
CA ASP D 195 0.20 19.77 -23.83
C ASP D 195 1.04 18.48 -23.87
N HIS D 196 0.66 17.48 -23.04
CA HIS D 196 1.35 16.18 -23.00
C HIS D 196 1.16 15.42 -24.32
N ASP D 197 2.11 14.56 -24.67
CA ASP D 197 2.05 13.81 -25.91
C ASP D 197 1.33 12.46 -25.74
N LEU D 198 1.24 11.65 -26.82
CA LEU D 198 0.57 10.35 -26.81
C LEU D 198 1.19 9.37 -25.80
N LYS D 199 2.52 9.34 -25.72
CA LYS D 199 3.28 8.42 -24.87
C LYS D 199 2.99 8.65 -23.41
N ARG D 200 2.89 9.93 -22.99
CA ARG D 200 2.58 10.36 -21.63
C ARG D 200 1.16 9.91 -21.25
N CYS D 201 0.18 10.15 -22.14
CA CYS D 201 -1.18 9.67 -21.89
C CYS D 201 -1.19 8.15 -21.77
N GLN D 202 -0.43 7.44 -22.64
CA GLN D 202 -0.37 5.98 -22.55
C GLN D 202 0.18 5.48 -21.21
N TYR D 203 1.25 6.12 -20.73
CA TYR D 203 1.91 5.82 -19.45
C TYR D 203 0.95 6.01 -18.28
N VAL D 204 0.28 7.18 -18.22
CA VAL D 204 -0.68 7.53 -17.17
C VAL D 204 -1.85 6.55 -17.18
N THR D 205 -2.40 6.25 -18.38
CA THR D 205 -3.50 5.27 -18.53
C THR D 205 -3.12 3.91 -17.96
N GLU D 206 -1.91 3.43 -18.31
CA GLU D 206 -1.41 2.16 -17.79
C GLU D 206 -1.36 2.16 -16.27
N LYS D 207 -0.81 3.24 -15.66
CA LYS D 207 -0.70 3.33 -14.19
C LYS D 207 -2.04 3.42 -13.51
N VAL D 208 -2.96 4.20 -14.08
CA VAL D 208 -4.29 4.39 -13.51
C VAL D 208 -5.06 3.08 -13.59
N LEU D 209 -5.04 2.41 -14.75
CA LEU D 209 -5.80 1.17 -14.90
C LEU D 209 -5.25 0.01 -14.05
N ALA D 210 -3.91 -0.05 -13.87
CA ALA D 210 -3.35 -1.05 -12.93
C ALA D 210 -3.83 -0.82 -11.46
N ALA D 211 -3.92 0.45 -11.03
CA ALA D 211 -4.45 0.80 -9.70
C ALA D 211 -5.94 0.48 -9.59
N VAL D 212 -6.72 0.75 -10.64
CA VAL D 212 -8.15 0.44 -10.71
C VAL D 212 -8.39 -1.06 -10.50
N TYR D 213 -7.71 -1.92 -11.28
CA TYR D 213 -7.94 -3.35 -11.18
C TYR D 213 -7.43 -3.97 -9.89
N LYS D 214 -6.30 -3.46 -9.35
CA LYS D 214 -5.87 -3.84 -8.01
C LYS D 214 -6.93 -3.50 -6.92
N ALA D 215 -7.49 -2.28 -6.97
CA ALA D 215 -8.56 -1.90 -6.05
C ALA D 215 -9.80 -2.79 -6.21
N LEU D 216 -10.22 -3.08 -7.45
CA LEU D 216 -11.35 -3.97 -7.72
C LEU D 216 -11.11 -5.39 -7.15
N SER D 217 -9.86 -5.88 -7.23
CA SER D 217 -9.51 -7.16 -6.63
C SER D 217 -9.60 -7.09 -5.09
N ASP D 218 -9.02 -6.01 -4.47
CA ASP D 218 -9.01 -5.84 -3.02
C ASP D 218 -10.42 -5.84 -2.43
N HIS D 219 -11.38 -5.22 -3.14
CA HIS D 219 -12.78 -5.10 -2.75
C HIS D 219 -13.68 -6.23 -3.26
N HIS D 220 -13.07 -7.31 -3.84
CA HIS D 220 -13.78 -8.55 -4.24
C HIS D 220 -14.82 -8.32 -5.35
N ILE D 221 -14.48 -7.43 -6.30
CA ILE D 221 -15.37 -7.11 -7.42
C ILE D 221 -15.38 -8.25 -8.45
N TYR D 222 -16.58 -8.58 -8.91
CA TYR D 222 -16.80 -9.59 -9.94
C TYR D 222 -16.71 -8.91 -11.31
N LEU D 223 -15.55 -9.08 -11.99
CA LEU D 223 -15.18 -8.35 -13.21
C LEU D 223 -16.08 -8.60 -14.41
N GLU D 224 -16.55 -9.86 -14.56
CA GLU D 224 -17.52 -10.29 -15.58
C GLU D 224 -18.85 -9.50 -15.52
N GLY D 225 -19.20 -9.02 -14.30
CA GLY D 225 -20.37 -8.17 -14.09
C GLY D 225 -20.04 -6.69 -14.03
N THR D 226 -18.96 -6.26 -14.74
CA THR D 226 -18.55 -4.85 -14.83
C THR D 226 -18.24 -4.46 -16.27
N LEU D 227 -18.25 -3.15 -16.51
CA LEU D 227 -17.74 -2.55 -17.72
C LEU D 227 -16.72 -1.48 -17.34
N LEU D 228 -15.86 -1.13 -18.30
CA LEU D 228 -14.86 -0.08 -18.09
C LEU D 228 -15.14 1.05 -19.05
N LYS D 229 -15.10 2.31 -18.55
CA LYS D 229 -15.34 3.52 -19.34
C LYS D 229 -14.11 4.45 -19.29
N PRO D 230 -13.07 4.23 -20.13
CA PRO D 230 -11.93 5.12 -20.11
C PRO D 230 -11.95 6.11 -21.29
N ASN D 231 -11.09 7.13 -21.24
CA ASN D 231 -10.78 7.84 -22.46
C ASN D 231 -9.90 6.94 -23.34
N MET D 232 -9.97 7.14 -24.64
CA MET D 232 -8.95 6.62 -25.55
C MET D 232 -7.60 7.24 -25.17
N VAL D 233 -6.52 6.55 -25.52
CA VAL D 233 -5.21 7.14 -25.36
C VAL D 233 -4.95 8.11 -26.53
N THR D 234 -4.84 9.42 -26.22
CA THR D 234 -4.66 10.48 -27.22
C THR D 234 -3.59 11.46 -26.74
N PRO D 235 -2.99 12.30 -27.61
CA PRO D 235 -2.22 13.44 -27.09
C PRO D 235 -3.14 14.40 -26.33
N GLY D 236 -2.56 15.27 -25.52
CA GLY D 236 -3.31 16.37 -24.92
C GLY D 236 -3.85 17.33 -25.96
N HIS D 237 -4.91 18.09 -25.60
CA HIS D 237 -5.53 19.05 -26.54
C HIS D 237 -4.57 20.13 -27.02
N ALA D 238 -3.60 20.54 -26.20
CA ALA D 238 -2.63 21.57 -26.55
C ALA D 238 -1.29 21.00 -27.11
N CYS D 239 -1.17 19.66 -27.29
CA CYS D 239 -0.01 19.04 -27.96
C CYS D 239 0.01 19.44 -29.46
N THR D 240 1.20 19.80 -29.96
CA THR D 240 1.40 20.23 -31.35
C THR D 240 1.81 19.08 -32.29
N GLN D 241 2.15 17.91 -31.72
CA GLN D 241 2.45 16.72 -32.52
C GLN D 241 1.15 16.14 -33.06
N LYS D 242 1.15 15.82 -34.35
CA LYS D 242 0.03 15.17 -35.00
C LYS D 242 0.21 13.65 -35.01
N TYR D 243 -0.90 12.94 -34.87
CA TYR D 243 -0.92 11.48 -34.78
C TYR D 243 -1.99 10.93 -35.69
N SER D 244 -1.73 9.80 -36.36
CA SER D 244 -2.75 9.10 -37.14
C SER D 244 -3.73 8.38 -36.20
N HIS D 245 -4.89 8.00 -36.73
CA HIS D 245 -5.89 7.25 -35.99
C HIS D 245 -5.35 5.88 -35.59
N GLU D 246 -4.50 5.29 -36.46
CA GLU D 246 -3.86 3.99 -36.22
C GLU D 246 -2.88 4.04 -35.05
N GLU D 247 -2.26 5.22 -34.81
CA GLU D 247 -1.35 5.42 -33.68
C GLU D 247 -2.10 5.53 -32.36
N ILE D 248 -3.23 6.27 -32.37
CA ILE D 248 -4.16 6.37 -31.26
C ILE D 248 -4.72 4.97 -30.94
N ALA D 249 -5.13 4.22 -31.97
CA ALA D 249 -5.65 2.86 -31.80
C ALA D 249 -4.58 1.96 -31.14
N MET D 250 -3.34 1.99 -31.63
CA MET D 250 -2.24 1.16 -31.12
C MET D 250 -1.88 1.54 -29.67
N ALA D 251 -1.81 2.84 -29.35
CA ALA D 251 -1.54 3.29 -27.98
C ALA D 251 -2.69 2.87 -27.04
N THR D 252 -3.94 2.97 -27.50
CA THR D 252 -5.12 2.62 -26.72
C THR D 252 -5.17 1.13 -26.42
N VAL D 253 -5.06 0.31 -27.46
CA VAL D 253 -5.20 -1.14 -27.35
C VAL D 253 -4.05 -1.71 -26.54
N THR D 254 -2.83 -1.20 -26.75
CA THR D 254 -1.65 -1.59 -25.99
C THR D 254 -1.86 -1.31 -24.51
N ALA D 255 -2.31 -0.10 -24.14
CA ALA D 255 -2.53 0.27 -22.75
C ALA D 255 -3.57 -0.69 -22.09
N LEU D 256 -4.67 -1.00 -22.80
CA LEU D 256 -5.72 -1.90 -22.28
C LEU D 256 -5.20 -3.34 -22.13
N ARG D 257 -4.43 -3.82 -23.12
CA ARG D 257 -3.88 -5.17 -23.10
C ARG D 257 -2.95 -5.42 -21.89
N ARG D 258 -2.30 -4.36 -21.41
CA ARG D 258 -1.29 -4.40 -20.35
C ARG D 258 -1.89 -4.33 -18.95
N THR D 259 -3.21 -4.06 -18.83
CA THR D 259 -3.81 -3.72 -17.52
C THR D 259 -5.20 -4.30 -17.31
N VAL D 260 -5.98 -4.54 -18.39
CA VAL D 260 -7.39 -4.87 -18.20
C VAL D 260 -7.57 -6.40 -18.27
N PRO D 261 -7.91 -7.10 -17.17
CA PRO D 261 -8.05 -8.57 -17.25
C PRO D 261 -9.11 -9.00 -18.28
N PRO D 262 -8.87 -10.09 -19.03
CA PRO D 262 -9.89 -10.57 -19.99
C PRO D 262 -11.31 -10.85 -19.48
N ALA D 263 -11.47 -11.18 -18.16
CA ALA D 263 -12.77 -11.31 -17.50
C ALA D 263 -13.66 -10.06 -17.62
N VAL D 264 -13.07 -8.85 -17.74
CA VAL D 264 -13.86 -7.63 -17.94
C VAL D 264 -14.67 -7.77 -19.24
N THR D 265 -16.01 -7.65 -19.12
CA THR D 265 -16.95 -7.89 -20.22
C THR D 265 -16.78 -6.95 -21.44
N GLY D 266 -16.50 -5.68 -21.18
CA GLY D 266 -16.38 -4.71 -22.27
C GLY D 266 -15.85 -3.37 -21.82
N VAL D 267 -15.30 -2.63 -22.78
CA VAL D 267 -14.74 -1.30 -22.63
C VAL D 267 -15.64 -0.39 -23.46
N THR D 268 -16.25 0.62 -22.82
CA THR D 268 -17.16 1.56 -23.50
C THR D 268 -16.48 2.93 -23.46
N PHE D 269 -15.87 3.34 -24.57
CA PHE D 269 -15.04 4.55 -24.60
C PHE D 269 -15.82 5.85 -24.46
N LEU D 270 -15.27 6.76 -23.66
CA LEU D 270 -15.55 8.20 -23.75
C LEU D 270 -14.97 8.78 -25.04
N SER D 271 -15.49 9.92 -25.47
CA SER D 271 -14.94 10.54 -26.69
C SER D 271 -14.15 11.82 -26.39
N GLY D 272 -13.92 12.12 -25.11
CA GLY D 272 -13.20 13.31 -24.65
C GLY D 272 -13.59 14.57 -25.39
N GLY D 273 -12.62 15.16 -26.08
CA GLY D 273 -12.89 16.36 -26.86
C GLY D 273 -13.03 16.12 -28.36
N GLN D 274 -13.32 14.87 -28.77
CA GLN D 274 -13.35 14.52 -30.18
C GLN D 274 -14.66 14.95 -30.83
N SER D 275 -14.61 15.29 -32.14
CA SER D 275 -15.83 15.54 -32.93
C SER D 275 -16.57 14.22 -33.11
N GLU D 276 -17.84 14.27 -33.56
CA GLU D 276 -18.65 13.07 -33.84
C GLU D 276 -17.90 12.08 -34.75
N GLU D 277 -17.39 12.58 -35.88
CA GLU D 277 -16.66 11.85 -36.90
C GLU D 277 -15.35 11.23 -36.39
N GLU D 278 -14.51 12.04 -35.74
CA GLU D 278 -13.24 11.63 -35.12
C GLU D 278 -13.46 10.50 -34.09
N ALA D 279 -14.48 10.63 -33.24
CA ALA D 279 -14.87 9.60 -32.25
C ALA D 279 -15.16 8.26 -32.93
N SER D 280 -15.88 8.28 -34.08
CA SER D 280 -16.23 7.08 -34.84
C SER D 280 -15.00 6.49 -35.56
N ILE D 281 -14.21 7.36 -36.20
CA ILE D 281 -12.99 6.92 -36.89
C ILE D 281 -11.98 6.28 -35.91
N ASN D 282 -11.77 6.90 -34.74
CA ASN D 282 -10.89 6.35 -33.71
C ASN D 282 -11.41 5.02 -33.17
N LEU D 283 -12.71 4.92 -32.89
CA LEU D 283 -13.32 3.67 -32.42
C LEU D 283 -13.11 2.55 -33.46
N ASN D 284 -13.32 2.87 -34.74
CA ASN D 284 -13.11 1.94 -35.85
C ASN D 284 -11.65 1.45 -35.91
N ALA D 285 -10.68 2.38 -35.78
CA ALA D 285 -9.25 2.04 -35.83
C ALA D 285 -8.87 1.12 -34.64
N ILE D 286 -9.46 1.38 -33.46
CA ILE D 286 -9.30 0.54 -32.27
C ILE D 286 -9.73 -0.89 -32.57
N ASN D 287 -10.90 -1.06 -33.20
CA ASN D 287 -11.45 -2.35 -33.53
C ASN D 287 -10.72 -3.03 -34.69
N LYS D 288 -9.96 -2.27 -35.48
CA LYS D 288 -9.14 -2.82 -36.56
C LYS D 288 -7.69 -3.09 -36.11
N CYS D 289 -7.30 -2.64 -34.91
CA CYS D 289 -5.94 -2.84 -34.41
C CYS D 289 -5.53 -4.32 -34.51
N PRO D 290 -4.36 -4.64 -35.13
CA PRO D 290 -3.95 -6.04 -35.29
C PRO D 290 -3.28 -6.62 -34.02
N LEU D 291 -4.01 -6.59 -32.92
CA LEU D 291 -3.60 -7.18 -31.65
C LEU D 291 -4.82 -7.86 -31.09
N LEU D 292 -4.63 -8.92 -30.30
CA LEU D 292 -5.72 -9.66 -29.68
C LEU D 292 -6.39 -8.75 -28.66
N LYS D 293 -7.72 -8.59 -28.79
CA LYS D 293 -8.56 -7.76 -27.94
C LYS D 293 -9.62 -8.65 -27.27
N PRO D 294 -9.41 -9.12 -26.03
CA PRO D 294 -10.35 -10.11 -25.44
C PRO D 294 -11.64 -9.56 -24.81
N TRP D 295 -11.94 -8.26 -25.03
CA TRP D 295 -13.18 -7.64 -24.54
C TRP D 295 -13.83 -6.88 -25.69
N ALA D 296 -15.15 -6.63 -25.62
CA ALA D 296 -15.84 -5.69 -26.53
C ALA D 296 -15.23 -4.30 -26.37
N LEU D 297 -14.96 -3.63 -27.48
CA LEU D 297 -14.43 -2.27 -27.53
C LEU D 297 -15.47 -1.42 -28.23
N THR D 298 -16.23 -0.68 -27.44
CA THR D 298 -17.38 0.06 -27.96
C THR D 298 -17.42 1.50 -27.46
N PHE D 299 -18.58 2.16 -27.64
CA PHE D 299 -18.81 3.56 -27.33
C PHE D 299 -19.75 3.71 -26.13
N SER D 300 -19.45 4.73 -25.28
CA SER D 300 -20.43 5.36 -24.40
C SER D 300 -20.31 6.84 -24.66
N TYR D 301 -21.10 7.30 -25.64
CA TYR D 301 -20.98 8.62 -26.23
C TYR D 301 -22.19 9.49 -25.88
N GLY D 302 -21.89 10.72 -25.49
CA GLY D 302 -22.89 11.75 -25.25
C GLY D 302 -22.94 12.69 -26.42
N ARG D 303 -22.11 13.75 -26.37
CA ARG D 303 -21.93 14.73 -27.44
C ARG D 303 -21.63 14.07 -28.80
N ALA D 304 -20.81 12.99 -28.82
CA ALA D 304 -20.47 12.31 -30.07
C ALA D 304 -21.64 11.59 -30.74
N LEU D 305 -22.73 11.34 -29.99
CA LEU D 305 -23.98 10.84 -30.59
C LEU D 305 -25.02 11.95 -30.82
N GLN D 306 -24.89 13.07 -30.10
CA GLN D 306 -25.96 14.06 -29.91
C GLN D 306 -25.75 15.42 -30.60
N ALA D 307 -24.48 15.85 -30.85
CA ALA D 307 -24.15 17.22 -31.28
C ALA D 307 -24.90 17.73 -32.52
N SER D 308 -24.89 16.96 -33.62
CA SER D 308 -25.64 17.31 -34.84
C SER D 308 -27.15 17.25 -34.64
N ALA D 309 -27.64 16.30 -33.81
CA ALA D 309 -29.07 16.16 -33.47
C ALA D 309 -29.58 17.37 -32.67
N LEU D 310 -28.82 17.81 -31.64
CA LEU D 310 -29.12 19.01 -30.86
C LEU D 310 -29.21 20.26 -31.77
N LYS D 311 -28.21 20.45 -32.66
CA LYS D 311 -28.17 21.57 -33.59
C LYS D 311 -29.33 21.55 -34.58
N ALA D 312 -29.62 20.37 -35.17
CA ALA D 312 -30.67 20.24 -36.19
C ALA D 312 -32.06 20.44 -35.59
N TRP D 313 -32.26 20.04 -34.32
CA TRP D 313 -33.48 20.31 -33.55
C TRP D 313 -33.70 21.82 -33.40
N GLY D 314 -32.75 22.50 -32.74
CA GLY D 314 -32.78 23.94 -32.50
C GLY D 314 -33.95 24.42 -31.66
N GLY D 315 -34.52 23.52 -30.84
CA GLY D 315 -35.72 23.80 -30.05
C GLY D 315 -37.01 23.84 -30.84
N LYS D 316 -36.99 23.42 -32.12
CA LYS D 316 -38.16 23.47 -33.00
C LYS D 316 -38.78 22.09 -33.17
N LYS D 317 -40.04 21.92 -32.71
CA LYS D 317 -40.80 20.67 -32.84
C LYS D 317 -40.89 20.22 -34.31
N GLU D 318 -40.98 21.20 -35.24
CA GLU D 318 -40.94 20.98 -36.70
C GLU D 318 -39.69 20.21 -37.16
N ASN D 319 -38.57 20.29 -36.40
CA ASN D 319 -37.29 19.70 -36.78
C ASN D 319 -37.06 18.35 -36.16
N LEU D 320 -38.11 17.76 -35.56
CA LEU D 320 -38.03 16.49 -34.83
C LEU D 320 -37.38 15.39 -35.68
N LYS D 321 -37.93 15.16 -36.88
CA LYS D 321 -37.46 14.10 -37.78
C LYS D 321 -36.06 14.37 -38.31
N ALA D 322 -35.75 15.64 -38.68
CA ALA D 322 -34.42 16.02 -39.14
C ALA D 322 -33.37 15.81 -38.02
N ALA D 323 -33.73 16.16 -36.76
CA ALA D 323 -32.87 16.00 -35.58
C ALA D 323 -32.61 14.51 -35.26
N GLN D 324 -33.66 13.68 -35.31
CA GLN D 324 -33.55 12.24 -35.10
C GLN D 324 -32.65 11.57 -36.15
N GLU D 325 -32.75 12.02 -37.43
CA GLU D 325 -31.91 11.55 -38.54
C GLU D 325 -30.42 11.69 -38.24
N GLU D 326 -30.01 12.86 -37.69
CA GLU D 326 -28.64 13.16 -37.30
C GLU D 326 -28.16 12.20 -36.23
N TYR D 327 -29.02 11.91 -35.24
CA TYR D 327 -28.71 10.95 -34.18
C TYR D 327 -28.62 9.52 -34.75
N VAL D 328 -29.60 9.12 -35.58
CA VAL D 328 -29.59 7.81 -36.27
C VAL D 328 -28.27 7.60 -37.05
N LYS D 329 -27.84 8.62 -37.83
CA LYS D 329 -26.58 8.58 -38.58
C LYS D 329 -25.37 8.28 -37.69
N ARG D 330 -25.29 8.94 -36.51
CA ARG D 330 -24.20 8.68 -35.57
C ARG D 330 -24.30 7.32 -34.92
N ALA D 331 -25.53 6.86 -34.62
CA ALA D 331 -25.75 5.54 -34.02
C ALA D 331 -25.31 4.47 -35.01
N LEU D 332 -25.69 4.60 -36.32
CA LEU D 332 -25.26 3.69 -37.39
C LEU D 332 -23.74 3.67 -37.60
N ALA D 333 -23.10 4.85 -37.61
CA ALA D 333 -21.64 5.00 -37.77
C ALA D 333 -20.89 4.27 -36.63
N ASN D 334 -21.31 4.51 -35.40
CA ASN D 334 -20.68 3.96 -34.21
C ASN D 334 -20.90 2.48 -34.05
N SER D 335 -22.08 2.00 -34.45
CA SER D 335 -22.38 0.56 -34.51
C SER D 335 -21.43 -0.18 -35.48
N LEU D 336 -21.14 0.43 -36.65
CA LEU D 336 -20.17 -0.15 -37.59
C LEU D 336 -18.75 -0.06 -37.02
N ALA D 337 -18.41 1.09 -36.39
CA ALA D 337 -17.07 1.36 -35.83
C ALA D 337 -16.72 0.38 -34.71
N CYS D 338 -17.70 0.00 -33.85
CA CYS D 338 -17.41 -0.99 -32.80
C CYS D 338 -17.26 -2.43 -33.32
N GLN D 339 -17.42 -2.63 -34.62
CA GLN D 339 -17.18 -3.88 -35.35
C GLN D 339 -15.97 -3.77 -36.33
N GLY D 340 -15.29 -2.62 -36.35
CA GLY D 340 -14.21 -2.34 -37.30
C GLY D 340 -14.65 -2.28 -38.75
N LYS D 341 -15.91 -1.86 -38.99
CA LYS D 341 -16.52 -1.89 -40.33
C LYS D 341 -16.95 -0.50 -40.81
N TYR D 342 -16.46 0.57 -40.15
CA TYR D 342 -16.85 1.92 -40.48
C TYR D 342 -15.93 2.60 -41.49
N THR D 343 -16.52 3.09 -42.58
CA THR D 343 -15.87 3.92 -43.60
C THR D 343 -16.69 5.22 -43.71
N PRO D 344 -16.18 6.39 -43.28
CA PRO D 344 -16.92 7.64 -43.53
C PRO D 344 -16.98 8.01 -45.02
N SER D 359 8.73 -7.56 32.80
CA SER D 359 9.33 -6.82 31.69
C SER D 359 8.28 -6.30 30.69
N ASN D 360 8.58 -5.12 30.10
CA ASN D 360 7.87 -4.59 28.94
C ASN D 360 8.26 -5.33 27.63
N HIS D 361 9.27 -6.23 27.73
CA HIS D 361 9.77 -7.07 26.64
C HIS D 361 8.87 -8.29 26.42
N ALA D 362 8.00 -8.60 27.41
CA ALA D 362 6.94 -9.60 27.29
C ALA D 362 5.71 -9.05 26.54
N TYR D 363 5.77 -7.78 26.05
CA TYR D 363 4.72 -7.10 25.29
C TYR D 363 5.17 -6.77 23.87
N TRP E 14 15.66 -30.76 -0.82
CA TRP E 14 14.22 -30.85 -1.08
C TRP E 14 13.83 -30.22 -2.42
N ASP E 15 13.08 -31.01 -3.24
CA ASP E 15 12.49 -30.57 -4.51
C ASP E 15 11.00 -30.87 -4.47
N GLU E 16 10.17 -29.80 -4.51
CA GLU E 16 8.70 -29.89 -4.43
C GLU E 16 8.08 -30.65 -5.62
N ASP E 17 8.55 -30.34 -6.84
CA ASP E 17 8.14 -30.98 -8.08
C ASP E 17 8.34 -32.51 -7.99
N TRP E 18 9.52 -32.94 -7.50
CA TRP E 18 9.94 -34.34 -7.45
C TRP E 18 9.44 -35.11 -6.22
N ASP E 19 9.34 -34.42 -5.06
CA ASP E 19 8.81 -34.93 -3.78
C ASP E 19 7.47 -34.22 -3.50
N GLY E 20 6.39 -34.85 -3.95
CA GLY E 20 5.03 -34.30 -3.86
C GLY E 20 4.49 -34.17 -2.46
N ASP F 13 34.72 3.93 -5.78
CA ASP F 13 35.24 4.45 -4.52
C ASP F 13 34.47 5.67 -3.97
N TRP F 14 33.44 6.17 -4.72
CA TRP F 14 32.61 7.30 -4.30
C TRP F 14 32.07 7.11 -2.89
N ASP F 15 32.27 8.12 -2.05
CA ASP F 15 31.84 8.11 -0.66
C ASP F 15 31.05 9.39 -0.44
N GLU F 16 29.73 9.25 -0.20
CA GLU F 16 28.87 10.42 -0.08
C GLU F 16 29.25 11.31 1.10
N ASP F 17 29.49 10.69 2.27
CA ASP F 17 29.91 11.39 3.49
C ASP F 17 31.12 12.33 3.24
N TRP F 18 32.14 11.84 2.53
CA TRP F 18 33.37 12.57 2.22
C TRP F 18 33.34 13.38 0.91
N ASP F 19 32.74 12.84 -0.19
CA ASP F 19 32.78 13.46 -1.53
C ASP F 19 31.53 14.28 -1.94
N GLY F 20 30.43 14.11 -1.21
CA GLY F 20 29.14 14.67 -1.60
C GLY F 20 29.06 16.18 -1.49
N PRO F 21 27.97 16.79 -2.02
CA PRO F 21 27.86 18.27 -1.95
C PRO F 21 27.94 18.79 -0.52
N LYS F 22 28.59 19.93 -0.36
CA LYS F 22 28.83 20.50 0.95
C LYS F 22 28.00 21.77 1.21
N SER F 23 27.77 22.07 2.51
CA SER F 23 27.08 23.29 2.94
C SER F 23 27.96 24.53 2.74
N SER F 24 27.37 25.72 2.79
CA SER F 24 28.16 26.95 2.66
C SER F 24 29.16 27.09 3.84
N SER F 25 28.74 26.63 5.03
CA SER F 25 29.56 26.68 6.23
C SER F 25 30.79 25.75 6.14
N TYR F 26 30.68 24.61 5.44
CA TYR F 26 31.85 23.81 5.09
C TYR F 26 32.88 24.68 4.31
N PHE F 27 32.40 25.48 3.33
CA PHE F 27 33.26 26.34 2.54
C PHE F 27 33.87 27.47 3.35
N LYS F 28 33.06 28.13 4.22
CA LYS F 28 33.54 29.19 5.10
C LYS F 28 34.65 28.71 6.03
N ASP F 29 34.44 27.55 6.68
CA ASP F 29 35.38 26.99 7.65
C ASP F 29 36.71 26.53 7.06
N SER F 30 36.73 26.13 5.77
CA SER F 30 37.94 25.60 5.10
C SER F 30 38.60 26.64 4.17
N GLU F 31 38.08 27.87 4.16
CA GLU F 31 38.57 28.98 3.36
C GLU F 31 39.95 29.45 3.87
N ASP G 13 -31.08 1.49 16.52
CA ASP G 13 -31.05 2.09 17.85
C ASP G 13 -29.93 1.48 18.73
N TRP G 14 -29.22 0.46 18.19
CA TRP G 14 -28.05 -0.17 18.81
C TRP G 14 -26.99 0.87 19.12
N ASP G 15 -26.54 0.84 20.35
CA ASP G 15 -25.50 1.72 20.83
C ASP G 15 -24.44 0.83 21.44
N GLU G 16 -23.27 0.73 20.80
CA GLU G 16 -22.18 -0.09 21.30
C GLU G 16 -21.71 0.29 22.73
N ASP G 17 -21.55 1.58 23.01
CA ASP G 17 -21.19 2.10 24.33
C ASP G 17 -22.16 1.63 25.46
N TRP G 18 -23.46 1.72 25.21
CA TRP G 18 -24.42 1.30 26.21
C TRP G 18 -24.80 -0.19 26.14
N ASP G 19 -24.91 -0.77 24.93
CA ASP G 19 -25.51 -2.09 24.70
C ASP G 19 -24.50 -3.23 24.50
N GLY G 20 -23.25 -2.86 24.20
CA GLY G 20 -22.21 -3.82 23.82
C GLY G 20 -21.75 -4.73 24.95
N PRO G 21 -20.89 -5.74 24.64
CA PRO G 21 -20.37 -6.63 25.71
C PRO G 21 -19.67 -5.85 26.80
N LYS G 22 -19.92 -6.28 28.04
CA LYS G 22 -19.35 -5.66 29.22
C LYS G 22 -18.28 -6.51 29.87
N SER G 23 -17.40 -5.87 30.64
CA SER G 23 -16.35 -6.54 31.43
C SER G 23 -16.94 -7.25 32.67
N SER G 24 -16.18 -8.16 33.29
CA SER G 24 -16.66 -8.79 34.53
C SER G 24 -16.86 -7.75 35.65
N SER G 25 -16.02 -6.67 35.68
CA SER G 25 -16.17 -5.58 36.65
C SER G 25 -17.48 -4.84 36.52
N TYR G 26 -17.97 -4.64 35.29
CA TYR G 26 -19.31 -4.09 35.04
C TYR G 26 -20.37 -4.93 35.77
N PHE G 27 -20.31 -6.28 35.64
CA PHE G 27 -21.21 -7.20 36.32
C PHE G 27 -21.07 -7.16 37.83
N LYS G 28 -19.82 -7.22 38.35
CA LYS G 28 -19.52 -7.11 39.78
C LYS G 28 -20.12 -5.83 40.39
N ASP G 29 -19.93 -4.69 39.70
CA ASP G 29 -20.30 -3.39 40.22
C ASP G 29 -21.80 -3.16 40.26
N SER G 30 -22.55 -3.79 39.34
CA SER G 30 -24.00 -3.62 39.16
C SER G 30 -24.84 -4.83 39.70
N GLU G 31 -24.33 -5.51 40.74
CA GLU G 31 -24.89 -6.76 41.24
C GLU G 31 -25.61 -6.49 42.55
N TRP H 14 -20.88 23.07 -15.33
CA TRP H 14 -19.76 22.55 -16.13
C TRP H 14 -19.98 21.08 -16.59
N ASP H 15 -19.63 20.81 -17.88
CA ASP H 15 -19.69 19.47 -18.49
C ASP H 15 -18.46 19.23 -19.34
N GLU H 16 -17.67 18.19 -19.01
CA GLU H 16 -16.42 17.92 -19.73
C GLU H 16 -16.62 17.38 -21.16
N ASP H 17 -17.63 16.52 -21.37
CA ASP H 17 -17.95 15.94 -22.68
C ASP H 17 -18.44 17.01 -23.68
N TRP H 18 -19.29 17.93 -23.21
CA TRP H 18 -19.87 18.97 -24.06
C TRP H 18 -19.01 20.25 -24.14
N ASP H 19 -18.35 20.63 -23.01
CA ASP H 19 -17.47 21.81 -22.95
C ASP H 19 -16.01 21.39 -23.14
N GLY H 20 -15.68 21.06 -24.41
CA GLY H 20 -14.33 20.76 -24.90
C GLY H 20 -13.46 19.90 -24.02
#